data_7H2U
# 
_entry.id   7H2U 
# 
_audit_conform.dict_name       mmcif_pdbx.dic 
_audit_conform.dict_version    5.397 
_audit_conform.dict_location   http://mmcif.pdb.org/dictionaries/ascii/mmcif_pdbx.dic 
# 
loop_
_database_2.database_id 
_database_2.database_code 
_database_2.pdbx_database_accession 
_database_2.pdbx_DOI 
PDB   7H2U         pdb_00007h2u 10.2210/pdb7h2u/pdb 
WWPDB D_1001406953 ?            ?                   
# 
loop_
_pdbx_audit_revision_history.ordinal 
_pdbx_audit_revision_history.data_content_type 
_pdbx_audit_revision_history.major_revision 
_pdbx_audit_revision_history.minor_revision 
_pdbx_audit_revision_history.revision_date 
1 'Structure model' 1 0 2024-04-24 
2 'Structure model' 1 1 2024-10-16 
# 
_pdbx_audit_revision_details.ordinal             1 
_pdbx_audit_revision_details.revision_ordinal    1 
_pdbx_audit_revision_details.data_content_type   'Structure model' 
_pdbx_audit_revision_details.provider            repository 
_pdbx_audit_revision_details.type                'Initial release' 
_pdbx_audit_revision_details.description         ? 
_pdbx_audit_revision_details.details             ? 
# 
loop_
_pdbx_audit_revision_group.ordinal 
_pdbx_audit_revision_group.revision_ordinal 
_pdbx_audit_revision_group.data_content_type 
_pdbx_audit_revision_group.group 
1 2 'Structure model' 'Database references' 
2 2 'Structure model' 'Structure summary'   
# 
loop_
_pdbx_audit_revision_category.ordinal 
_pdbx_audit_revision_category.revision_ordinal 
_pdbx_audit_revision_category.data_content_type 
_pdbx_audit_revision_category.category 
1 2 'Structure model' citation           
2 2 'Structure model' citation_author    
3 2 'Structure model' pdbx_entry_details 
# 
loop_
_pdbx_audit_revision_item.ordinal 
_pdbx_audit_revision_item.revision_ordinal 
_pdbx_audit_revision_item.data_content_type 
_pdbx_audit_revision_item.item 
1 2 'Structure model' '_citation.country'                 
2 2 'Structure model' '_citation.journal_abbrev'          
3 2 'Structure model' '_citation.journal_id_CSD'          
4 2 'Structure model' '_citation.journal_id_ISSN'         
5 2 'Structure model' '_citation.pdbx_database_id_DOI'    
6 2 'Structure model' '_citation.pdbx_database_id_PubMed' 
7 2 'Structure model' '_citation.title'                   
8 2 'Structure model' '_citation.year'                    
# 
_pdbx_database_status.entry_id                        7H2U 
_pdbx_database_status.status_code                     REL 
_pdbx_database_status.status_code_sf                  REL 
_pdbx_database_status.status_code_mr                  ? 
_pdbx_database_status.status_code_cs                  ? 
_pdbx_database_status.recvd_initial_deposition_date   2024-04-04 
_pdbx_database_status.status_code_nmr_data            ? 
_pdbx_database_status.deposit_site                    RCSB 
_pdbx_database_status.process_site                    RCSB 
_pdbx_database_status.SG_entry                        ? 
_pdbx_database_status.pdb_format_compatible           N 
_pdbx_database_status.methods_development_category    ? 
# 
_pdbx_contact_author.id                 1 
_pdbx_contact_author.email              frank.von-delft@diamond.ac.uk 
_pdbx_contact_author.name_first         Frank 
_pdbx_contact_author.name_last          'von Delft' 
_pdbx_contact_author.role               'principal investigator/group leader' 
_pdbx_contact_author.identifier_ORCID   0000-0003-0378-0017 
_pdbx_contact_author.name_mi            ? 
# 
loop_
_audit_author.name 
_audit_author.pdbx_ordinal 
'Lithgo, R.M.'        1  
'Fairhead, M.'        2  
'Koekemoer, L.'       3  
'Balcomb, B.H.'       4  
'Capkin, E.'          5  
'Chandran, A.V.'      6  
'Golding, M.'         7  
'Godoy, A.S.'         8  
'Aschenbrenner, J.C.' 9  
'Marples, P.G.'       10 
'Ni, X.'              11 
'Thompson, W.'        12 
'Tomlinson, C.W.E.'   13 
'Wild, C.'            14 
'Winokan, M.'         15 
'Xavier, M.-A.E.'     16 
'Fearon, D.'          17 
'von Delft, F.'       18 
# 
_citation.id                        primary 
_citation.title                     
;Crystallographic Fragment Screen of Coxsackievirus A16 2A Protease identifies new opportunities for the development of broad-spectrum anti-enterovirals.
;
_citation.journal_abbrev            Biorxiv 
_citation.journal_volume            ? 
_citation.page_first                ? 
_citation.page_last                 ? 
_citation.year                      2024 
_citation.journal_id_ASTM           ? 
_citation.country                   US 
_citation.journal_id_ISSN           2692-8205 
_citation.journal_id_CSD            ? 
_citation.book_publisher            ? 
_citation.pdbx_database_id_PubMed   38746446 
_citation.pdbx_database_id_DOI      10.1101/2024.04.29.591684 
# 
loop_
_citation_author.citation_id 
_citation_author.name 
_citation_author.identifier_ORCID 
_citation_author.ordinal 
primary 'Lithgo, R.M.'        0000-0002-4706-9916 1  
primary 'Tomlinson, C.W.E.'   0000-0002-1845-6028 2  
primary 'Fairhead, M.'        0000-0001-5361-3933 3  
primary 'Winokan, M.'         ?                   4  
primary 'Thompson, W.'        0000-0003-1474-7810 5  
primary 'Wild, C.'            0000-0003-0654-8141 6  
primary 'Aschenbrenner, J.C.' 0000-0002-4318-0481 7  
primary 'Balcomb, B.H.'       0000-0001-7599-8467 8  
primary 'Marples, P.G.'       0000-0002-8787-7969 9  
primary 'Chandran, A.V.'      0000-0001-9942-2614 10 
primary 'Golding, M.'         0009-0004-7472-8333 11 
primary 'Koekemoer, L.'       0000-0001-9226-9127 12 
primary 'Williams, E.P.'      0000-0002-1331-9518 13 
primary 'Wang, S.'            ?                   14 
primary 'Ni, X.'              0000-0002-7769-8297 15 
primary 'MacLean, E.'         0000-0003-1680-4292 16 
primary 'Giroud, C.'          0000-0002-1629-1581 17 
primary 'Godoy, A.S.'         0000-0002-0613-9164 18 
primary 'Xavier, M.A.'        0000-0002-1709-9479 19 
primary 'Walsh, M.'           0000-0001-5683-1151 20 
primary 'Fearon, D.'          0000-0003-3529-7863 21 
primary 'von Delft, F.'       0000-0003-0378-0017 22 
# 
loop_
_entity.id 
_entity.type 
_entity.src_method 
_entity.pdbx_description 
_entity.formula_weight 
_entity.pdbx_number_of_molecules 
_entity.pdbx_ec 
_entity.pdbx_mutation 
_entity.pdbx_fragment 
_entity.details 
1 polymer     man 'Protease 2A'                                       16493.311 1   3.4.22.29 ? ? ? 
2 non-polymer man '(2R)-2-ethyl-N,N-dimethylmorpholine-4-sulfonamide' 222.305   1   ?         ? ? ? 
3 non-polymer syn 'ZINC ION'                                          65.409    1   ?         ? ? ? 
4 non-polymer syn 'DIMETHYL SULFOXIDE'                                78.133    5   ?         ? ? ? 
5 non-polymer syn 'SULFATE ION'                                       96.063    1   ?         ? ? ? 
6 water       nat water                                               18.015    236 ?         ? ? ? 
# 
_entity_name_com.entity_id   1 
_entity_name_com.name        'P2A,Picornain 2A,Protein 2A' 
# 
_entity_poly.entity_id                      1 
_entity_poly.type                           'polypeptide(L)' 
_entity_poly.nstd_linkage                   no 
_entity_poly.nstd_monomer                   no 
_entity_poly.pdbx_seq_one_letter_code       
;QEQTGGSGAIYVGNYRVVNRHLATHNDWANLVWEDSSRDLLVSSTTAQGCDTIARCDCQTGVYYCSSRRKHYPVSFSKPS
LIFVEASEYYPARYQSHLMLAVGHSEPGDCGGILRCQHGVVGIVSTGGNGLVGFADVRDLLWLDEEAMEQ
;
_entity_poly.pdbx_seq_one_letter_code_can   
;QEQTGGSGAIYVGNYRVVNRHLATHNDWANLVWEDSSRDLLVSSTTAQGCDTIARCDCQTGVYYCSSRRKHYPVSFSKPS
LIFVEASEYYPARYQSHLMLAVGHSEPGDCGGILRCQHGVVGIVSTGGNGLVGFADVRDLLWLDEEAMEQ
;
_entity_poly.pdbx_strand_id                 A 
_entity_poly.pdbx_target_identifier         ? 
# 
loop_
_pdbx_entity_nonpoly.entity_id 
_pdbx_entity_nonpoly.name 
_pdbx_entity_nonpoly.comp_id 
2 '(2R)-2-ethyl-N,N-dimethylmorpholine-4-sulfonamide' A1AMX 
3 'ZINC ION'                                          ZN    
4 'DIMETHYL SULFOXIDE'                                DMS   
5 'SULFATE ION'                                       SO4   
6 water                                               HOH   
# 
loop_
_entity_poly_seq.entity_id 
_entity_poly_seq.num 
_entity_poly_seq.mon_id 
_entity_poly_seq.hetero 
1 1   GLN n 
1 2   GLU n 
1 3   GLN n 
1 4   THR n 
1 5   GLY n 
1 6   GLY n 
1 7   SER n 
1 8   GLY n 
1 9   ALA n 
1 10  ILE n 
1 11  TYR n 
1 12  VAL n 
1 13  GLY n 
1 14  ASN n 
1 15  TYR n 
1 16  ARG n 
1 17  VAL n 
1 18  VAL n 
1 19  ASN n 
1 20  ARG n 
1 21  HIS n 
1 22  LEU n 
1 23  ALA n 
1 24  THR n 
1 25  HIS n 
1 26  ASN n 
1 27  ASP n 
1 28  TRP n 
1 29  ALA n 
1 30  ASN n 
1 31  LEU n 
1 32  VAL n 
1 33  TRP n 
1 34  GLU n 
1 35  ASP n 
1 36  SER n 
1 37  SER n 
1 38  ARG n 
1 39  ASP n 
1 40  LEU n 
1 41  LEU n 
1 42  VAL n 
1 43  SER n 
1 44  SER n 
1 45  THR n 
1 46  THR n 
1 47  ALA n 
1 48  GLN n 
1 49  GLY n 
1 50  CYS n 
1 51  ASP n 
1 52  THR n 
1 53  ILE n 
1 54  ALA n 
1 55  ARG n 
1 56  CYS n 
1 57  ASP n 
1 58  CYS n 
1 59  GLN n 
1 60  THR n 
1 61  GLY n 
1 62  VAL n 
1 63  TYR n 
1 64  TYR n 
1 65  CYS n 
1 66  SER n 
1 67  SER n 
1 68  ARG n 
1 69  ARG n 
1 70  LYS n 
1 71  HIS n 
1 72  TYR n 
1 73  PRO n 
1 74  VAL n 
1 75  SER n 
1 76  PHE n 
1 77  SER n 
1 78  LYS n 
1 79  PRO n 
1 80  SER n 
1 81  LEU n 
1 82  ILE n 
1 83  PHE n 
1 84  VAL n 
1 85  GLU n 
1 86  ALA n 
1 87  SER n 
1 88  GLU n 
1 89  TYR n 
1 90  TYR n 
1 91  PRO n 
1 92  ALA n 
1 93  ARG n 
1 94  TYR n 
1 95  GLN n 
1 96  SER n 
1 97  HIS n 
1 98  LEU n 
1 99  MET n 
1 100 LEU n 
1 101 ALA n 
1 102 VAL n 
1 103 GLY n 
1 104 HIS n 
1 105 SER n 
1 106 GLU n 
1 107 PRO n 
1 108 GLY n 
1 109 ASP n 
1 110 CYS n 
1 111 GLY n 
1 112 GLY n 
1 113 ILE n 
1 114 LEU n 
1 115 ARG n 
1 116 CYS n 
1 117 GLN n 
1 118 HIS n 
1 119 GLY n 
1 120 VAL n 
1 121 VAL n 
1 122 GLY n 
1 123 ILE n 
1 124 VAL n 
1 125 SER n 
1 126 THR n 
1 127 GLY n 
1 128 GLY n 
1 129 ASN n 
1 130 GLY n 
1 131 LEU n 
1 132 VAL n 
1 133 GLY n 
1 134 PHE n 
1 135 ALA n 
1 136 ASP n 
1 137 VAL n 
1 138 ARG n 
1 139 ASP n 
1 140 LEU n 
1 141 LEU n 
1 142 TRP n 
1 143 LEU n 
1 144 ASP n 
1 145 GLU n 
1 146 GLU n 
1 147 ALA n 
1 148 MET n 
1 149 GLU n 
1 150 GLN n 
# 
loop_
_entity_src_gen.entity_id 
_entity_src_gen.pdbx_src_id 
_entity_src_gen.pdbx_alt_source_flag 
_entity_src_gen.pdbx_seq_type 
_entity_src_gen.pdbx_beg_seq_num 
_entity_src_gen.pdbx_end_seq_num 
_entity_src_gen.gene_src_common_name 
_entity_src_gen.gene_src_genus 
_entity_src_gen.pdbx_gene_src_gene 
_entity_src_gen.gene_src_species 
_entity_src_gen.gene_src_strain 
_entity_src_gen.gene_src_tissue 
_entity_src_gen.gene_src_tissue_fraction 
_entity_src_gen.gene_src_details 
_entity_src_gen.pdbx_gene_src_fragment 
_entity_src_gen.pdbx_gene_src_scientific_name 
_entity_src_gen.pdbx_gene_src_ncbi_taxonomy_id 
_entity_src_gen.pdbx_gene_src_variant 
_entity_src_gen.pdbx_gene_src_cell_line 
_entity_src_gen.pdbx_gene_src_atcc 
_entity_src_gen.pdbx_gene_src_organ 
_entity_src_gen.pdbx_gene_src_organelle 
_entity_src_gen.pdbx_gene_src_cell 
_entity_src_gen.pdbx_gene_src_cellular_location 
_entity_src_gen.host_org_common_name 
_entity_src_gen.pdbx_host_org_scientific_name 
_entity_src_gen.pdbx_host_org_ncbi_taxonomy_id 
_entity_src_gen.host_org_genus 
_entity_src_gen.pdbx_host_org_gene 
_entity_src_gen.pdbx_host_org_organ 
_entity_src_gen.host_org_species 
_entity_src_gen.pdbx_host_org_tissue 
_entity_src_gen.pdbx_host_org_tissue_fraction 
_entity_src_gen.pdbx_host_org_strain 
_entity_src_gen.pdbx_host_org_variant 
_entity_src_gen.pdbx_host_org_cell_line 
_entity_src_gen.pdbx_host_org_atcc 
_entity_src_gen.pdbx_host_org_culture_collection 
_entity_src_gen.pdbx_host_org_cell 
_entity_src_gen.pdbx_host_org_organelle 
_entity_src_gen.pdbx_host_org_cellular_location 
_entity_src_gen.pdbx_host_org_vector_type 
_entity_src_gen.pdbx_host_org_vector 
_entity_src_gen.host_org_details 
_entity_src_gen.expression_system_id 
_entity_src_gen.plasmid_name 
_entity_src_gen.plasmid_details 
_entity_src_gen.pdbx_description 
1 1 sample 'Biological sequence' 1 150 ? ? ? ? ? ? ? ? ? 'Coxsackievirus A16' 31704 ? ? ? ? ? ? ? ? 'Escherichia coli' 562 ? ? ? ? 
? ? ? ? ? ? ? ? ? ? ? ? ? ? ? ? ? 
2 1 sample ?                     ? ?   ? ? ? ? ? ? ? ? ? 'Coxsackievirus A16' 31704 ? ? ? ? ? ? ? ? 'Escherichia coli' 562 ? ? ? ? 
? ? ? ? ? ? ? ? ? ? ? ? ? ? ? ? ? 
# 
loop_
_chem_comp.id 
_chem_comp.type 
_chem_comp.mon_nstd_flag 
_chem_comp.name 
_chem_comp.pdbx_synonyms 
_chem_comp.formula 
_chem_comp.formula_weight 
A1AMX non-polymer         . '(2R)-2-ethyl-N,N-dimethylmorpholine-4-sulfonamide' ? 'C8 H18 N2 O3 S' 222.305 
ALA   'L-peptide linking' y ALANINE                                             ? 'C3 H7 N O2'     89.093  
ARG   'L-peptide linking' y ARGININE                                            ? 'C6 H15 N4 O2 1' 175.209 
ASN   'L-peptide linking' y ASPARAGINE                                          ? 'C4 H8 N2 O3'    132.118 
ASP   'L-peptide linking' y 'ASPARTIC ACID'                                     ? 'C4 H7 N O4'     133.103 
CYS   'L-peptide linking' y CYSTEINE                                            ? 'C3 H7 N O2 S'   121.158 
DMS   non-polymer         . 'DIMETHYL SULFOXIDE'                                ? 'C2 H6 O S'      78.133  
GLN   'L-peptide linking' y GLUTAMINE                                           ? 'C5 H10 N2 O3'   146.144 
GLU   'L-peptide linking' y 'GLUTAMIC ACID'                                     ? 'C5 H9 N O4'     147.129 
GLY   'peptide linking'   y GLYCINE                                             ? 'C2 H5 N O2'     75.067  
HIS   'L-peptide linking' y HISTIDINE                                           ? 'C6 H10 N3 O2 1' 156.162 
HOH   non-polymer         . WATER                                               ? 'H2 O'           18.015  
ILE   'L-peptide linking' y ISOLEUCINE                                          ? 'C6 H13 N O2'    131.173 
LEU   'L-peptide linking' y LEUCINE                                             ? 'C6 H13 N O2'    131.173 
LYS   'L-peptide linking' y LYSINE                                              ? 'C6 H15 N2 O2 1' 147.195 
MET   'L-peptide linking' y METHIONINE                                          ? 'C5 H11 N O2 S'  149.211 
PHE   'L-peptide linking' y PHENYLALANINE                                       ? 'C9 H11 N O2'    165.189 
PRO   'L-peptide linking' y PROLINE                                             ? 'C5 H9 N O2'     115.130 
SER   'L-peptide linking' y SERINE                                              ? 'C3 H7 N O3'     105.093 
SO4   non-polymer         . 'SULFATE ION'                                       ? 'O4 S -2'        96.063  
THR   'L-peptide linking' y THREONINE                                           ? 'C4 H9 N O3'     119.119 
TRP   'L-peptide linking' y TRYPTOPHAN                                          ? 'C11 H12 N2 O2'  204.225 
TYR   'L-peptide linking' y TYROSINE                                            ? 'C9 H11 N O3'    181.189 
VAL   'L-peptide linking' y VALINE                                              ? 'C5 H11 N O2'    117.146 
ZN    non-polymer         . 'ZINC ION'                                          ? 'Zn 2'           65.409  
# 
loop_
_pdbx_poly_seq_scheme.asym_id 
_pdbx_poly_seq_scheme.entity_id 
_pdbx_poly_seq_scheme.seq_id 
_pdbx_poly_seq_scheme.mon_id 
_pdbx_poly_seq_scheme.ndb_seq_num 
_pdbx_poly_seq_scheme.pdb_seq_num 
_pdbx_poly_seq_scheme.auth_seq_num 
_pdbx_poly_seq_scheme.pdb_mon_id 
_pdbx_poly_seq_scheme.auth_mon_id 
_pdbx_poly_seq_scheme.pdb_strand_id 
_pdbx_poly_seq_scheme.pdb_ins_code 
_pdbx_poly_seq_scheme.hetero 
A 1 1   GLN 1   1   ?   ?   ?   A . n 
A 1 2   GLU 2   2   ?   ?   ?   A . n 
A 1 3   GLN 3   3   ?   ?   ?   A . n 
A 1 4   THR 4   4   ?   ?   ?   A . n 
A 1 5   GLY 5   5   ?   ?   ?   A . n 
A 1 6   GLY 6   6   ?   ?   ?   A . n 
A 1 7   SER 7   7   7   SER SER A . n 
A 1 8   GLY 8   8   8   GLY GLY A . n 
A 1 9   ALA 9   9   9   ALA ALA A . n 
A 1 10  ILE 10  10  10  ILE ILE A . n 
A 1 11  TYR 11  11  11  TYR TYR A . n 
A 1 12  VAL 12  12  12  VAL VAL A . n 
A 1 13  GLY 13  13  13  GLY GLY A . n 
A 1 14  ASN 14  14  14  ASN ASN A . n 
A 1 15  TYR 15  15  15  TYR TYR A . n 
A 1 16  ARG 16  16  16  ARG ARG A . n 
A 1 17  VAL 17  17  17  VAL VAL A . n 
A 1 18  VAL 18  18  18  VAL VAL A . n 
A 1 19  ASN 19  19  19  ASN ASN A . n 
A 1 20  ARG 20  20  20  ARG ARG A . n 
A 1 21  HIS 21  21  21  HIS HIS A . n 
A 1 22  LEU 22  22  22  LEU LEU A . n 
A 1 23  ALA 23  23  23  ALA ALA A . n 
A 1 24  THR 24  24  24  THR THR A . n 
A 1 25  HIS 25  25  25  HIS HIS A . n 
A 1 26  ASN 26  26  26  ASN ASN A . n 
A 1 27  ASP 27  27  27  ASP ASP A . n 
A 1 28  TRP 28  28  28  TRP TRP A . n 
A 1 29  ALA 29  29  29  ALA ALA A . n 
A 1 30  ASN 30  30  30  ASN ASN A . n 
A 1 31  LEU 31  31  31  LEU LEU A . n 
A 1 32  VAL 32  32  32  VAL VAL A . n 
A 1 33  TRP 33  33  33  TRP TRP A . n 
A 1 34  GLU 34  34  34  GLU GLU A . n 
A 1 35  ASP 35  35  35  ASP ASP A . n 
A 1 36  SER 36  36  36  SER SER A . n 
A 1 37  SER 37  37  37  SER SER A . n 
A 1 38  ARG 38  38  38  ARG ARG A . n 
A 1 39  ASP 39  39  39  ASP ASP A . n 
A 1 40  LEU 40  40  40  LEU LEU A . n 
A 1 41  LEU 41  41  41  LEU LEU A . n 
A 1 42  VAL 42  42  42  VAL VAL A . n 
A 1 43  SER 43  43  43  SER SER A . n 
A 1 44  SER 44  44  44  SER SER A . n 
A 1 45  THR 45  45  45  THR THR A . n 
A 1 46  THR 46  46  46  THR THR A . n 
A 1 47  ALA 47  47  47  ALA ALA A . n 
A 1 48  GLN 48  48  48  GLN GLN A . n 
A 1 49  GLY 49  49  49  GLY GLY A . n 
A 1 50  CYS 50  50  50  CYS CYS A . n 
A 1 51  ASP 51  51  51  ASP ASP A . n 
A 1 52  THR 52  52  52  THR THR A . n 
A 1 53  ILE 53  53  53  ILE ILE A . n 
A 1 54  ALA 54  54  54  ALA ALA A . n 
A 1 55  ARG 55  55  55  ARG ARG A . n 
A 1 56  CYS 56  56  56  CYS CYS A . n 
A 1 57  ASP 57  57  57  ASP ASP A . n 
A 1 58  CYS 58  58  58  CYS CYS A . n 
A 1 59  GLN 59  59  59  GLN GLN A . n 
A 1 60  THR 60  60  60  THR THR A . n 
A 1 61  GLY 61  61  61  GLY GLY A . n 
A 1 62  VAL 62  62  62  VAL VAL A . n 
A 1 63  TYR 63  63  63  TYR TYR A . n 
A 1 64  TYR 64  64  64  TYR TYR A . n 
A 1 65  CYS 65  65  65  CYS CYS A . n 
A 1 66  SER 66  66  66  SER SER A . n 
A 1 67  SER 67  67  67  SER SER A . n 
A 1 68  ARG 68  68  68  ARG ARG A . n 
A 1 69  ARG 69  69  69  ARG ARG A . n 
A 1 70  LYS 70  70  70  LYS LYS A . n 
A 1 71  HIS 71  71  71  HIS HIS A . n 
A 1 72  TYR 72  72  72  TYR TYR A . n 
A 1 73  PRO 73  73  73  PRO PRO A . n 
A 1 74  VAL 74  74  74  VAL VAL A . n 
A 1 75  SER 75  75  75  SER SER A . n 
A 1 76  PHE 76  76  76  PHE PHE A . n 
A 1 77  SER 77  77  77  SER SER A . n 
A 1 78  LYS 78  78  78  LYS LYS A . n 
A 1 79  PRO 79  79  79  PRO PRO A . n 
A 1 80  SER 80  80  80  SER SER A . n 
A 1 81  LEU 81  81  81  LEU LEU A . n 
A 1 82  ILE 82  82  82  ILE ILE A . n 
A 1 83  PHE 83  83  83  PHE PHE A . n 
A 1 84  VAL 84  84  84  VAL VAL A . n 
A 1 85  GLU 85  85  85  GLU GLU A . n 
A 1 86  ALA 86  86  86  ALA ALA A . n 
A 1 87  SER 87  87  87  SER SER A . n 
A 1 88  GLU 88  88  88  GLU GLU A . n 
A 1 89  TYR 89  89  89  TYR TYR A . n 
A 1 90  TYR 90  90  90  TYR TYR A . n 
A 1 91  PRO 91  91  91  PRO PRO A . n 
A 1 92  ALA 92  92  92  ALA ALA A . n 
A 1 93  ARG 93  93  93  ARG ARG A . n 
A 1 94  TYR 94  94  94  TYR TYR A . n 
A 1 95  GLN 95  95  95  GLN GLN A . n 
A 1 96  SER 96  96  96  SER SER A . n 
A 1 97  HIS 97  97  97  HIS HIS A . n 
A 1 98  LEU 98  98  98  LEU LEU A . n 
A 1 99  MET 99  99  99  MET MET A . n 
A 1 100 LEU 100 100 100 LEU LEU A . n 
A 1 101 ALA 101 101 101 ALA ALA A . n 
A 1 102 VAL 102 102 102 VAL VAL A . n 
A 1 103 GLY 103 103 103 GLY GLY A . n 
A 1 104 HIS 104 104 104 HIS HIS A . n 
A 1 105 SER 105 105 105 SER SER A . n 
A 1 106 GLU 106 106 106 GLU GLU A . n 
A 1 107 PRO 107 107 107 PRO PRO A . n 
A 1 108 GLY 108 108 108 GLY GLY A . n 
A 1 109 ASP 109 109 109 ASP ASP A . n 
A 1 110 CYS 110 110 110 CYS CYS A . n 
A 1 111 GLY 111 111 111 GLY GLY A . n 
A 1 112 GLY 112 112 112 GLY GLY A . n 
A 1 113 ILE 113 113 113 ILE ILE A . n 
A 1 114 LEU 114 114 114 LEU LEU A . n 
A 1 115 ARG 115 115 115 ARG ARG A . n 
A 1 116 CYS 116 116 116 CYS CYS A . n 
A 1 117 GLN 117 117 117 GLN GLN A . n 
A 1 118 HIS 118 118 118 HIS HIS A . n 
A 1 119 GLY 119 119 119 GLY GLY A . n 
A 1 120 VAL 120 120 120 VAL VAL A . n 
A 1 121 VAL 121 121 121 VAL VAL A . n 
A 1 122 GLY 122 122 122 GLY GLY A . n 
A 1 123 ILE 123 123 123 ILE ILE A . n 
A 1 124 VAL 124 124 124 VAL VAL A . n 
A 1 125 SER 125 125 125 SER SER A . n 
A 1 126 THR 126 126 126 THR THR A . n 
A 1 127 GLY 127 127 127 GLY GLY A . n 
A 1 128 GLY 128 128 128 GLY GLY A . n 
A 1 129 ASN 129 129 129 ASN ASN A . n 
A 1 130 GLY 130 130 130 GLY GLY A . n 
A 1 131 LEU 131 131 131 LEU LEU A . n 
A 1 132 VAL 132 132 132 VAL VAL A . n 
A 1 133 GLY 133 133 133 GLY GLY A . n 
A 1 134 PHE 134 134 134 PHE PHE A . n 
A 1 135 ALA 135 135 135 ALA ALA A . n 
A 1 136 ASP 136 136 136 ASP ASP A . n 
A 1 137 VAL 137 137 137 VAL VAL A . n 
A 1 138 ARG 138 138 138 ARG ARG A . n 
A 1 139 ASP 139 139 139 ASP ASP A . n 
A 1 140 LEU 140 140 140 LEU LEU A . n 
A 1 141 LEU 141 141 141 LEU LEU A . n 
A 1 142 TRP 142 142 142 TRP TRP A . n 
A 1 143 LEU 143 143 143 LEU LEU A . n 
A 1 144 ASP 144 144 144 ASP ASP A . n 
A 1 145 GLU 145 145 145 GLU GLU A . n 
A 1 146 GLU 146 146 146 GLU GLU A . n 
A 1 147 ALA 147 147 ?   ?   ?   A . n 
A 1 148 MET 148 148 ?   ?   ?   A . n 
A 1 149 GLU 149 149 ?   ?   ?   A . n 
A 1 150 GLN 150 150 ?   ?   ?   A . n 
# 
loop_
_pdbx_nonpoly_scheme.asym_id 
_pdbx_nonpoly_scheme.entity_id 
_pdbx_nonpoly_scheme.mon_id 
_pdbx_nonpoly_scheme.ndb_seq_num 
_pdbx_nonpoly_scheme.pdb_seq_num 
_pdbx_nonpoly_scheme.auth_seq_num 
_pdbx_nonpoly_scheme.pdb_mon_id 
_pdbx_nonpoly_scheme.auth_mon_id 
_pdbx_nonpoly_scheme.pdb_strand_id 
_pdbx_nonpoly_scheme.pdb_ins_code 
B 2 A1AMX 1   201 147 A1AMX LIG A . 
C 3 ZN    1   202 1   ZN    ZN  A . 
D 4 DMS   1   203 -1  DMS   DMS A . 
E 4 DMS   1   204 0   DMS   DMS A . 
F 4 DMS   1   205 1   DMS   DMS A . 
G 4 DMS   1   206 3   DMS   DMS A . 
H 4 DMS   1   207 6   DMS   DMS A . 
I 5 SO4   1   208 1   SO4   SO4 A . 
J 6 HOH   1   301 137 HOH   HOH A . 
J 6 HOH   2   302 150 HOH   HOH A . 
J 6 HOH   3   303 227 HOH   HOH A . 
J 6 HOH   4   304 79  HOH   HOH A . 
J 6 HOH   5   305 3   HOH   HOH A . 
J 6 HOH   6   306 238 HOH   HOH A . 
J 6 HOH   7   307 186 HOH   HOH A . 
J 6 HOH   8   308 245 HOH   HOH A . 
J 6 HOH   9   309 248 HOH   HOH A . 
J 6 HOH   10  310 215 HOH   HOH A . 
J 6 HOH   11  311 34  HOH   HOH A . 
J 6 HOH   12  312 107 HOH   HOH A . 
J 6 HOH   13  313 72  HOH   HOH A . 
J 6 HOH   14  314 46  HOH   HOH A . 
J 6 HOH   15  315 191 HOH   HOH A . 
J 6 HOH   16  316 116 HOH   HOH A . 
J 6 HOH   17  317 110 HOH   HOH A . 
J 6 HOH   18  318 124 HOH   HOH A . 
J 6 HOH   19  319 133 HOH   HOH A . 
J 6 HOH   20  320 181 HOH   HOH A . 
J 6 HOH   21  321 152 HOH   HOH A . 
J 6 HOH   22  322 173 HOH   HOH A . 
J 6 HOH   23  323 21  HOH   HOH A . 
J 6 HOH   24  324 64  HOH   HOH A . 
J 6 HOH   25  325 77  HOH   HOH A . 
J 6 HOH   26  326 4   HOH   HOH A . 
J 6 HOH   27  327 148 HOH   HOH A . 
J 6 HOH   28  328 178 HOH   HOH A . 
J 6 HOH   29  329 68  HOH   HOH A . 
J 6 HOH   30  330 183 HOH   HOH A . 
J 6 HOH   31  331 103 HOH   HOH A . 
J 6 HOH   32  332 30  HOH   HOH A . 
J 6 HOH   33  333 88  HOH   HOH A . 
J 6 HOH   34  334 94  HOH   HOH A . 
J 6 HOH   35  335 211 HOH   HOH A . 
J 6 HOH   36  336 109 HOH   HOH A . 
J 6 HOH   37  337 60  HOH   HOH A . 
J 6 HOH   38  338 249 HOH   HOH A . 
J 6 HOH   39  339 180 HOH   HOH A . 
J 6 HOH   40  340 104 HOH   HOH A . 
J 6 HOH   41  341 16  HOH   HOH A . 
J 6 HOH   42  342 13  HOH   HOH A . 
J 6 HOH   43  343 57  HOH   HOH A . 
J 6 HOH   44  344 113 HOH   HOH A . 
J 6 HOH   45  345 220 HOH   HOH A . 
J 6 HOH   46  346 247 HOH   HOH A . 
J 6 HOH   47  347 147 HOH   HOH A . 
J 6 HOH   48  348 7   HOH   HOH A . 
J 6 HOH   49  349 29  HOH   HOH A . 
J 6 HOH   50  350 97  HOH   HOH A . 
J 6 HOH   51  351 2   HOH   HOH A . 
J 6 HOH   52  352 24  HOH   HOH A . 
J 6 HOH   53  353 217 HOH   HOH A . 
J 6 HOH   54  354 47  HOH   HOH A . 
J 6 HOH   55  355 33  HOH   HOH A . 
J 6 HOH   56  356 37  HOH   HOH A . 
J 6 HOH   57  357 59  HOH   HOH A . 
J 6 HOH   58  358 39  HOH   HOH A . 
J 6 HOH   59  359 78  HOH   HOH A . 
J 6 HOH   60  360 234 HOH   HOH A . 
J 6 HOH   61  361 205 HOH   HOH A . 
J 6 HOH   62  362 182 HOH   HOH A . 
J 6 HOH   63  363 121 HOH   HOH A . 
J 6 HOH   64  364 119 HOH   HOH A . 
J 6 HOH   65  365 27  HOH   HOH A . 
J 6 HOH   66  366 43  HOH   HOH A . 
J 6 HOH   67  367 193 HOH   HOH A . 
J 6 HOH   68  368 28  HOH   HOH A . 
J 6 HOH   69  369 168 HOH   HOH A . 
J 6 HOH   70  370 84  HOH   HOH A . 
J 6 HOH   71  371 50  HOH   HOH A . 
J 6 HOH   72  372 26  HOH   HOH A . 
J 6 HOH   73  373 216 HOH   HOH A . 
J 6 HOH   74  374 63  HOH   HOH A . 
J 6 HOH   75  375 111 HOH   HOH A . 
J 6 HOH   76  376 36  HOH   HOH A . 
J 6 HOH   77  377 167 HOH   HOH A . 
J 6 HOH   78  378 67  HOH   HOH A . 
J 6 HOH   79  379 19  HOH   HOH A . 
J 6 HOH   80  380 52  HOH   HOH A . 
J 6 HOH   81  381 53  HOH   HOH A . 
J 6 HOH   82  382 141 HOH   HOH A . 
J 6 HOH   83  383 81  HOH   HOH A . 
J 6 HOH   84  384 25  HOH   HOH A . 
J 6 HOH   85  385 195 HOH   HOH A . 
J 6 HOH   86  386 9   HOH   HOH A . 
J 6 HOH   87  387 12  HOH   HOH A . 
J 6 HOH   88  388 45  HOH   HOH A . 
J 6 HOH   89  389 184 HOH   HOH A . 
J 6 HOH   90  390 179 HOH   HOH A . 
J 6 HOH   91  391 82  HOH   HOH A . 
J 6 HOH   92  392 90  HOH   HOH A . 
J 6 HOH   93  393 71  HOH   HOH A . 
J 6 HOH   94  394 144 HOH   HOH A . 
J 6 HOH   95  395 131 HOH   HOH A . 
J 6 HOH   96  396 161 HOH   HOH A . 
J 6 HOH   97  397 62  HOH   HOH A . 
J 6 HOH   98  398 55  HOH   HOH A . 
J 6 HOH   99  399 15  HOH   HOH A . 
J 6 HOH   100 400 49  HOH   HOH A . 
J 6 HOH   101 401 219 HOH   HOH A . 
J 6 HOH   102 402 174 HOH   HOH A . 
J 6 HOH   103 403 42  HOH   HOH A . 
J 6 HOH   104 404 204 HOH   HOH A . 
J 6 HOH   105 405 66  HOH   HOH A . 
J 6 HOH   106 406 169 HOH   HOH A . 
J 6 HOH   107 407 70  HOH   HOH A . 
J 6 HOH   108 408 120 HOH   HOH A . 
J 6 HOH   109 409 20  HOH   HOH A . 
J 6 HOH   110 410 126 HOH   HOH A . 
J 6 HOH   111 411 251 HOH   HOH A . 
J 6 HOH   112 412 177 HOH   HOH A . 
J 6 HOH   113 413 112 HOH   HOH A . 
J 6 HOH   114 414 48  HOH   HOH A . 
J 6 HOH   115 415 100 HOH   HOH A . 
J 6 HOH   116 416 212 HOH   HOH A . 
J 6 HOH   117 417 106 HOH   HOH A . 
J 6 HOH   118 418 138 HOH   HOH A . 
J 6 HOH   119 419 18  HOH   HOH A . 
J 6 HOH   120 420 155 HOH   HOH A . 
J 6 HOH   121 421 91  HOH   HOH A . 
J 6 HOH   122 422 14  HOH   HOH A . 
J 6 HOH   123 423 17  HOH   HOH A . 
J 6 HOH   124 424 5   HOH   HOH A . 
J 6 HOH   125 425 54  HOH   HOH A . 
J 6 HOH   126 426 170 HOH   HOH A . 
J 6 HOH   127 427 40  HOH   HOH A . 
J 6 HOH   128 428 95  HOH   HOH A . 
J 6 HOH   129 429 41  HOH   HOH A . 
J 6 HOH   130 430 214 HOH   HOH A . 
J 6 HOH   131 431 38  HOH   HOH A . 
J 6 HOH   132 432 35  HOH   HOH A . 
J 6 HOH   133 433 197 HOH   HOH A . 
J 6 HOH   134 434 102 HOH   HOH A . 
J 6 HOH   135 435 11  HOH   HOH A . 
J 6 HOH   136 436 203 HOH   HOH A . 
J 6 HOH   137 437 69  HOH   HOH A . 
J 6 HOH   138 438 105 HOH   HOH A . 
J 6 HOH   139 439 156 HOH   HOH A . 
J 6 HOH   140 440 192 HOH   HOH A . 
J 6 HOH   141 441 10  HOH   HOH A . 
J 6 HOH   142 442 51  HOH   HOH A . 
J 6 HOH   143 443 218 HOH   HOH A . 
J 6 HOH   144 444 58  HOH   HOH A . 
J 6 HOH   145 445 176 HOH   HOH A . 
J 6 HOH   146 446 198 HOH   HOH A . 
J 6 HOH   147 447 80  HOH   HOH A . 
J 6 HOH   148 448 146 HOH   HOH A . 
J 6 HOH   149 449 31  HOH   HOH A . 
J 6 HOH   150 450 23  HOH   HOH A . 
J 6 HOH   151 451 123 HOH   HOH A . 
J 6 HOH   152 452 132 HOH   HOH A . 
J 6 HOH   153 453 76  HOH   HOH A . 
J 6 HOH   154 454 237 HOH   HOH A . 
J 6 HOH   155 455 93  HOH   HOH A . 
J 6 HOH   156 456 6   HOH   HOH A . 
J 6 HOH   157 457 89  HOH   HOH A . 
J 6 HOH   158 458 250 HOH   HOH A . 
J 6 HOH   159 459 159 HOH   HOH A . 
J 6 HOH   160 460 135 HOH   HOH A . 
J 6 HOH   161 461 118 HOH   HOH A . 
J 6 HOH   162 462 74  HOH   HOH A . 
J 6 HOH   163 463 61  HOH   HOH A . 
J 6 HOH   164 464 200 HOH   HOH A . 
J 6 HOH   165 465 213 HOH   HOH A . 
J 6 HOH   166 466 136 HOH   HOH A . 
J 6 HOH   167 467 224 HOH   HOH A . 
J 6 HOH   168 468 101 HOH   HOH A . 
J 6 HOH   169 469 246 HOH   HOH A . 
J 6 HOH   170 470 210 HOH   HOH A . 
J 6 HOH   171 471 171 HOH   HOH A . 
J 6 HOH   172 472 230 HOH   HOH A . 
J 6 HOH   173 473 108 HOH   HOH A . 
J 6 HOH   174 474 22  HOH   HOH A . 
J 6 HOH   175 475 117 HOH   HOH A . 
J 6 HOH   176 476 87  HOH   HOH A . 
J 6 HOH   177 477 65  HOH   HOH A . 
J 6 HOH   178 478 158 HOH   HOH A . 
J 6 HOH   179 479 231 HOH   HOH A . 
J 6 HOH   180 480 98  HOH   HOH A . 
J 6 HOH   181 481 154 HOH   HOH A . 
J 6 HOH   182 482 175 HOH   HOH A . 
J 6 HOH   183 483 233 HOH   HOH A . 
J 6 HOH   184 484 151 HOH   HOH A . 
J 6 HOH   185 485 232 HOH   HOH A . 
J 6 HOH   186 486 228 HOH   HOH A . 
J 6 HOH   187 487 134 HOH   HOH A . 
J 6 HOH   188 488 99  HOH   HOH A . 
J 6 HOH   189 489 127 HOH   HOH A . 
J 6 HOH   190 490 225 HOH   HOH A . 
J 6 HOH   191 491 207 HOH   HOH A . 
J 6 HOH   192 492 83  HOH   HOH A . 
J 6 HOH   193 493 201 HOH   HOH A . 
J 6 HOH   194 494 162 HOH   HOH A . 
J 6 HOH   195 495 157 HOH   HOH A . 
J 6 HOH   196 496 239 HOH   HOH A . 
J 6 HOH   197 497 226 HOH   HOH A . 
J 6 HOH   198 498 86  HOH   HOH A . 
J 6 HOH   199 499 140 HOH   HOH A . 
J 6 HOH   200 500 240 HOH   HOH A . 
J 6 HOH   201 501 190 HOH   HOH A . 
J 6 HOH   202 502 163 HOH   HOH A . 
J 6 HOH   203 503 172 HOH   HOH A . 
J 6 HOH   204 504 199 HOH   HOH A . 
J 6 HOH   205 505 122 HOH   HOH A . 
J 6 HOH   206 506 221 HOH   HOH A . 
J 6 HOH   207 507 73  HOH   HOH A . 
J 6 HOH   208 508 85  HOH   HOH A . 
J 6 HOH   209 509 223 HOH   HOH A . 
J 6 HOH   210 510 229 HOH   HOH A . 
J 6 HOH   211 511 32  HOH   HOH A . 
J 6 HOH   212 512 202 HOH   HOH A . 
J 6 HOH   213 513 189 HOH   HOH A . 
J 6 HOH   214 514 185 HOH   HOH A . 
J 6 HOH   215 515 209 HOH   HOH A . 
J 6 HOH   216 516 187 HOH   HOH A . 
J 6 HOH   217 517 236 HOH   HOH A . 
J 6 HOH   218 518 129 HOH   HOH A . 
J 6 HOH   219 519 75  HOH   HOH A . 
J 6 HOH   220 520 56  HOH   HOH A . 
J 6 HOH   221 521 165 HOH   HOH A . 
J 6 HOH   222 522 208 HOH   HOH A . 
J 6 HOH   223 523 114 HOH   HOH A . 
J 6 HOH   224 524 235 HOH   HOH A . 
J 6 HOH   225 525 241 HOH   HOH A . 
J 6 HOH   226 526 142 HOH   HOH A . 
J 6 HOH   227 527 153 HOH   HOH A . 
J 6 HOH   228 528 206 HOH   HOH A . 
J 6 HOH   229 529 92  HOH   HOH A . 
J 6 HOH   230 530 222 HOH   HOH A . 
J 6 HOH   231 531 160 HOH   HOH A . 
J 6 HOH   232 532 243 HOH   HOH A . 
J 6 HOH   233 533 125 HOH   HOH A . 
J 6 HOH   234 534 242 HOH   HOH A . 
J 6 HOH   235 535 164 HOH   HOH A . 
J 6 HOH   236 536 244 HOH   HOH A . 
# 
loop_
_software.classification 
_software.name 
_software.version 
_software.citation_id 
_software.pdbx_ordinal 
refinement       REFMAC  5.8.0267 ? 1 
refinement       REFMAC5 .        ? 2 
'data scaling'   Aimless .        ? 3 
phasing          PHASER  .        ? 4 
'data reduction' XDS     .        ? 5 
# 
_cell.entry_id           7H2U 
_cell.length_a           86.442 
_cell.length_b           56.243 
_cell.length_c           32.454 
_cell.angle_alpha        90.00 
_cell.angle_beta         95.67 
_cell.angle_gamma        90.00 
_cell.Z_PDB              4 
_cell.pdbx_unique_axis   ? 
# 
_symmetry.entry_id                         7H2U 
_symmetry.space_group_name_H-M             'C 1 2 1' 
_symmetry.pdbx_full_space_group_name_H-M   ? 
_symmetry.cell_setting                     ? 
_symmetry.Int_Tables_number                5 
# 
_exptl.entry_id          7H2U 
_exptl.method            'X-RAY DIFFRACTION' 
_exptl.crystals_number   1 
# 
_exptl_crystal.id                    1 
_exptl_crystal.density_meas          ? 
_exptl_crystal.density_Matthews      2.38 
_exptl_crystal.density_percent_sol   48.32 
_exptl_crystal.description           ? 
# 
_exptl_crystal_grow.crystal_id      1 
_exptl_crystal_grow.method          'VAPOR DIFFUSION, SITTING DROP' 
_exptl_crystal_grow.pH              6.05 
_exptl_crystal_grow.temp            293.15 
_exptl_crystal_grow.pdbx_details    '0.1 M MES, pH 6.05, 16 % PEG 20,000' 
_exptl_crystal_grow.temp_details    ? 
_exptl_crystal_grow.pdbx_pH_range   ? 
# 
_diffrn.id                     1 
_diffrn.ambient_temp           100 
_diffrn.crystal_id             1 
_diffrn.ambient_temp_details   ? 
# 
_diffrn_detector.detector               PIXEL 
_diffrn_detector.type                   'DECTRIS EIGER2 XE 16M' 
_diffrn_detector.pdbx_collection_date   2023-10-10 
_diffrn_detector.diffrn_id              1 
_diffrn_detector.details                ? 
# 
_diffrn_radiation.diffrn_id                        1 
_diffrn_radiation.wavelength_id                    1 
_diffrn_radiation.pdbx_diffrn_protocol             'SINGLE WAVELENGTH' 
_diffrn_radiation.pdbx_monochromatic_or_laue_m_l   ? 
_diffrn_radiation.monochromator                    ? 
_diffrn_radiation.pdbx_scattering_type             x-ray 
# 
_diffrn_radiation_wavelength.id           1 
_diffrn_radiation_wavelength.wavelength   0.94056 
_diffrn_radiation_wavelength.wt           1.0 
# 
_diffrn_source.diffrn_id                   1 
_diffrn_source.source                      SYNCHROTRON 
_diffrn_source.type                        'DIAMOND BEAMLINE I03' 
_diffrn_source.pdbx_wavelength_list        0.94056 
_diffrn_source.pdbx_synchrotron_site       Diamond 
_diffrn_source.pdbx_synchrotron_beamline   I03 
_diffrn_source.pdbx_wavelength             ? 
# 
_reflns.entry_id                     7H2U 
_reflns.pdbx_diffrn_id               1 
_reflns.pdbx_ordinal                 1 
_reflns.d_resolution_low             47.08 
_reflns.d_resolution_high            1.11 
_reflns.number_obs                   59425 
_reflns.percent_possible_obs         97.4 
_reflns.pdbx_Rmerge_I_obs            0.109 
_reflns.pdbx_netI_over_sigmaI        12.7 
_reflns.pdbx_redundancy              6.5 
_reflns.pdbx_Rrim_I_all              0.119 
_reflns.pdbx_Rpim_I_all              0.046 
_reflns.pdbx_CC_half                 0.995 
_reflns.pdbx_number_measured_all     387934 
_reflns.pdbx_chi_squared             0.72 
_reflns.observed_criterion_sigma_I   ? 
_reflns.observed_criterion_sigma_F   ? 
_reflns.number_all                   ? 
_reflns.pdbx_Rsym_value              ? 
_reflns.B_iso_Wilson_estimate        ? 
# 
_reflns_shell.pdbx_diffrn_id              1 
_reflns_shell.pdbx_ordinal                1 
_reflns_shell.d_res_high                  1.11 
_reflns_shell.d_res_low                   1.13 
_reflns_shell.number_measured_all         9784 
_reflns_shell.number_unique_obs           2357 
_reflns_shell.Rmerge_I_obs                2.181 
_reflns_shell.pdbx_chi_squared            0.32 
_reflns_shell.pdbx_redundancy             4.2 
_reflns_shell.percent_possible_obs        75.6 
_reflns_shell.pdbx_netI_over_sigmaI_obs   0.8 
_reflns_shell.pdbx_Rrim_I_all             2.488 
_reflns_shell.pdbx_Rpim_I_all             1.178 
_reflns_shell.pdbx_CC_half                0.266 
_reflns_shell.percent_possible_all        ? 
_reflns_shell.pdbx_Rsym_value             ? 
_reflns_shell.meanI_over_sigI_obs         ? 
# 
_refine.pdbx_refine_id                           'X-RAY DIFFRACTION' 
_refine.entry_id                                 7H2U 
_refine.pdbx_diffrn_id                           1 
_refine.pdbx_TLS_residual_ADP_flag               ? 
_refine.ls_number_reflns_obs                     56368 
_refine.ls_number_reflns_all                     ? 
_refine.pdbx_ls_sigma_I                          ? 
_refine.pdbx_ls_sigma_F                          ? 
_refine.pdbx_data_cutoff_high_absF               ? 
_refine.pdbx_data_cutoff_low_absF                ? 
_refine.pdbx_data_cutoff_high_rms_absF           ? 
_refine.ls_d_res_low                             47.07 
_refine.ls_d_res_high                            1.11 
_refine.ls_percent_reflns_obs                    97.02 
_refine.ls_R_factor_obs                          0.18782 
_refine.ls_R_factor_all                          ? 
_refine.ls_R_factor_R_work                       0.18751 
_refine.ls_R_factor_R_free                       0.19359 
_refine.ls_R_factor_R_free_error                 ? 
_refine.ls_R_factor_R_free_error_details         ? 
_refine.ls_percent_reflns_R_free                 4.9 
_refine.ls_number_reflns_R_free                  2917 
_refine.ls_number_parameters                     ? 
_refine.ls_number_restraints                     ? 
_refine.occupancy_min                            ? 
_refine.occupancy_max                            ? 
_refine.correlation_coeff_Fo_to_Fc               0.966 
_refine.correlation_coeff_Fo_to_Fc_free          0.965 
_refine.B_iso_mean                               13.293 
_refine.aniso_B[1][1]                            -0.07 
_refine.aniso_B[2][2]                            0.36 
_refine.aniso_B[3][3]                            -0.24 
_refine.aniso_B[1][2]                            0.00 
_refine.aniso_B[1][3]                            -0.22 
_refine.aniso_B[2][3]                            0.00 
_refine.solvent_model_details                    MASK 
_refine.solvent_model_param_ksol                 ? 
_refine.solvent_model_param_bsol                 ? 
_refine.pdbx_solvent_vdw_probe_radii             1.20 
_refine.pdbx_solvent_ion_probe_radii             0.80 
_refine.pdbx_solvent_shrinkage_radii             0.80 
_refine.pdbx_ls_cross_valid_method               THROUGHOUT 
_refine.details                                  'HYDROGENS HAVE BEEN ADDED IN THE RIDING POSITIONS' 
_refine.pdbx_starting_model                      ? 
_refine.pdbx_method_to_determine_struct          'MOLECULAR REPLACEMENT' 
_refine.pdbx_isotropic_thermal_model             ? 
_refine.pdbx_stereochemistry_target_values       'MAXIMUM LIKELIHOOD' 
_refine.pdbx_stereochem_target_val_spec_case     ? 
_refine.pdbx_R_Free_selection_details            RANDOM 
_refine.pdbx_overall_ESU_R                       0.038 
_refine.pdbx_overall_ESU_R_Free                  0.037 
_refine.overall_SU_ML                            ? 
_refine.pdbx_overall_phase_error                 ? 
_refine.overall_SU_B                             ? 
_refine.overall_SU_R_Cruickshank_DPI             ? 
_refine.pdbx_overall_SU_R_free_Cruickshank_DPI   ? 
_refine.pdbx_overall_SU_R_Blow_DPI               ? 
_refine.pdbx_overall_SU_R_free_Blow_DPI          ? 
# 
_refine_hist.pdbx_refine_id                   'X-RAY DIFFRACTION' 
_refine_hist.cycle_id                         1 
_refine_hist.pdbx_number_atoms_protein        1083 
_refine_hist.pdbx_number_atoms_nucleic_acid   0 
_refine_hist.pdbx_number_atoms_ligand         40 
_refine_hist.number_atoms_solvent             236 
_refine_hist.number_atoms_total               1359 
_refine_hist.d_res_high                       1.11 
_refine_hist.d_res_low                        47.07 
# 
loop_
_refine_ls_restr.type 
_refine_ls_restr.dev_ideal 
_refine_ls_restr.dev_ideal_target 
_refine_ls_restr.weight 
_refine_ls_restr.number 
_refine_ls_restr.pdbx_refine_id 
_refine_ls_restr.pdbx_restraint_function 
r_bond_refined_d             0.028  0.013  ? 1492 'X-RAY DIFFRACTION' ? 
r_bond_other_d               0.035  0.015  ? 1223 'X-RAY DIFFRACTION' ? 
r_angle_refined_deg          2.694  1.625  ? 1854 'X-RAY DIFFRACTION' ? 
r_angle_other_deg            2.644  1.620  ? 2776 'X-RAY DIFFRACTION' ? 
r_dihedral_angle_1_deg       7.157  5.000  ? 175  'X-RAY DIFFRACTION' ? 
r_dihedral_angle_2_deg       32.859 21.690 ? 71   'X-RAY DIFFRACTION' ? 
r_dihedral_angle_3_deg       11.429 15.000 ? 202  'X-RAY DIFFRACTION' ? 
r_dihedral_angle_4_deg       24.582 15.000 ? 9    'X-RAY DIFFRACTION' ? 
r_chiral_restr               0.225  0.200  ? 169  'X-RAY DIFFRACTION' ? 
r_gen_planes_refined         0.016  0.020  ? 1587 'X-RAY DIFFRACTION' ? 
r_gen_planes_other           0.023  0.020  ? 323  'X-RAY DIFFRACTION' ? 
r_nbd_refined                ?      ?      ? ?    'X-RAY DIFFRACTION' ? 
r_nbd_other                  ?      ?      ? ?    'X-RAY DIFFRACTION' ? 
r_nbtor_refined              ?      ?      ? ?    'X-RAY DIFFRACTION' ? 
r_nbtor_other                ?      ?      ? ?    'X-RAY DIFFRACTION' ? 
r_xyhbond_nbd_refined        ?      ?      ? ?    'X-RAY DIFFRACTION' ? 
r_xyhbond_nbd_other          ?      ?      ? ?    'X-RAY DIFFRACTION' ? 
r_metal_ion_refined          ?      ?      ? ?    'X-RAY DIFFRACTION' ? 
r_metal_ion_other            ?      ?      ? ?    'X-RAY DIFFRACTION' ? 
r_symmetry_vdw_refined       ?      ?      ? ?    'X-RAY DIFFRACTION' ? 
r_symmetry_vdw_other         ?      ?      ? ?    'X-RAY DIFFRACTION' ? 
r_symmetry_hbond_refined     ?      ?      ? ?    'X-RAY DIFFRACTION' ? 
r_symmetry_hbond_other       ?      ?      ? ?    'X-RAY DIFFRACTION' ? 
r_symmetry_metal_ion_refined ?      ?      ? ?    'X-RAY DIFFRACTION' ? 
r_symmetry_metal_ion_other   ?      ?      ? ?    'X-RAY DIFFRACTION' ? 
r_mcbond_it                  1.129  1.153  ? 738  'X-RAY DIFFRACTION' ? 
r_mcbond_other               1.134  1.136  ? 731  'X-RAY DIFFRACTION' ? 
r_mcangle_it                 1.704  1.709  ? 853  'X-RAY DIFFRACTION' ? 
r_mcangle_other              1.737  1.715  ? 854  'X-RAY DIFFRACTION' ? 
r_scbond_it                  1.951  1.392  ? 750  'X-RAY DIFFRACTION' ? 
r_scbond_other               1.949  1.392  ? 751  'X-RAY DIFFRACTION' ? 
r_scangle_it                 ?      ?      ? ?    'X-RAY DIFFRACTION' ? 
r_scangle_other              2.867  2.019  ? 996  'X-RAY DIFFRACTION' ? 
r_long_range_B_refined       4.723  16.206 ? 1619 'X-RAY DIFFRACTION' ? 
r_long_range_B_other         4.723  16.213 ? 1620 'X-RAY DIFFRACTION' ? 
r_rigid_bond_restr           ?      ?      ? ?    'X-RAY DIFFRACTION' ? 
r_sphericity_free            ?      ?      ? ?    'X-RAY DIFFRACTION' ? 
r_sphericity_bonded          ?      ?      ? ?    'X-RAY DIFFRACTION' ? 
# 
_refine_ls_shell.pdbx_refine_id                   'X-RAY DIFFRACTION' 
_refine_ls_shell.pdbx_total_number_of_bins_used   20 
_refine_ls_shell.d_res_high                       1.110 
_refine_ls_shell.d_res_low                        1.138 
_refine_ls_shell.number_reflns_R_work             3196 
_refine_ls_shell.R_factor_R_work                  0.317 
_refine_ls_shell.percent_reflns_obs               75.41 
_refine_ls_shell.R_factor_R_free                  0.299 
_refine_ls_shell.R_factor_R_free_error            ? 
_refine_ls_shell.percent_reflns_R_free            ? 
_refine_ls_shell.number_reflns_R_free             190 
_refine_ls_shell.number_reflns_all                ? 
_refine_ls_shell.R_factor_all                     ? 
# 
_struct.entry_id                  7H2U 
_struct.title                     
;Group deposition for crystallographic fragment screening of Coxsackievirus A16 (G-10) 2A protease -- Crystal structure of Coxsackievirus A16 (G-10) 2A protease in complex with Z355202286 (A71EV2A-x0188)
;
_struct.pdbx_model_details        ? 
_struct.pdbx_CASP_flag            ? 
_struct.pdbx_model_type_details   ? 
# 
_struct_keywords.entry_id        7H2U 
_struct_keywords.pdbx_keywords   HYDROLASE 
_struct_keywords.text            
;Diamond Light Source, I03, ASAP, Coxsackievirus A16, crystallographic fragment screening, PanDDA, Pandda2, XChemExplorer, viral protein, HYDROLASE
;
# 
loop_
_struct_asym.id 
_struct_asym.pdbx_blank_PDB_chainid_flag 
_struct_asym.pdbx_modified 
_struct_asym.entity_id 
_struct_asym.details 
A N N 1 ? 
B N N 2 ? 
C N N 3 ? 
D N N 4 ? 
E N N 4 ? 
F N N 4 ? 
G N N 4 ? 
H N N 4 ? 
I N N 5 ? 
J N N 6 ? 
# 
_struct_ref.id                         1 
_struct_ref.db_name                    UNP 
_struct_ref.db_code                    POLG_CX16G 
_struct_ref.pdbx_db_accession          Q65900 
_struct_ref.pdbx_db_isoform            ? 
_struct_ref.entity_id                  1 
_struct_ref.pdbx_seq_one_letter_code   
;SGAIYVGNYRVVNRHLATHNDWANLVWEDSSRDLLVSSTTAQGCDTIARCDCQTGVYYCSSRRKHYPVSFSKPSLIFVEA
SEYYPARYQSHLMLAVGHSEPGDCGGILRCQHGVVGIVSTGGNGLVGFADVRDLLWLDEEAMEQ
;
_struct_ref.pdbx_align_begin           869 
# 
_struct_ref_seq.align_id                      1 
_struct_ref_seq.ref_id                        1 
_struct_ref_seq.pdbx_PDB_id_code              7H2U 
_struct_ref_seq.pdbx_strand_id                A 
_struct_ref_seq.seq_align_beg                 7 
_struct_ref_seq.pdbx_seq_align_beg_ins_code   ? 
_struct_ref_seq.seq_align_end                 150 
_struct_ref_seq.pdbx_seq_align_end_ins_code   ? 
_struct_ref_seq.pdbx_db_accession             Q65900 
_struct_ref_seq.db_align_beg                  869 
_struct_ref_seq.pdbx_db_align_beg_ins_code    ? 
_struct_ref_seq.db_align_end                  1012 
_struct_ref_seq.pdbx_db_align_end_ins_code    ? 
_struct_ref_seq.pdbx_auth_seq_align_beg       7 
_struct_ref_seq.pdbx_auth_seq_align_end       150 
# 
loop_
_struct_ref_seq_dif.align_id 
_struct_ref_seq_dif.pdbx_pdb_id_code 
_struct_ref_seq_dif.mon_id 
_struct_ref_seq_dif.pdbx_pdb_strand_id 
_struct_ref_seq_dif.seq_num 
_struct_ref_seq_dif.pdbx_pdb_ins_code 
_struct_ref_seq_dif.pdbx_seq_db_name 
_struct_ref_seq_dif.pdbx_seq_db_accession_code 
_struct_ref_seq_dif.db_mon_id 
_struct_ref_seq_dif.pdbx_seq_db_seq_num 
_struct_ref_seq_dif.details 
_struct_ref_seq_dif.pdbx_auth_seq_num 
_struct_ref_seq_dif.pdbx_ordinal 
1 7H2U GLN A 1 ? UNP Q65900 ? ? 'expression tag' 1 1 
1 7H2U GLU A 2 ? UNP Q65900 ? ? 'expression tag' 2 2 
1 7H2U GLN A 3 ? UNP Q65900 ? ? 'expression tag' 3 3 
1 7H2U THR A 4 ? UNP Q65900 ? ? 'expression tag' 4 4 
1 7H2U GLY A 5 ? UNP Q65900 ? ? 'expression tag' 5 5 
1 7H2U GLY A 6 ? UNP Q65900 ? ? 'expression tag' 6 6 
# 
_pdbx_struct_assembly.id                   1 
_pdbx_struct_assembly.details              author_and_software_defined_assembly 
_pdbx_struct_assembly.method_details       PISA 
_pdbx_struct_assembly.oligomeric_details   monomeric 
_pdbx_struct_assembly.oligomeric_count     1 
# 
loop_
_pdbx_struct_assembly_prop.biol_id 
_pdbx_struct_assembly_prop.type 
_pdbx_struct_assembly_prop.value 
_pdbx_struct_assembly_prop.details 
1 'ABSA (A^2)' 1120 ? 
1 MORE         -5   ? 
1 'SSA (A^2)'  7510 ? 
# 
_pdbx_struct_assembly_gen.assembly_id       1 
_pdbx_struct_assembly_gen.oper_expression   1 
_pdbx_struct_assembly_gen.asym_id_list      A,B,C,D,E,F,G,H,I,J 
# 
_pdbx_struct_oper_list.id                   1 
_pdbx_struct_oper_list.type                 'identity operation' 
_pdbx_struct_oper_list.name                 1_555 
_pdbx_struct_oper_list.symmetry_operation   x,y,z 
_pdbx_struct_oper_list.matrix[1][1]         1.0000000000 
_pdbx_struct_oper_list.matrix[1][2]         0.0000000000 
_pdbx_struct_oper_list.matrix[1][3]         0.0000000000 
_pdbx_struct_oper_list.vector[1]            0.0000000000 
_pdbx_struct_oper_list.matrix[2][1]         0.0000000000 
_pdbx_struct_oper_list.matrix[2][2]         1.0000000000 
_pdbx_struct_oper_list.matrix[2][3]         0.0000000000 
_pdbx_struct_oper_list.vector[2]            0.0000000000 
_pdbx_struct_oper_list.matrix[3][1]         0.0000000000 
_pdbx_struct_oper_list.matrix[3][2]         0.0000000000 
_pdbx_struct_oper_list.matrix[3][3]         1.0000000000 
_pdbx_struct_oper_list.vector[3]            0.0000000000 
# 
loop_
_struct_conf.conf_type_id 
_struct_conf.id 
_struct_conf.pdbx_PDB_helix_id 
_struct_conf.beg_label_comp_id 
_struct_conf.beg_label_asym_id 
_struct_conf.beg_label_seq_id 
_struct_conf.pdbx_beg_PDB_ins_code 
_struct_conf.end_label_comp_id 
_struct_conf.end_label_asym_id 
_struct_conf.end_label_seq_id 
_struct_conf.pdbx_end_PDB_ins_code 
_struct_conf.beg_auth_comp_id 
_struct_conf.beg_auth_asym_id 
_struct_conf.beg_auth_seq_id 
_struct_conf.end_auth_comp_id 
_struct_conf.end_auth_asym_id 
_struct_conf.end_auth_seq_id 
_struct_conf.pdbx_PDB_helix_class 
_struct_conf.details 
_struct_conf.pdbx_PDB_helix_length 
HELX_P HELX_P1 AA1 HIS A 21  ? ALA A 23  ? HIS A 21  ALA A 23  5 ? 3 
HELX_P HELX_P2 AA2 THR A 24  ? ASN A 30  ? THR A 24  ASN A 30  1 ? 7 
HELX_P HELX_P3 AA3 SER A 36  ? ARG A 38  ? SER A 36  ARG A 38  5 ? 3 
HELX_P HELX_P4 AA4 SER A 66  ? ARG A 69  ? SER A 66  ARG A 69  5 ? 4 
HELX_P HELX_P5 AA5 GLU A 106 ? CYS A 110 ? GLU A 106 CYS A 110 5 ? 5 
HELX_P HELX_P6 AA6 LEU A 140 ? GLU A 145 ? LEU A 140 GLU A 145 5 ? 6 
# 
_struct_conf_type.id          HELX_P 
_struct_conf_type.criteria    ? 
_struct_conf_type.reference   ? 
# 
loop_
_struct_conn.id 
_struct_conn.conn_type_id 
_struct_conn.pdbx_leaving_atom_flag 
_struct_conn.pdbx_PDB_id 
_struct_conn.ptnr1_label_asym_id 
_struct_conn.ptnr1_label_comp_id 
_struct_conn.ptnr1_label_seq_id 
_struct_conn.ptnr1_label_atom_id 
_struct_conn.pdbx_ptnr1_label_alt_id 
_struct_conn.pdbx_ptnr1_PDB_ins_code 
_struct_conn.pdbx_ptnr1_standard_comp_id 
_struct_conn.ptnr1_symmetry 
_struct_conn.ptnr2_label_asym_id 
_struct_conn.ptnr2_label_comp_id 
_struct_conn.ptnr2_label_seq_id 
_struct_conn.ptnr2_label_atom_id 
_struct_conn.pdbx_ptnr2_label_alt_id 
_struct_conn.pdbx_ptnr2_PDB_ins_code 
_struct_conn.ptnr1_auth_asym_id 
_struct_conn.ptnr1_auth_comp_id 
_struct_conn.ptnr1_auth_seq_id 
_struct_conn.ptnr2_auth_asym_id 
_struct_conn.ptnr2_auth_comp_id 
_struct_conn.ptnr2_auth_seq_id 
_struct_conn.ptnr2_symmetry 
_struct_conn.pdbx_ptnr3_label_atom_id 
_struct_conn.pdbx_ptnr3_label_seq_id 
_struct_conn.pdbx_ptnr3_label_comp_id 
_struct_conn.pdbx_ptnr3_label_asym_id 
_struct_conn.pdbx_ptnr3_label_alt_id 
_struct_conn.pdbx_ptnr3_PDB_ins_code 
_struct_conn.details 
_struct_conn.pdbx_dist_value 
_struct_conn.pdbx_value_order 
_struct_conn.pdbx_role 
metalc1 metalc ? ? A CYS 56  SG  ? ? ? 1_555 C ZN . ZN ? ? A CYS 56  A ZN 202 1_555 ? ? ? ? ? ? ? 2.313 ? ? 
metalc2 metalc ? ? A CYS 58  SG  ? ? ? 1_555 C ZN . ZN ? ? A CYS 58  A ZN 202 1_555 ? ? ? ? ? ? ? 2.324 ? ? 
metalc3 metalc ? ? A CYS 116 SG  ? ? ? 1_555 C ZN . ZN ? ? A CYS 116 A ZN 202 1_555 ? ? ? ? ? ? ? 2.293 ? ? 
metalc4 metalc ? ? A HIS 118 ND1 ? ? ? 1_555 C ZN . ZN ? ? A HIS 118 A ZN 202 1_555 ? ? ? ? ? ? ? 2.037 ? ? 
# 
_struct_conn_type.id          metalc 
_struct_conn_type.criteria    ? 
_struct_conn_type.reference   ? 
# 
loop_
_pdbx_struct_conn_angle.id 
_pdbx_struct_conn_angle.ptnr1_label_atom_id 
_pdbx_struct_conn_angle.ptnr1_label_alt_id 
_pdbx_struct_conn_angle.ptnr1_label_asym_id 
_pdbx_struct_conn_angle.ptnr1_label_comp_id 
_pdbx_struct_conn_angle.ptnr1_label_seq_id 
_pdbx_struct_conn_angle.ptnr1_auth_atom_id 
_pdbx_struct_conn_angle.ptnr1_auth_asym_id 
_pdbx_struct_conn_angle.ptnr1_auth_comp_id 
_pdbx_struct_conn_angle.ptnr1_auth_seq_id 
_pdbx_struct_conn_angle.ptnr1_PDB_ins_code 
_pdbx_struct_conn_angle.ptnr1_symmetry 
_pdbx_struct_conn_angle.ptnr2_label_atom_id 
_pdbx_struct_conn_angle.ptnr2_label_alt_id 
_pdbx_struct_conn_angle.ptnr2_label_asym_id 
_pdbx_struct_conn_angle.ptnr2_label_comp_id 
_pdbx_struct_conn_angle.ptnr2_label_seq_id 
_pdbx_struct_conn_angle.ptnr2_auth_atom_id 
_pdbx_struct_conn_angle.ptnr2_auth_asym_id 
_pdbx_struct_conn_angle.ptnr2_auth_comp_id 
_pdbx_struct_conn_angle.ptnr2_auth_seq_id 
_pdbx_struct_conn_angle.ptnr2_PDB_ins_code 
_pdbx_struct_conn_angle.ptnr2_symmetry 
_pdbx_struct_conn_angle.ptnr3_label_atom_id 
_pdbx_struct_conn_angle.ptnr3_label_alt_id 
_pdbx_struct_conn_angle.ptnr3_label_asym_id 
_pdbx_struct_conn_angle.ptnr3_label_comp_id 
_pdbx_struct_conn_angle.ptnr3_label_seq_id 
_pdbx_struct_conn_angle.ptnr3_auth_atom_id 
_pdbx_struct_conn_angle.ptnr3_auth_asym_id 
_pdbx_struct_conn_angle.ptnr3_auth_comp_id 
_pdbx_struct_conn_angle.ptnr3_auth_seq_id 
_pdbx_struct_conn_angle.ptnr3_PDB_ins_code 
_pdbx_struct_conn_angle.ptnr3_symmetry 
_pdbx_struct_conn_angle.value 
_pdbx_struct_conn_angle.value_esd 
1 SG ? A CYS 56  ? A CYS 56  ? 1_555 ZN ? C ZN . ? A ZN 202 ? 1_555 SG  ? A CYS 58  ? A CYS 58  ? 1_555 110.1 ? 
2 SG ? A CYS 56  ? A CYS 56  ? 1_555 ZN ? C ZN . ? A ZN 202 ? 1_555 SG  ? A CYS 116 ? A CYS 116 ? 1_555 106.0 ? 
3 SG ? A CYS 58  ? A CYS 58  ? 1_555 ZN ? C ZN . ? A ZN 202 ? 1_555 SG  ? A CYS 116 ? A CYS 116 ? 1_555 116.5 ? 
4 SG ? A CYS 56  ? A CYS 56  ? 1_555 ZN ? C ZN . ? A ZN 202 ? 1_555 ND1 ? A HIS 118 ? A HIS 118 ? 1_555 105.5 ? 
5 SG ? A CYS 58  ? A CYS 58  ? 1_555 ZN ? C ZN . ? A ZN 202 ? 1_555 ND1 ? A HIS 118 ? A HIS 118 ? 1_555 102.0 ? 
6 SG ? A CYS 116 ? A CYS 116 ? 1_555 ZN ? C ZN . ? A ZN 202 ? 1_555 ND1 ? A HIS 118 ? A HIS 118 ? 1_555 116.2 ? 
# 
loop_
_struct_sheet.id 
_struct_sheet.type 
_struct_sheet.number_strands 
_struct_sheet.details 
AA1 ? 4 ? 
AA2 ? 7 ? 
# 
loop_
_struct_sheet_order.sheet_id 
_struct_sheet_order.range_id_1 
_struct_sheet_order.range_id_2 
_struct_sheet_order.offset 
_struct_sheet_order.sense 
AA1 1 2 ? anti-parallel 
AA1 2 3 ? anti-parallel 
AA1 3 4 ? anti-parallel 
AA2 1 2 ? anti-parallel 
AA2 2 3 ? anti-parallel 
AA2 3 4 ? anti-parallel 
AA2 4 5 ? anti-parallel 
AA2 5 6 ? anti-parallel 
AA2 6 7 ? anti-parallel 
# 
loop_
_struct_sheet_range.sheet_id 
_struct_sheet_range.id 
_struct_sheet_range.beg_label_comp_id 
_struct_sheet_range.beg_label_asym_id 
_struct_sheet_range.beg_label_seq_id 
_struct_sheet_range.pdbx_beg_PDB_ins_code 
_struct_sheet_range.end_label_comp_id 
_struct_sheet_range.end_label_asym_id 
_struct_sheet_range.end_label_seq_id 
_struct_sheet_range.pdbx_end_PDB_ins_code 
_struct_sheet_range.beg_auth_comp_id 
_struct_sheet_range.beg_auth_asym_id 
_struct_sheet_range.beg_auth_seq_id 
_struct_sheet_range.end_auth_comp_id 
_struct_sheet_range.end_auth_asym_id 
_struct_sheet_range.end_auth_seq_id 
AA1 1 ILE A 10  ? VAL A 12  ? ILE A 10  VAL A 12  
AA1 2 TYR A 15  ? ASN A 19  ? TYR A 15  ASN A 19  
AA1 3 LEU A 40  ? SER A 44  ? LEU A 40  SER A 44  
AA1 4 LEU A 31  ? ASP A 35  ? LEU A 31  ASP A 35  
AA2 1 LYS A 70  ? SER A 75  ? LYS A 70  SER A 75  
AA2 2 THR A 60  ? CYS A 65  ? THR A 60  CYS A 65  
AA2 3 ILE A 113 ? CYS A 116 ? ILE A 113 CYS A 116 
AA2 4 GLY A 119 ? THR A 126 ? GLY A 119 THR A 126 
AA2 5 LEU A 131 ? ASP A 136 ? LEU A 131 ASP A 136 
AA2 6 ARG A 93  ? VAL A 102 ? ARG A 93  VAL A 102 
AA2 7 SER A 80  ? VAL A 84  ? SER A 80  VAL A 84  
# 
loop_
_pdbx_struct_sheet_hbond.sheet_id 
_pdbx_struct_sheet_hbond.range_id_1 
_pdbx_struct_sheet_hbond.range_id_2 
_pdbx_struct_sheet_hbond.range_1_label_atom_id 
_pdbx_struct_sheet_hbond.range_1_label_comp_id 
_pdbx_struct_sheet_hbond.range_1_label_asym_id 
_pdbx_struct_sheet_hbond.range_1_label_seq_id 
_pdbx_struct_sheet_hbond.range_1_PDB_ins_code 
_pdbx_struct_sheet_hbond.range_1_auth_atom_id 
_pdbx_struct_sheet_hbond.range_1_auth_comp_id 
_pdbx_struct_sheet_hbond.range_1_auth_asym_id 
_pdbx_struct_sheet_hbond.range_1_auth_seq_id 
_pdbx_struct_sheet_hbond.range_2_label_atom_id 
_pdbx_struct_sheet_hbond.range_2_label_comp_id 
_pdbx_struct_sheet_hbond.range_2_label_asym_id 
_pdbx_struct_sheet_hbond.range_2_label_seq_id 
_pdbx_struct_sheet_hbond.range_2_PDB_ins_code 
_pdbx_struct_sheet_hbond.range_2_auth_atom_id 
_pdbx_struct_sheet_hbond.range_2_auth_comp_id 
_pdbx_struct_sheet_hbond.range_2_auth_asym_id 
_pdbx_struct_sheet_hbond.range_2_auth_seq_id 
AA1 1 2 N ILE A 10  ? N ILE A 10  O VAL A 17  ? O VAL A 17  
AA1 2 3 N VAL A 18  ? N VAL A 18  O LEU A 41  ? O LEU A 41  
AA1 3 4 O VAL A 42  ? O VAL A 42  N TRP A 33  ? N TRP A 33  
AA2 1 2 O LYS A 70  ? O LYS A 70  N CYS A 65  ? N CYS A 65  
AA2 2 3 N VAL A 62  ? N VAL A 62  O ARG A 115 ? O ARG A 115 
AA2 3 4 N LEU A 114 ? N LEU A 114 O VAL A 121 ? O VAL A 121 
AA2 4 5 N SER A 125 ? N SER A 125 O GLY A 133 ? O GLY A 133 
AA2 5 6 O PHE A 134 ? O PHE A 134 N MET A 99  ? N MET A 99  
AA2 6 7 O ARG A 93  ? O ARG A 93  N VAL A 84  ? N VAL A 84  
# 
_pdbx_entry_details.entry_id                   7H2U 
_pdbx_entry_details.compound_details           ? 
_pdbx_entry_details.source_details             ? 
_pdbx_entry_details.nonpolymer_details         ? 
_pdbx_entry_details.sequence_details           ? 
_pdbx_entry_details.has_ligand_of_interest     ? 
_pdbx_entry_details.has_protein_modification   N 
# 
loop_
_pdbx_validate_close_contact.id 
_pdbx_validate_close_contact.PDB_model_num 
_pdbx_validate_close_contact.auth_atom_id_1 
_pdbx_validate_close_contact.auth_asym_id_1 
_pdbx_validate_close_contact.auth_comp_id_1 
_pdbx_validate_close_contact.auth_seq_id_1 
_pdbx_validate_close_contact.PDB_ins_code_1 
_pdbx_validate_close_contact.label_alt_id_1 
_pdbx_validate_close_contact.auth_atom_id_2 
_pdbx_validate_close_contact.auth_asym_id_2 
_pdbx_validate_close_contact.auth_comp_id_2 
_pdbx_validate_close_contact.auth_seq_id_2 
_pdbx_validate_close_contact.PDB_ins_code_2 
_pdbx_validate_close_contact.label_alt_id_2 
_pdbx_validate_close_contact.dist 
1 1 O   A HOH 309 ? ? O A HOH 439 ? ? 1.91 
2 1 OE1 A GLU 106 ? ? O A HOH 301 ? ? 1.99 
3 1 O   A HOH 338 ? ? O A HOH 462 ? ? 2.02 
4 1 O   A HOH 454 ? ? O A HOH 476 ? ? 2.03 
5 1 O   A HOH 315 ? ? O A HOH 338 ? ? 2.06 
# 
loop_
_pdbx_validate_symm_contact.id 
_pdbx_validate_symm_contact.PDB_model_num 
_pdbx_validate_symm_contact.auth_atom_id_1 
_pdbx_validate_symm_contact.auth_asym_id_1 
_pdbx_validate_symm_contact.auth_comp_id_1 
_pdbx_validate_symm_contact.auth_seq_id_1 
_pdbx_validate_symm_contact.PDB_ins_code_1 
_pdbx_validate_symm_contact.label_alt_id_1 
_pdbx_validate_symm_contact.site_symmetry_1 
_pdbx_validate_symm_contact.auth_atom_id_2 
_pdbx_validate_symm_contact.auth_asym_id_2 
_pdbx_validate_symm_contact.auth_comp_id_2 
_pdbx_validate_symm_contact.auth_seq_id_2 
_pdbx_validate_symm_contact.PDB_ins_code_2 
_pdbx_validate_symm_contact.label_alt_id_2 
_pdbx_validate_symm_contact.site_symmetry_2 
_pdbx_validate_symm_contact.dist 
1 1 O3 A SO4 208 ? ? 1_555 O3 A SO4 208 ? ? 2_556 0.68 
2 1 O4 A SO4 208 ? ? 1_555 O4 A SO4 208 ? ? 2_556 1.19 
3 1 S  A SO4 208 ? ? 1_555 O4 A SO4 208 ? ? 2_556 1.63 
4 1 S  A SO4 208 ? ? 1_555 O3 A SO4 208 ? ? 2_556 1.82 
5 1 O1 A SO4 208 ? ? 1_555 O4 A SO4 208 ? ? 2_556 1.88 
6 1 O  A HOH 385 ? ? 1_555 O  A HOH 499 ? ? 4_556 2.02 
7 1 S  A SO4 208 ? ? 1_555 S  A SO4 208 ? ? 2_556 2.04 
# 
loop_
_pdbx_validate_rmsd_bond.id 
_pdbx_validate_rmsd_bond.PDB_model_num 
_pdbx_validate_rmsd_bond.auth_atom_id_1 
_pdbx_validate_rmsd_bond.auth_asym_id_1 
_pdbx_validate_rmsd_bond.auth_comp_id_1 
_pdbx_validate_rmsd_bond.auth_seq_id_1 
_pdbx_validate_rmsd_bond.PDB_ins_code_1 
_pdbx_validate_rmsd_bond.label_alt_id_1 
_pdbx_validate_rmsd_bond.auth_atom_id_2 
_pdbx_validate_rmsd_bond.auth_asym_id_2 
_pdbx_validate_rmsd_bond.auth_comp_id_2 
_pdbx_validate_rmsd_bond.auth_seq_id_2 
_pdbx_validate_rmsd_bond.PDB_ins_code_2 
_pdbx_validate_rmsd_bond.label_alt_id_2 
_pdbx_validate_rmsd_bond.bond_value 
_pdbx_validate_rmsd_bond.bond_target_value 
_pdbx_validate_rmsd_bond.bond_deviation 
_pdbx_validate_rmsd_bond.bond_standard_deviation 
_pdbx_validate_rmsd_bond.linker_flag 
1 1 C  A GLN 95 ? ? O  A GLN 95 ? ? 1.471 1.229 0.242  0.019 N 
2 1 CA A SER 96 ? ? CB A SER 96 ? ? 1.653 1.525 0.128  0.015 N 
3 1 CB A SER 96 ? ? OG A SER 96 ? ? 1.325 1.418 -0.093 0.013 N 
4 1 C  A MET 99 ? ? O  A MET 99 ? ? 1.400 1.229 0.171  0.019 N 
# 
loop_
_pdbx_validate_rmsd_angle.id 
_pdbx_validate_rmsd_angle.PDB_model_num 
_pdbx_validate_rmsd_angle.auth_atom_id_1 
_pdbx_validate_rmsd_angle.auth_asym_id_1 
_pdbx_validate_rmsd_angle.auth_comp_id_1 
_pdbx_validate_rmsd_angle.auth_seq_id_1 
_pdbx_validate_rmsd_angle.PDB_ins_code_1 
_pdbx_validate_rmsd_angle.label_alt_id_1 
_pdbx_validate_rmsd_angle.auth_atom_id_2 
_pdbx_validate_rmsd_angle.auth_asym_id_2 
_pdbx_validate_rmsd_angle.auth_comp_id_2 
_pdbx_validate_rmsd_angle.auth_seq_id_2 
_pdbx_validate_rmsd_angle.PDB_ins_code_2 
_pdbx_validate_rmsd_angle.label_alt_id_2 
_pdbx_validate_rmsd_angle.auth_atom_id_3 
_pdbx_validate_rmsd_angle.auth_asym_id_3 
_pdbx_validate_rmsd_angle.auth_comp_id_3 
_pdbx_validate_rmsd_angle.auth_seq_id_3 
_pdbx_validate_rmsd_angle.PDB_ins_code_3 
_pdbx_validate_rmsd_angle.label_alt_id_3 
_pdbx_validate_rmsd_angle.angle_value 
_pdbx_validate_rmsd_angle.angle_target_value 
_pdbx_validate_rmsd_angle.angle_deviation 
_pdbx_validate_rmsd_angle.angle_standard_deviation 
_pdbx_validate_rmsd_angle.linker_flag 
1 1 NE  A ARG 16 ? ? CZ  A ARG 16 ? ? NH2 A ARG 16 ? ? 117.26 120.30 -3.04  0.50 N 
2 1 CB  A HIS 97 ? ? CA  A HIS 97 ? ? C   A HIS 97 ? ? 124.28 110.40 13.88  2.00 N 
3 1 ND1 A HIS 97 ? ? CE1 A HIS 97 ? ? NE2 A HIS 97 ? ? 101.80 108.50 -6.70  1.10 N 
4 1 CE1 A HIS 97 ? ? NE2 A HIS 97 ? ? CD2 A HIS 97 ? ? 118.06 109.00 9.06   0.70 N 
5 1 O   A HIS 97 ? ? C   A HIS 97 ? ? N   A LEU 98 ? ? 132.85 122.70 10.15  1.60 Y 
6 1 CB  A LEU 98 ? ? CG  A LEU 98 ? ? CD2 A LEU 98 ? ? 96.72  111.00 -14.28 1.70 N 
7 1 N   A MET 99 ? ? CA  A MET 99 ? ? CB  A MET 99 ? ? 94.51  110.60 -16.09 1.80 N 
# 
_pdbx_validate_torsion.id              1 
_pdbx_validate_torsion.PDB_model_num   1 
_pdbx_validate_torsion.auth_comp_id    HIS 
_pdbx_validate_torsion.auth_asym_id    A 
_pdbx_validate_torsion.auth_seq_id     97 
_pdbx_validate_torsion.PDB_ins_code    ? 
_pdbx_validate_torsion.label_alt_id    ? 
_pdbx_validate_torsion.phi             76.07 
_pdbx_validate_torsion.psi             39.89 
# 
_pdbx_validate_main_chain_plane.id                       1 
_pdbx_validate_main_chain_plane.PDB_model_num            1 
_pdbx_validate_main_chain_plane.auth_comp_id             MET 
_pdbx_validate_main_chain_plane.auth_asym_id             A 
_pdbx_validate_main_chain_plane.auth_seq_id              99 
_pdbx_validate_main_chain_plane.PDB_ins_code             ? 
_pdbx_validate_main_chain_plane.label_alt_id             ? 
_pdbx_validate_main_chain_plane.improper_torsion_angle   -18.49 
# 
_pdbx_distant_solvent_atoms.id                                1 
_pdbx_distant_solvent_atoms.PDB_model_num                     1 
_pdbx_distant_solvent_atoms.auth_atom_id                      O 
_pdbx_distant_solvent_atoms.label_alt_id                      ? 
_pdbx_distant_solvent_atoms.auth_asym_id                      A 
_pdbx_distant_solvent_atoms.auth_comp_id                      HOH 
_pdbx_distant_solvent_atoms.auth_seq_id                       536 
_pdbx_distant_solvent_atoms.PDB_ins_code                      ? 
_pdbx_distant_solvent_atoms.neighbor_macromolecule_distance   7.99 
_pdbx_distant_solvent_atoms.neighbor_ligand_distance          . 
# 
loop_
_pdbx_unobs_or_zero_occ_residues.id 
_pdbx_unobs_or_zero_occ_residues.PDB_model_num 
_pdbx_unobs_or_zero_occ_residues.polymer_flag 
_pdbx_unobs_or_zero_occ_residues.occupancy_flag 
_pdbx_unobs_or_zero_occ_residues.auth_asym_id 
_pdbx_unobs_or_zero_occ_residues.auth_comp_id 
_pdbx_unobs_or_zero_occ_residues.auth_seq_id 
_pdbx_unobs_or_zero_occ_residues.PDB_ins_code 
_pdbx_unobs_or_zero_occ_residues.label_asym_id 
_pdbx_unobs_or_zero_occ_residues.label_comp_id 
_pdbx_unobs_or_zero_occ_residues.label_seq_id 
1  1 Y 1 A GLN 1   ? A GLN 1   
2  1 Y 1 A GLU 2   ? A GLU 2   
3  1 Y 1 A GLN 3   ? A GLN 3   
4  1 Y 1 A THR 4   ? A THR 4   
5  1 Y 1 A GLY 5   ? A GLY 5   
6  1 Y 1 A GLY 6   ? A GLY 6   
7  1 Y 1 A ALA 147 ? A ALA 147 
8  1 Y 1 A MET 148 ? A MET 148 
9  1 Y 1 A GLU 149 ? A GLU 149 
10 1 Y 1 A GLN 150 ? A GLN 150 
# 
loop_
_chem_comp_atom.comp_id 
_chem_comp_atom.atom_id 
_chem_comp_atom.type_symbol 
_chem_comp_atom.pdbx_aromatic_flag 
_chem_comp_atom.pdbx_stereo_config 
_chem_comp_atom.pdbx_ordinal 
A1AMX N1   N  N N 1   
A1AMX C4   C  N N 2   
A1AMX C5   C  N N 3   
A1AMX C6   C  N N 4   
A1AMX C7   C  N N 5   
A1AMX N    N  N N 6   
A1AMX C    C  N N 7   
A1AMX O    O  N N 8   
A1AMX C1   C  N N 9   
A1AMX C2   C  N R 10  
A1AMX C3   C  N N 11  
A1AMX O1   O  N N 12  
A1AMX O2   O  N N 13  
A1AMX S    S  N N 14  
A1AMX H8   H  N N 15  
A1AMX H9   H  N N 16  
A1AMX H11  H  N N 17  
A1AMX H10  H  N N 18  
A1AMX H12  H  N N 19  
A1AMX H14  H  N N 20  
A1AMX H13  H  N N 21  
A1AMX H15  H  N N 22  
A1AMX H16  H  N N 23  
A1AMX H17  H  N N 24  
A1AMX H2   H  N N 25  
A1AMX H    H  N N 26  
A1AMX H1   H  N N 27  
A1AMX H3   H  N N 28  
A1AMX H4   H  N N 29  
A1AMX H5   H  N N 30  
A1AMX H7   H  N N 31  
A1AMX H6   H  N N 32  
ALA   N    N  N N 33  
ALA   CA   C  N S 34  
ALA   C    C  N N 35  
ALA   O    O  N N 36  
ALA   CB   C  N N 37  
ALA   OXT  O  N N 38  
ALA   H    H  N N 39  
ALA   H2   H  N N 40  
ALA   HA   H  N N 41  
ALA   HB1  H  N N 42  
ALA   HB2  H  N N 43  
ALA   HB3  H  N N 44  
ALA   HXT  H  N N 45  
ARG   N    N  N N 46  
ARG   CA   C  N S 47  
ARG   C    C  N N 48  
ARG   O    O  N N 49  
ARG   CB   C  N N 50  
ARG   CG   C  N N 51  
ARG   CD   C  N N 52  
ARG   NE   N  N N 53  
ARG   CZ   C  N N 54  
ARG   NH1  N  N N 55  
ARG   NH2  N  N N 56  
ARG   OXT  O  N N 57  
ARG   H    H  N N 58  
ARG   H2   H  N N 59  
ARG   HA   H  N N 60  
ARG   HB2  H  N N 61  
ARG   HB3  H  N N 62  
ARG   HG2  H  N N 63  
ARG   HG3  H  N N 64  
ARG   HD2  H  N N 65  
ARG   HD3  H  N N 66  
ARG   HE   H  N N 67  
ARG   HH11 H  N N 68  
ARG   HH12 H  N N 69  
ARG   HH21 H  N N 70  
ARG   HH22 H  N N 71  
ARG   HXT  H  N N 72  
ASN   N    N  N N 73  
ASN   CA   C  N S 74  
ASN   C    C  N N 75  
ASN   O    O  N N 76  
ASN   CB   C  N N 77  
ASN   CG   C  N N 78  
ASN   OD1  O  N N 79  
ASN   ND2  N  N N 80  
ASN   OXT  O  N N 81  
ASN   H    H  N N 82  
ASN   H2   H  N N 83  
ASN   HA   H  N N 84  
ASN   HB2  H  N N 85  
ASN   HB3  H  N N 86  
ASN   HD21 H  N N 87  
ASN   HD22 H  N N 88  
ASN   HXT  H  N N 89  
ASP   N    N  N N 90  
ASP   CA   C  N S 91  
ASP   C    C  N N 92  
ASP   O    O  N N 93  
ASP   CB   C  N N 94  
ASP   CG   C  N N 95  
ASP   OD1  O  N N 96  
ASP   OD2  O  N N 97  
ASP   OXT  O  N N 98  
ASP   H    H  N N 99  
ASP   H2   H  N N 100 
ASP   HA   H  N N 101 
ASP   HB2  H  N N 102 
ASP   HB3  H  N N 103 
ASP   HD2  H  N N 104 
ASP   HXT  H  N N 105 
CYS   N    N  N N 106 
CYS   CA   C  N R 107 
CYS   C    C  N N 108 
CYS   O    O  N N 109 
CYS   CB   C  N N 110 
CYS   SG   S  N N 111 
CYS   OXT  O  N N 112 
CYS   H    H  N N 113 
CYS   H2   H  N N 114 
CYS   HA   H  N N 115 
CYS   HB2  H  N N 116 
CYS   HB3  H  N N 117 
CYS   HG   H  N N 118 
CYS   HXT  H  N N 119 
DMS   S    S  N N 120 
DMS   O    O  N N 121 
DMS   C1   C  N N 122 
DMS   C2   C  N N 123 
DMS   H11  H  N N 124 
DMS   H12  H  N N 125 
DMS   H13  H  N N 126 
DMS   H21  H  N N 127 
DMS   H22  H  N N 128 
DMS   H23  H  N N 129 
GLN   N    N  N N 130 
GLN   CA   C  N S 131 
GLN   C    C  N N 132 
GLN   O    O  N N 133 
GLN   CB   C  N N 134 
GLN   CG   C  N N 135 
GLN   CD   C  N N 136 
GLN   OE1  O  N N 137 
GLN   NE2  N  N N 138 
GLN   OXT  O  N N 139 
GLN   H    H  N N 140 
GLN   H2   H  N N 141 
GLN   HA   H  N N 142 
GLN   HB2  H  N N 143 
GLN   HB3  H  N N 144 
GLN   HG2  H  N N 145 
GLN   HG3  H  N N 146 
GLN   HE21 H  N N 147 
GLN   HE22 H  N N 148 
GLN   HXT  H  N N 149 
GLU   N    N  N N 150 
GLU   CA   C  N S 151 
GLU   C    C  N N 152 
GLU   O    O  N N 153 
GLU   CB   C  N N 154 
GLU   CG   C  N N 155 
GLU   CD   C  N N 156 
GLU   OE1  O  N N 157 
GLU   OE2  O  N N 158 
GLU   OXT  O  N N 159 
GLU   H    H  N N 160 
GLU   H2   H  N N 161 
GLU   HA   H  N N 162 
GLU   HB2  H  N N 163 
GLU   HB3  H  N N 164 
GLU   HG2  H  N N 165 
GLU   HG3  H  N N 166 
GLU   HE2  H  N N 167 
GLU   HXT  H  N N 168 
GLY   N    N  N N 169 
GLY   CA   C  N N 170 
GLY   C    C  N N 171 
GLY   O    O  N N 172 
GLY   OXT  O  N N 173 
GLY   H    H  N N 174 
GLY   H2   H  N N 175 
GLY   HA2  H  N N 176 
GLY   HA3  H  N N 177 
GLY   HXT  H  N N 178 
HIS   N    N  N N 179 
HIS   CA   C  N S 180 
HIS   C    C  N N 181 
HIS   O    O  N N 182 
HIS   CB   C  N N 183 
HIS   CG   C  Y N 184 
HIS   ND1  N  Y N 185 
HIS   CD2  C  Y N 186 
HIS   CE1  C  Y N 187 
HIS   NE2  N  Y N 188 
HIS   OXT  O  N N 189 
HIS   H    H  N N 190 
HIS   H2   H  N N 191 
HIS   HA   H  N N 192 
HIS   HB2  H  N N 193 
HIS   HB3  H  N N 194 
HIS   HD1  H  N N 195 
HIS   HD2  H  N N 196 
HIS   HE1  H  N N 197 
HIS   HE2  H  N N 198 
HIS   HXT  H  N N 199 
HOH   O    O  N N 200 
HOH   H1   H  N N 201 
HOH   H2   H  N N 202 
ILE   N    N  N N 203 
ILE   CA   C  N S 204 
ILE   C    C  N N 205 
ILE   O    O  N N 206 
ILE   CB   C  N S 207 
ILE   CG1  C  N N 208 
ILE   CG2  C  N N 209 
ILE   CD1  C  N N 210 
ILE   OXT  O  N N 211 
ILE   H    H  N N 212 
ILE   H2   H  N N 213 
ILE   HA   H  N N 214 
ILE   HB   H  N N 215 
ILE   HG12 H  N N 216 
ILE   HG13 H  N N 217 
ILE   HG21 H  N N 218 
ILE   HG22 H  N N 219 
ILE   HG23 H  N N 220 
ILE   HD11 H  N N 221 
ILE   HD12 H  N N 222 
ILE   HD13 H  N N 223 
ILE   HXT  H  N N 224 
LEU   N    N  N N 225 
LEU   CA   C  N S 226 
LEU   C    C  N N 227 
LEU   O    O  N N 228 
LEU   CB   C  N N 229 
LEU   CG   C  N N 230 
LEU   CD1  C  N N 231 
LEU   CD2  C  N N 232 
LEU   OXT  O  N N 233 
LEU   H    H  N N 234 
LEU   H2   H  N N 235 
LEU   HA   H  N N 236 
LEU   HB2  H  N N 237 
LEU   HB3  H  N N 238 
LEU   HG   H  N N 239 
LEU   HD11 H  N N 240 
LEU   HD12 H  N N 241 
LEU   HD13 H  N N 242 
LEU   HD21 H  N N 243 
LEU   HD22 H  N N 244 
LEU   HD23 H  N N 245 
LEU   HXT  H  N N 246 
LYS   N    N  N N 247 
LYS   CA   C  N S 248 
LYS   C    C  N N 249 
LYS   O    O  N N 250 
LYS   CB   C  N N 251 
LYS   CG   C  N N 252 
LYS   CD   C  N N 253 
LYS   CE   C  N N 254 
LYS   NZ   N  N N 255 
LYS   OXT  O  N N 256 
LYS   H    H  N N 257 
LYS   H2   H  N N 258 
LYS   HA   H  N N 259 
LYS   HB2  H  N N 260 
LYS   HB3  H  N N 261 
LYS   HG2  H  N N 262 
LYS   HG3  H  N N 263 
LYS   HD2  H  N N 264 
LYS   HD3  H  N N 265 
LYS   HE2  H  N N 266 
LYS   HE3  H  N N 267 
LYS   HZ1  H  N N 268 
LYS   HZ2  H  N N 269 
LYS   HZ3  H  N N 270 
LYS   HXT  H  N N 271 
MET   N    N  N N 272 
MET   CA   C  N S 273 
MET   C    C  N N 274 
MET   O    O  N N 275 
MET   CB   C  N N 276 
MET   CG   C  N N 277 
MET   SD   S  N N 278 
MET   CE   C  N N 279 
MET   OXT  O  N N 280 
MET   H    H  N N 281 
MET   H2   H  N N 282 
MET   HA   H  N N 283 
MET   HB2  H  N N 284 
MET   HB3  H  N N 285 
MET   HG2  H  N N 286 
MET   HG3  H  N N 287 
MET   HE1  H  N N 288 
MET   HE2  H  N N 289 
MET   HE3  H  N N 290 
MET   HXT  H  N N 291 
PHE   N    N  N N 292 
PHE   CA   C  N S 293 
PHE   C    C  N N 294 
PHE   O    O  N N 295 
PHE   CB   C  N N 296 
PHE   CG   C  Y N 297 
PHE   CD1  C  Y N 298 
PHE   CD2  C  Y N 299 
PHE   CE1  C  Y N 300 
PHE   CE2  C  Y N 301 
PHE   CZ   C  Y N 302 
PHE   OXT  O  N N 303 
PHE   H    H  N N 304 
PHE   H2   H  N N 305 
PHE   HA   H  N N 306 
PHE   HB2  H  N N 307 
PHE   HB3  H  N N 308 
PHE   HD1  H  N N 309 
PHE   HD2  H  N N 310 
PHE   HE1  H  N N 311 
PHE   HE2  H  N N 312 
PHE   HZ   H  N N 313 
PHE   HXT  H  N N 314 
PRO   N    N  N N 315 
PRO   CA   C  N S 316 
PRO   C    C  N N 317 
PRO   O    O  N N 318 
PRO   CB   C  N N 319 
PRO   CG   C  N N 320 
PRO   CD   C  N N 321 
PRO   OXT  O  N N 322 
PRO   H    H  N N 323 
PRO   HA   H  N N 324 
PRO   HB2  H  N N 325 
PRO   HB3  H  N N 326 
PRO   HG2  H  N N 327 
PRO   HG3  H  N N 328 
PRO   HD2  H  N N 329 
PRO   HD3  H  N N 330 
PRO   HXT  H  N N 331 
SER   N    N  N N 332 
SER   CA   C  N S 333 
SER   C    C  N N 334 
SER   O    O  N N 335 
SER   CB   C  N N 336 
SER   OG   O  N N 337 
SER   OXT  O  N N 338 
SER   H    H  N N 339 
SER   H2   H  N N 340 
SER   HA   H  N N 341 
SER   HB2  H  N N 342 
SER   HB3  H  N N 343 
SER   HG   H  N N 344 
SER   HXT  H  N N 345 
SO4   S    S  N N 346 
SO4   O1   O  N N 347 
SO4   O2   O  N N 348 
SO4   O3   O  N N 349 
SO4   O4   O  N N 350 
THR   N    N  N N 351 
THR   CA   C  N S 352 
THR   C    C  N N 353 
THR   O    O  N N 354 
THR   CB   C  N R 355 
THR   OG1  O  N N 356 
THR   CG2  C  N N 357 
THR   OXT  O  N N 358 
THR   H    H  N N 359 
THR   H2   H  N N 360 
THR   HA   H  N N 361 
THR   HB   H  N N 362 
THR   HG1  H  N N 363 
THR   HG21 H  N N 364 
THR   HG22 H  N N 365 
THR   HG23 H  N N 366 
THR   HXT  H  N N 367 
TRP   N    N  N N 368 
TRP   CA   C  N S 369 
TRP   C    C  N N 370 
TRP   O    O  N N 371 
TRP   CB   C  N N 372 
TRP   CG   C  Y N 373 
TRP   CD1  C  Y N 374 
TRP   CD2  C  Y N 375 
TRP   NE1  N  Y N 376 
TRP   CE2  C  Y N 377 
TRP   CE3  C  Y N 378 
TRP   CZ2  C  Y N 379 
TRP   CZ3  C  Y N 380 
TRP   CH2  C  Y N 381 
TRP   OXT  O  N N 382 
TRP   H    H  N N 383 
TRP   H2   H  N N 384 
TRP   HA   H  N N 385 
TRP   HB2  H  N N 386 
TRP   HB3  H  N N 387 
TRP   HD1  H  N N 388 
TRP   HE1  H  N N 389 
TRP   HE3  H  N N 390 
TRP   HZ2  H  N N 391 
TRP   HZ3  H  N N 392 
TRP   HH2  H  N N 393 
TRP   HXT  H  N N 394 
TYR   N    N  N N 395 
TYR   CA   C  N S 396 
TYR   C    C  N N 397 
TYR   O    O  N N 398 
TYR   CB   C  N N 399 
TYR   CG   C  Y N 400 
TYR   CD1  C  Y N 401 
TYR   CD2  C  Y N 402 
TYR   CE1  C  Y N 403 
TYR   CE2  C  Y N 404 
TYR   CZ   C  Y N 405 
TYR   OH   O  N N 406 
TYR   OXT  O  N N 407 
TYR   H    H  N N 408 
TYR   H2   H  N N 409 
TYR   HA   H  N N 410 
TYR   HB2  H  N N 411 
TYR   HB3  H  N N 412 
TYR   HD1  H  N N 413 
TYR   HD2  H  N N 414 
TYR   HE1  H  N N 415 
TYR   HE2  H  N N 416 
TYR   HH   H  N N 417 
TYR   HXT  H  N N 418 
VAL   N    N  N N 419 
VAL   CA   C  N S 420 
VAL   C    C  N N 421 
VAL   O    O  N N 422 
VAL   CB   C  N N 423 
VAL   CG1  C  N N 424 
VAL   CG2  C  N N 425 
VAL   OXT  O  N N 426 
VAL   H    H  N N 427 
VAL   H2   H  N N 428 
VAL   HA   H  N N 429 
VAL   HB   H  N N 430 
VAL   HG11 H  N N 431 
VAL   HG12 H  N N 432 
VAL   HG13 H  N N 433 
VAL   HG21 H  N N 434 
VAL   HG22 H  N N 435 
VAL   HG23 H  N N 436 
VAL   HXT  H  N N 437 
ZN    ZN   ZN N N 438 
# 
loop_
_chem_comp_bond.comp_id 
_chem_comp_bond.atom_id_1 
_chem_comp_bond.atom_id_2 
_chem_comp_bond.value_order 
_chem_comp_bond.pdbx_aromatic_flag 
_chem_comp_bond.pdbx_stereo_config 
_chem_comp_bond.pdbx_ordinal 
A1AMX C   C1   sing N N 1   
A1AMX C1  C2   sing N N 2   
A1AMX C2  C3   sing N N 3   
A1AMX C3  N    sing N N 4   
A1AMX C4  N    sing N N 5   
A1AMX C5  C4   sing N N 6   
A1AMX O   C5   sing N N 7   
A1AMX C2  O    sing N N 8   
A1AMX N   S    sing N N 9   
A1AMX O1  S    doub N N 10  
A1AMX S   O2   doub N N 11  
A1AMX N1  S    sing N N 12  
A1AMX C6  N1   sing N N 13  
A1AMX C7  N1   sing N N 14  
A1AMX C4  H8   sing N N 15  
A1AMX C4  H9   sing N N 16  
A1AMX C5  H11  sing N N 17  
A1AMX C5  H10  sing N N 18  
A1AMX C6  H12  sing N N 19  
A1AMX C6  H14  sing N N 20  
A1AMX C6  H13  sing N N 21  
A1AMX C7  H15  sing N N 22  
A1AMX C7  H16  sing N N 23  
A1AMX C7  H17  sing N N 24  
A1AMX C   H2   sing N N 25  
A1AMX C   H    sing N N 26  
A1AMX C   H1   sing N N 27  
A1AMX C1  H3   sing N N 28  
A1AMX C1  H4   sing N N 29  
A1AMX C2  H5   sing N N 30  
A1AMX C3  H7   sing N N 31  
A1AMX C3  H6   sing N N 32  
ALA   N   CA   sing N N 33  
ALA   N   H    sing N N 34  
ALA   N   H2   sing N N 35  
ALA   CA  C    sing N N 36  
ALA   CA  CB   sing N N 37  
ALA   CA  HA   sing N N 38  
ALA   C   O    doub N N 39  
ALA   C   OXT  sing N N 40  
ALA   CB  HB1  sing N N 41  
ALA   CB  HB2  sing N N 42  
ALA   CB  HB3  sing N N 43  
ALA   OXT HXT  sing N N 44  
ARG   N   CA   sing N N 45  
ARG   N   H    sing N N 46  
ARG   N   H2   sing N N 47  
ARG   CA  C    sing N N 48  
ARG   CA  CB   sing N N 49  
ARG   CA  HA   sing N N 50  
ARG   C   O    doub N N 51  
ARG   C   OXT  sing N N 52  
ARG   CB  CG   sing N N 53  
ARG   CB  HB2  sing N N 54  
ARG   CB  HB3  sing N N 55  
ARG   CG  CD   sing N N 56  
ARG   CG  HG2  sing N N 57  
ARG   CG  HG3  sing N N 58  
ARG   CD  NE   sing N N 59  
ARG   CD  HD2  sing N N 60  
ARG   CD  HD3  sing N N 61  
ARG   NE  CZ   sing N N 62  
ARG   NE  HE   sing N N 63  
ARG   CZ  NH1  sing N N 64  
ARG   CZ  NH2  doub N N 65  
ARG   NH1 HH11 sing N N 66  
ARG   NH1 HH12 sing N N 67  
ARG   NH2 HH21 sing N N 68  
ARG   NH2 HH22 sing N N 69  
ARG   OXT HXT  sing N N 70  
ASN   N   CA   sing N N 71  
ASN   N   H    sing N N 72  
ASN   N   H2   sing N N 73  
ASN   CA  C    sing N N 74  
ASN   CA  CB   sing N N 75  
ASN   CA  HA   sing N N 76  
ASN   C   O    doub N N 77  
ASN   C   OXT  sing N N 78  
ASN   CB  CG   sing N N 79  
ASN   CB  HB2  sing N N 80  
ASN   CB  HB3  sing N N 81  
ASN   CG  OD1  doub N N 82  
ASN   CG  ND2  sing N N 83  
ASN   ND2 HD21 sing N N 84  
ASN   ND2 HD22 sing N N 85  
ASN   OXT HXT  sing N N 86  
ASP   N   CA   sing N N 87  
ASP   N   H    sing N N 88  
ASP   N   H2   sing N N 89  
ASP   CA  C    sing N N 90  
ASP   CA  CB   sing N N 91  
ASP   CA  HA   sing N N 92  
ASP   C   O    doub N N 93  
ASP   C   OXT  sing N N 94  
ASP   CB  CG   sing N N 95  
ASP   CB  HB2  sing N N 96  
ASP   CB  HB3  sing N N 97  
ASP   CG  OD1  doub N N 98  
ASP   CG  OD2  sing N N 99  
ASP   OD2 HD2  sing N N 100 
ASP   OXT HXT  sing N N 101 
CYS   N   CA   sing N N 102 
CYS   N   H    sing N N 103 
CYS   N   H2   sing N N 104 
CYS   CA  C    sing N N 105 
CYS   CA  CB   sing N N 106 
CYS   CA  HA   sing N N 107 
CYS   C   O    doub N N 108 
CYS   C   OXT  sing N N 109 
CYS   CB  SG   sing N N 110 
CYS   CB  HB2  sing N N 111 
CYS   CB  HB3  sing N N 112 
CYS   SG  HG   sing N N 113 
CYS   OXT HXT  sing N N 114 
DMS   S   O    doub N N 115 
DMS   S   C1   sing N N 116 
DMS   S   C2   sing N N 117 
DMS   C1  H11  sing N N 118 
DMS   C1  H12  sing N N 119 
DMS   C1  H13  sing N N 120 
DMS   C2  H21  sing N N 121 
DMS   C2  H22  sing N N 122 
DMS   C2  H23  sing N N 123 
GLN   N   CA   sing N N 124 
GLN   N   H    sing N N 125 
GLN   N   H2   sing N N 126 
GLN   CA  C    sing N N 127 
GLN   CA  CB   sing N N 128 
GLN   CA  HA   sing N N 129 
GLN   C   O    doub N N 130 
GLN   C   OXT  sing N N 131 
GLN   CB  CG   sing N N 132 
GLN   CB  HB2  sing N N 133 
GLN   CB  HB3  sing N N 134 
GLN   CG  CD   sing N N 135 
GLN   CG  HG2  sing N N 136 
GLN   CG  HG3  sing N N 137 
GLN   CD  OE1  doub N N 138 
GLN   CD  NE2  sing N N 139 
GLN   NE2 HE21 sing N N 140 
GLN   NE2 HE22 sing N N 141 
GLN   OXT HXT  sing N N 142 
GLU   N   CA   sing N N 143 
GLU   N   H    sing N N 144 
GLU   N   H2   sing N N 145 
GLU   CA  C    sing N N 146 
GLU   CA  CB   sing N N 147 
GLU   CA  HA   sing N N 148 
GLU   C   O    doub N N 149 
GLU   C   OXT  sing N N 150 
GLU   CB  CG   sing N N 151 
GLU   CB  HB2  sing N N 152 
GLU   CB  HB3  sing N N 153 
GLU   CG  CD   sing N N 154 
GLU   CG  HG2  sing N N 155 
GLU   CG  HG3  sing N N 156 
GLU   CD  OE1  doub N N 157 
GLU   CD  OE2  sing N N 158 
GLU   OE2 HE2  sing N N 159 
GLU   OXT HXT  sing N N 160 
GLY   N   CA   sing N N 161 
GLY   N   H    sing N N 162 
GLY   N   H2   sing N N 163 
GLY   CA  C    sing N N 164 
GLY   CA  HA2  sing N N 165 
GLY   CA  HA3  sing N N 166 
GLY   C   O    doub N N 167 
GLY   C   OXT  sing N N 168 
GLY   OXT HXT  sing N N 169 
HIS   N   CA   sing N N 170 
HIS   N   H    sing N N 171 
HIS   N   H2   sing N N 172 
HIS   CA  C    sing N N 173 
HIS   CA  CB   sing N N 174 
HIS   CA  HA   sing N N 175 
HIS   C   O    doub N N 176 
HIS   C   OXT  sing N N 177 
HIS   CB  CG   sing N N 178 
HIS   CB  HB2  sing N N 179 
HIS   CB  HB3  sing N N 180 
HIS   CG  ND1  sing Y N 181 
HIS   CG  CD2  doub Y N 182 
HIS   ND1 CE1  doub Y N 183 
HIS   ND1 HD1  sing N N 184 
HIS   CD2 NE2  sing Y N 185 
HIS   CD2 HD2  sing N N 186 
HIS   CE1 NE2  sing Y N 187 
HIS   CE1 HE1  sing N N 188 
HIS   NE2 HE2  sing N N 189 
HIS   OXT HXT  sing N N 190 
HOH   O   H1   sing N N 191 
HOH   O   H2   sing N N 192 
ILE   N   CA   sing N N 193 
ILE   N   H    sing N N 194 
ILE   N   H2   sing N N 195 
ILE   CA  C    sing N N 196 
ILE   CA  CB   sing N N 197 
ILE   CA  HA   sing N N 198 
ILE   C   O    doub N N 199 
ILE   C   OXT  sing N N 200 
ILE   CB  CG1  sing N N 201 
ILE   CB  CG2  sing N N 202 
ILE   CB  HB   sing N N 203 
ILE   CG1 CD1  sing N N 204 
ILE   CG1 HG12 sing N N 205 
ILE   CG1 HG13 sing N N 206 
ILE   CG2 HG21 sing N N 207 
ILE   CG2 HG22 sing N N 208 
ILE   CG2 HG23 sing N N 209 
ILE   CD1 HD11 sing N N 210 
ILE   CD1 HD12 sing N N 211 
ILE   CD1 HD13 sing N N 212 
ILE   OXT HXT  sing N N 213 
LEU   N   CA   sing N N 214 
LEU   N   H    sing N N 215 
LEU   N   H2   sing N N 216 
LEU   CA  C    sing N N 217 
LEU   CA  CB   sing N N 218 
LEU   CA  HA   sing N N 219 
LEU   C   O    doub N N 220 
LEU   C   OXT  sing N N 221 
LEU   CB  CG   sing N N 222 
LEU   CB  HB2  sing N N 223 
LEU   CB  HB3  sing N N 224 
LEU   CG  CD1  sing N N 225 
LEU   CG  CD2  sing N N 226 
LEU   CG  HG   sing N N 227 
LEU   CD1 HD11 sing N N 228 
LEU   CD1 HD12 sing N N 229 
LEU   CD1 HD13 sing N N 230 
LEU   CD2 HD21 sing N N 231 
LEU   CD2 HD22 sing N N 232 
LEU   CD2 HD23 sing N N 233 
LEU   OXT HXT  sing N N 234 
LYS   N   CA   sing N N 235 
LYS   N   H    sing N N 236 
LYS   N   H2   sing N N 237 
LYS   CA  C    sing N N 238 
LYS   CA  CB   sing N N 239 
LYS   CA  HA   sing N N 240 
LYS   C   O    doub N N 241 
LYS   C   OXT  sing N N 242 
LYS   CB  CG   sing N N 243 
LYS   CB  HB2  sing N N 244 
LYS   CB  HB3  sing N N 245 
LYS   CG  CD   sing N N 246 
LYS   CG  HG2  sing N N 247 
LYS   CG  HG3  sing N N 248 
LYS   CD  CE   sing N N 249 
LYS   CD  HD2  sing N N 250 
LYS   CD  HD3  sing N N 251 
LYS   CE  NZ   sing N N 252 
LYS   CE  HE2  sing N N 253 
LYS   CE  HE3  sing N N 254 
LYS   NZ  HZ1  sing N N 255 
LYS   NZ  HZ2  sing N N 256 
LYS   NZ  HZ3  sing N N 257 
LYS   OXT HXT  sing N N 258 
MET   N   CA   sing N N 259 
MET   N   H    sing N N 260 
MET   N   H2   sing N N 261 
MET   CA  C    sing N N 262 
MET   CA  CB   sing N N 263 
MET   CA  HA   sing N N 264 
MET   C   O    doub N N 265 
MET   C   OXT  sing N N 266 
MET   CB  CG   sing N N 267 
MET   CB  HB2  sing N N 268 
MET   CB  HB3  sing N N 269 
MET   CG  SD   sing N N 270 
MET   CG  HG2  sing N N 271 
MET   CG  HG3  sing N N 272 
MET   SD  CE   sing N N 273 
MET   CE  HE1  sing N N 274 
MET   CE  HE2  sing N N 275 
MET   CE  HE3  sing N N 276 
MET   OXT HXT  sing N N 277 
PHE   N   CA   sing N N 278 
PHE   N   H    sing N N 279 
PHE   N   H2   sing N N 280 
PHE   CA  C    sing N N 281 
PHE   CA  CB   sing N N 282 
PHE   CA  HA   sing N N 283 
PHE   C   O    doub N N 284 
PHE   C   OXT  sing N N 285 
PHE   CB  CG   sing N N 286 
PHE   CB  HB2  sing N N 287 
PHE   CB  HB3  sing N N 288 
PHE   CG  CD1  doub Y N 289 
PHE   CG  CD2  sing Y N 290 
PHE   CD1 CE1  sing Y N 291 
PHE   CD1 HD1  sing N N 292 
PHE   CD2 CE2  doub Y N 293 
PHE   CD2 HD2  sing N N 294 
PHE   CE1 CZ   doub Y N 295 
PHE   CE1 HE1  sing N N 296 
PHE   CE2 CZ   sing Y N 297 
PHE   CE2 HE2  sing N N 298 
PHE   CZ  HZ   sing N N 299 
PHE   OXT HXT  sing N N 300 
PRO   N   CA   sing N N 301 
PRO   N   CD   sing N N 302 
PRO   N   H    sing N N 303 
PRO   CA  C    sing N N 304 
PRO   CA  CB   sing N N 305 
PRO   CA  HA   sing N N 306 
PRO   C   O    doub N N 307 
PRO   C   OXT  sing N N 308 
PRO   CB  CG   sing N N 309 
PRO   CB  HB2  sing N N 310 
PRO   CB  HB3  sing N N 311 
PRO   CG  CD   sing N N 312 
PRO   CG  HG2  sing N N 313 
PRO   CG  HG3  sing N N 314 
PRO   CD  HD2  sing N N 315 
PRO   CD  HD3  sing N N 316 
PRO   OXT HXT  sing N N 317 
SER   N   CA   sing N N 318 
SER   N   H    sing N N 319 
SER   N   H2   sing N N 320 
SER   CA  C    sing N N 321 
SER   CA  CB   sing N N 322 
SER   CA  HA   sing N N 323 
SER   C   O    doub N N 324 
SER   C   OXT  sing N N 325 
SER   CB  OG   sing N N 326 
SER   CB  HB2  sing N N 327 
SER   CB  HB3  sing N N 328 
SER   OG  HG   sing N N 329 
SER   OXT HXT  sing N N 330 
SO4   S   O1   doub N N 331 
SO4   S   O2   doub N N 332 
SO4   S   O3   sing N N 333 
SO4   S   O4   sing N N 334 
THR   N   CA   sing N N 335 
THR   N   H    sing N N 336 
THR   N   H2   sing N N 337 
THR   CA  C    sing N N 338 
THR   CA  CB   sing N N 339 
THR   CA  HA   sing N N 340 
THR   C   O    doub N N 341 
THR   C   OXT  sing N N 342 
THR   CB  OG1  sing N N 343 
THR   CB  CG2  sing N N 344 
THR   CB  HB   sing N N 345 
THR   OG1 HG1  sing N N 346 
THR   CG2 HG21 sing N N 347 
THR   CG2 HG22 sing N N 348 
THR   CG2 HG23 sing N N 349 
THR   OXT HXT  sing N N 350 
TRP   N   CA   sing N N 351 
TRP   N   H    sing N N 352 
TRP   N   H2   sing N N 353 
TRP   CA  C    sing N N 354 
TRP   CA  CB   sing N N 355 
TRP   CA  HA   sing N N 356 
TRP   C   O    doub N N 357 
TRP   C   OXT  sing N N 358 
TRP   CB  CG   sing N N 359 
TRP   CB  HB2  sing N N 360 
TRP   CB  HB3  sing N N 361 
TRP   CG  CD1  doub Y N 362 
TRP   CG  CD2  sing Y N 363 
TRP   CD1 NE1  sing Y N 364 
TRP   CD1 HD1  sing N N 365 
TRP   CD2 CE2  doub Y N 366 
TRP   CD2 CE3  sing Y N 367 
TRP   NE1 CE2  sing Y N 368 
TRP   NE1 HE1  sing N N 369 
TRP   CE2 CZ2  sing Y N 370 
TRP   CE3 CZ3  doub Y N 371 
TRP   CE3 HE3  sing N N 372 
TRP   CZ2 CH2  doub Y N 373 
TRP   CZ2 HZ2  sing N N 374 
TRP   CZ3 CH2  sing Y N 375 
TRP   CZ3 HZ3  sing N N 376 
TRP   CH2 HH2  sing N N 377 
TRP   OXT HXT  sing N N 378 
TYR   N   CA   sing N N 379 
TYR   N   H    sing N N 380 
TYR   N   H2   sing N N 381 
TYR   CA  C    sing N N 382 
TYR   CA  CB   sing N N 383 
TYR   CA  HA   sing N N 384 
TYR   C   O    doub N N 385 
TYR   C   OXT  sing N N 386 
TYR   CB  CG   sing N N 387 
TYR   CB  HB2  sing N N 388 
TYR   CB  HB3  sing N N 389 
TYR   CG  CD1  doub Y N 390 
TYR   CG  CD2  sing Y N 391 
TYR   CD1 CE1  sing Y N 392 
TYR   CD1 HD1  sing N N 393 
TYR   CD2 CE2  doub Y N 394 
TYR   CD2 HD2  sing N N 395 
TYR   CE1 CZ   doub Y N 396 
TYR   CE1 HE1  sing N N 397 
TYR   CE2 CZ   sing Y N 398 
TYR   CE2 HE2  sing N N 399 
TYR   CZ  OH   sing N N 400 
TYR   OH  HH   sing N N 401 
TYR   OXT HXT  sing N N 402 
VAL   N   CA   sing N N 403 
VAL   N   H    sing N N 404 
VAL   N   H2   sing N N 405 
VAL   CA  C    sing N N 406 
VAL   CA  CB   sing N N 407 
VAL   CA  HA   sing N N 408 
VAL   C   O    doub N N 409 
VAL   C   OXT  sing N N 410 
VAL   CB  CG1  sing N N 411 
VAL   CB  CG2  sing N N 412 
VAL   CB  HB   sing N N 413 
VAL   CG1 HG11 sing N N 414 
VAL   CG1 HG12 sing N N 415 
VAL   CG1 HG13 sing N N 416 
VAL   CG2 HG21 sing N N 417 
VAL   CG2 HG22 sing N N 418 
VAL   CG2 HG23 sing N N 419 
VAL   OXT HXT  sing N N 420 
# 
_pdbx_audit_support.funding_organization   
'National Institutes of Health/National Institute Of Allergy and Infectious Diseases (NIH/NIAID)' 
_pdbx_audit_support.country                'United States' 
_pdbx_audit_support.grant_number           U19AI171399 
_pdbx_audit_support.ordinal                1 
# 
_pdbx_deposit_group.group_id            G_1002288 
_pdbx_deposit_group.group_description   'Crystallographic fragment screening of Coxsackievirus A16 (G-10) 2A protease' 
_pdbx_deposit_group.group_title         
'Group deposition for crystallographic fragment screening of Coxsackievirus A16 (G-10) 2A protease' 
_pdbx_deposit_group.group_type          'changed state' 
# 
_atom_sites.entry_id                    7H2U 
_atom_sites.fract_transf_matrix[1][1]   0.00249838 
_atom_sites.fract_transf_matrix[1][2]   -0.01107329 
_atom_sites.fract_transf_matrix[1][3]   -0.00250539 
_atom_sites.fract_transf_matrix[2][1]   -0.01728587 
_atom_sites.fract_transf_matrix[2][2]   -0.00333713 
_atom_sites.fract_transf_matrix[2][3]   -0.00248812 
_atom_sites.fract_transf_matrix[3][1]   0.00351809 
_atom_sites.fract_transf_matrix[3][2]   0.00447015 
_atom_sites.fract_transf_matrix[3][3]   -0.03043699 
_atom_sites.fract_transf_vector[1]      0.185328 
_atom_sites.fract_transf_vector[2]      0.123972 
_atom_sites.fract_transf_vector[3]      0.452113 
# 
loop_
_atom_type.symbol 
C  
N  
O  
S  
ZN 
# 
loop_
_atom_site.group_PDB 
_atom_site.id 
_atom_site.type_symbol 
_atom_site.label_atom_id 
_atom_site.label_alt_id 
_atom_site.label_comp_id 
_atom_site.label_asym_id 
_atom_site.label_entity_id 
_atom_site.label_seq_id 
_atom_site.pdbx_PDB_ins_code 
_atom_site.Cartn_x 
_atom_site.Cartn_y 
_atom_site.Cartn_z 
_atom_site.occupancy 
_atom_site.B_iso_or_equiv 
_atom_site.pdbx_formal_charge 
_atom_site.auth_seq_id 
_atom_site.auth_comp_id 
_atom_site.auth_asym_id 
_atom_site.auth_atom_id 
_atom_site.pdbx_PDB_model_num 
ATOM   1    N  N   . SER   A 1 7   ? 2.327   -1.631  -10.375 1.00 13.66 ? 7   SER   A N   1 
ATOM   2    C  CA  . SER   A 1 7   ? 2.366   -2.952  -9.742  1.00 12.90 ? 7   SER   A CA  1 
ATOM   3    C  C   . SER   A 1 7   ? 3.394   -2.970  -8.613  1.00 12.51 ? 7   SER   A C   1 
ATOM   4    O  O   . SER   A 1 7   ? 4.248   -2.061  -8.515  1.00 13.84 ? 7   SER   A O   1 
ATOM   5    C  CB  . SER   A 1 7   ? 2.685   -4.002  -10.766 1.00 16.40 ? 7   SER   A CB  1 
ATOM   6    O  OG  . SER   A 1 7   ? 3.966   -3.723  -11.287 1.00 19.26 ? 7   SER   A OG  1 
ATOM   7    N  N   . GLY   A 1 8   ? 3.273   -3.941  -7.746  1.00 12.22 ? 8   GLY   A N   1 
ATOM   8    C  CA  . GLY   A 1 8   ? 4.219   -4.153  -6.666  1.00 12.19 ? 8   GLY   A CA  1 
ATOM   9    C  C   . GLY   A 1 8   ? 3.580   -4.794  -5.474  1.00 12.06 ? 8   GLY   A C   1 
ATOM   10   O  O   . GLY   A 1 8   ? 2.380   -4.707  -5.289  1.00 13.02 ? 8   GLY   A O   1 
ATOM   11   N  N   . ALA   A 1 9   ? 4.407   -5.379  -4.638  1.00 11.92 ? 9   ALA   A N   1 
ATOM   12   C  CA  . ALA   A 1 9   ? 3.930   -6.049  -3.438  1.00 11.49 ? 9   ALA   A CA  1 
ATOM   13   C  C   . ALA   A 1 9   ? 4.915   -5.857  -2.292  1.00 10.34 ? 9   ALA   A C   1 
ATOM   14   O  O   . ALA   A 1 9   ? 6.089   -5.489  -2.545  1.00 11.78 ? 9   ALA   A O   1 
ATOM   15   C  CB  . ALA   A 1 9   ? 3.712   -7.518  -3.671  1.00 13.46 ? 9   ALA   A CB  1 
ATOM   16   N  N   . ILE   A 1 10  ? 4.458   -6.143  -1.103  1.00 10.41 ? 10  ILE   A N   1 
ATOM   17   C  CA  . ILE   A 1 10  ? 5.291   -6.274  0.100   1.00 11.35 ? 10  ILE   A CA  1 
ATOM   18   C  C   . ILE   A 1 10  ? 5.452   -7.747  0.364   1.00 12.01 ? 10  ILE   A C   1 
ATOM   19   O  O   . ILE   A 1 10  ? 4.447   -8.454  0.385   1.00 12.18 ? 10  ILE   A O   1 
ATOM   20   C  CB  . ILE   A 1 10  ? 4.707   -5.577  1.346   1.00 10.38 ? 10  ILE   A CB  1 
ATOM   21   C  CG1 . ILE   A 1 10  ? 4.265   -4.141  1.048   1.00 10.72 ? 10  ILE   A CG1 1 
ATOM   22   C  CG2 . ILE   A 1 10  ? 5.736   -5.627  2.488   1.00 11.36 ? 10  ILE   A CG2 1 
ATOM   23   C  CD1 . ILE   A 1 10  ? 3.377   -3.586  2.150   1.00 11.01 ? 10  ILE   A CD1 1 
ATOM   24   N  N   . TYR   A 1 11  ? 6.689   -8.170  0.606   1.00 12.85 ? 11  TYR   A N   1 
ATOM   25   C  CA  . TYR   A 1 11  ? 7.022   -9.577  0.939   1.00 13.58 ? 11  TYR   A CA  1 
ATOM   26   C  C   . TYR   A 1 11  ? 7.579   -9.648  2.349   1.00 13.23 ? 11  TYR   A C   1 
ATOM   27   O  O   . TYR   A 1 11  ? 8.742   -9.394  2.514   1.00 13.43 ? 11  TYR   A O   1 
ATOM   28   C  CB  . TYR   A 1 11  ? 7.974   -10.136 -0.122  1.00 13.70 ? 11  TYR   A CB  1 
ATOM   29   C  CG  . TYR   A 1 11  ? 7.296   -10.243 -1.475  1.00 12.99 ? 11  TYR   A CG  1 
ATOM   30   C  CD1 . TYR   A 1 11  ? 6.470   -11.332 -1.741  1.00 14.06 ? 11  TYR   A CD1 1 
ATOM   31   C  CD2 . TYR   A 1 11  ? 7.482   -9.303  -2.452  1.00 16.44 ? 11  TYR   A CD2 1 
ATOM   32   C  CE1 . TYR   A 1 11  ? 5.787   -11.434 -2.948  1.00 13.97 ? 11  TYR   A CE1 1 
ATOM   33   C  CE2 . TYR   A 1 11  ? 6.817   -9.400  -3.657  1.00 15.37 ? 11  TYR   A CE2 1 
ATOM   34   C  CZ  . TYR   A 1 11  ? 5.990   -10.467 -3.907  1.00 15.52 ? 11  TYR   A CZ  1 
ATOM   35   O  OH  . TYR   A 1 11  ? 5.390   -10.512 -5.140  1.00 16.33 ? 11  TYR   A OH  1 
ATOM   36   N  N   . VAL   A 1 12  ? 6.719   -9.925  3.291   1.00 13.09 ? 12  VAL   A N   1 
ATOM   37   C  CA  . VAL   A 1 12  ? 7.084   -10.002 4.739   1.00 13.14 ? 12  VAL   A CA  1 
ATOM   38   C  C   . VAL   A 1 12  ? 6.796   -11.414 5.207   1.00 13.86 ? 12  VAL   A C   1 
ATOM   39   O  O   . VAL   A 1 12  ? 5.678   -11.904 5.046   1.00 14.41 ? 12  VAL   A O   1 
ATOM   40   C  CB  . VAL   A 1 12  ? 6.343   -8.950  5.610   1.00 13.51 ? 12  VAL   A CB  1 
ATOM   41   C  CG1 . VAL   A 1 12  ? 4.842   -8.930  5.465   1.00 13.48 ? 12  VAL   A CG1 1 
ATOM   42   C  CG2 . VAL   A 1 12  ? 6.771   -9.088  7.064   1.00 13.94 ? 12  VAL   A CG2 1 
ATOM   43   N  N   . GLY   A 1 13  ? 7.794   -12.083 5.791   1.00 14.67 ? 13  GLY   A N   1 
ATOM   44   C  CA  . GLY   A 1 13  ? 7.530   -13.448 6.261   1.00 14.95 ? 13  GLY   A CA  1 
ATOM   45   C  C   . GLY   A 1 13  ? 7.044   -14.324 5.111   1.00 13.14 ? 13  GLY   A C   1 
ATOM   46   O  O   . GLY   A 1 13  ? 7.621   -14.268 4.059   1.00 14.65 ? 13  GLY   A O   1 
ATOM   47   N  N   . ASN   A 1 14  ? 5.978   -15.050 5.381   1.00 15.20 ? 14  ASN   A N   1 
ATOM   48   C  CA  . ASN   A 1 14  ? 5.346   -15.871 4.328   1.00 15.61 ? 14  ASN   A CA  1 
ATOM   49   C  C   . ASN   A 1 14  ? 4.085   -15.197 3.795   1.00 15.95 ? 14  ASN   A C   1 
ATOM   50   O  O   . ASN   A 1 14  ? 3.124   -15.895 3.458   1.00 16.49 ? 14  ASN   A O   1 
ATOM   51   C  CB  . ASN   A 1 14  ? 5.119   -17.328 4.743   1.00 16.43 ? 14  ASN   A CB  1 
ATOM   52   C  CG  . ASN   A 1 14  ? 6.404   -18.136 4.792   1.00 18.20 ? 14  ASN   A CG  1 
ATOM   53   O  OD1 . ASN   A 1 14  ? 6.825   -18.736 3.785   1.00 23.23 ? 14  ASN   A OD1 1 
ATOM   54   N  ND2 . ASN   A 1 14  ? 7.066   -18.057 5.925   1.00 15.62 ? 14  ASN   A ND2 1 
ATOM   55   N  N   . TYR   A 1 15  ? 4.078   -13.865 3.753   1.00 13.75 ? 15  TYR   A N   1 
ATOM   56   C  CA  . TYR   A 1 15  ? 2.898   -13.093 3.287   1.00 12.65 ? 15  TYR   A CA  1 
ATOM   57   C  C   . TYR   A 1 15  ? 3.328   -12.243 2.107   1.00 12.03 ? 15  TYR   A C   1 
ATOM   58   O  O   . TYR   A 1 15  ? 4.458   -11.731 2.012   1.00 13.11 ? 15  TYR   A O   1 
ATOM   59   C  CB  . TYR   A 1 15  ? 2.374   -12.163 4.378   1.00 13.59 ? 15  TYR   A CB  1 
ATOM   60   C  CG  . TYR   A 1 15  ? 1.890   -12.865 5.606   1.00 13.74 ? 15  TYR   A CG  1 
ATOM   61   C  CD1 . TYR   A 1 15  ? 0.856   -13.785 5.592   1.00 16.92 ? 15  TYR   A CD1 1 
ATOM   62   C  CD2 . TYR   A 1 15  ? 2.474   -12.577 6.827   1.00 16.15 ? 15  TYR   A CD2 1 
ATOM   63   C  CE1 . TYR   A 1 15  ? 0.423   -14.433 6.742   1.00 18.33 ? 15  TYR   A CE1 1 
ATOM   64   C  CE2 . TYR   A 1 15  ? 2.014   -13.162 7.989   1.00 17.00 ? 15  TYR   A CE2 1 
ATOM   65   C  CZ  . TYR   A 1 15  ? 1.021   -14.115 7.952   1.00 20.54 ? 15  TYR   A CZ  1 
ATOM   66   O  OH  . TYR   A 1 15  ? 0.623   -14.719 9.112   1.00 22.79 ? 15  TYR   A OH  1 
ATOM   67   N  N   . ARG   A 1 16  ? 2.382   -12.087 1.169   1.00 12.27 ? 16  ARG   A N   1 
ATOM   68   C  CA  . ARG   A 1 16  ? 2.459   -11.176 0.040   1.00 12.03 ? 16  ARG   A CA  1 
ATOM   69   C  C   . ARG   A 1 16  ? 1.321   -10.186 0.208   1.00 11.79 ? 16  ARG   A C   1 
ATOM   70   O  O   . ARG   A 1 16  ? 0.156   -10.598 0.260   1.00 12.69 ? 16  ARG   A O   1 
ATOM   71   C  CB  . ARG   A 1 16  ? 2.360   -11.957 -1.281  1.00 12.27 ? 16  ARG   A CB  1 
ATOM   72   C  CG  . ARG   A 1 16  ? 2.057   -11.120 -2.508  1.00 12.64 ? 16  ARG   A CG  1 
ATOM   73   C  CD  . ARG   A 1 16  ? 2.118   -12.001 -3.774  1.00 13.13 ? 16  ARG   A CD  1 
ATOM   74   N  NE  . ARG   A 1 16  ? 1.170   -11.617 -4.808  1.00 12.61 ? 16  ARG   A NE  1 
ATOM   75   C  CZ  . ARG   A 1 16  ? 1.370   -10.789 -5.787  1.00 12.86 ? 16  ARG   A CZ  1 
ATOM   76   N  NH1 . ARG   A 1 16  ? 2.509   -10.138 -5.952  1.00 15.00 ? 16  ARG   A NH1 1 
ATOM   77   N  NH2 . ARG   A 1 16  ? 0.351   -10.556 -6.604  1.00 12.78 ? 16  ARG   A NH2 1 
ATOM   78   N  N   . VAL   A 1 17  ? 1.642   -8.895  0.264   1.00 10.99 ? 17  VAL   A N   1 
ATOM   79   C  CA  . VAL   A 1 17  ? 0.628   -7.831  0.432   1.00 10.03 ? 17  VAL   A CA  1 
ATOM   80   C  C   . VAL   A 1 17  ? 0.579   -7.088  -0.881  1.00 9.78  ? 17  VAL   A C   1 
ATOM   81   O  O   . VAL   A 1 17  ? 1.587   -6.545  -1.345  1.00 10.72 ? 17  VAL   A O   1 
ATOM   82   C  CB  . VAL   A 1 17  ? 1.041   -6.848  1.546   1.00 10.53 ? 17  VAL   A CB  1 
ATOM   83   C  CG1 . VAL   A 1 17  ? -0.128  -5.876  1.772   1.00 11.03 ? 17  VAL   A CG1 1 
ATOM   84   C  CG2 . VAL   A 1 17  ? 1.435   -7.582  2.822   1.00 11.71 ? 17  VAL   A CG2 1 
ATOM   85   N  N   . VAL   A 1 18  ? -0.613  -7.058  -1.458  1.00 9.61  ? 18  VAL   A N   1 
ATOM   86   C  CA  . VAL   A 1 18  ? -0.858  -6.433  -2.748  1.00 10.10 ? 18  VAL   A CA  1 
ATOM   87   C  C   . VAL   A 1 18  ? -2.072  -5.544  -2.663  1.00 9.66  ? 18  VAL   A C   1 
ATOM   88   O  O   . VAL   A 1 18  ? -2.926  -5.655  -1.789  1.00 10.20 ? 18  VAL   A O   1 
ATOM   89   C  CB  . VAL   A 1 18  ? -1.053  -7.462  -3.861  1.00 11.76 ? 18  VAL   A CB  1 
ATOM   90   C  CG1 . VAL   A 1 18  ? 0.271   -8.063  -4.221  1.00 14.26 ? 18  VAL   A CG1 1 
ATOM   91   C  CG2 . VAL   A 1 18  ? -2.177  -8.463  -3.637  1.00 11.15 ? 18  VAL   A CG2 1 
ATOM   92   N  N   . ASN   A 1 19  ? -2.141  -4.637  -3.617  1.00 9.29  ? 19  ASN   A N   1 
ATOM   93   C  CA  . ASN   A 1 19  ? -3.422  -3.922  -3.809  1.00 9.01  ? 19  ASN   A CA  1 
ATOM   94   C  C   . ASN   A 1 19  ? -4.523  -4.946  -4.098  1.00 9.63  ? 19  ASN   A C   1 
ATOM   95   O  O   . ASN   A 1 19  ? -4.345  -5.777  -5.007  1.00 9.87  ? 19  ASN   A O   1 
ATOM   96   C  CB  . ASN   A 1 19  ? -3.382  -2.920  -4.949  1.00 9.63  ? 19  ASN   A CB  1 
ATOM   97   C  CG  . ASN   A 1 19  ? -2.352  -1.844  -4.731  1.00 9.67  ? 19  ASN   A CG  1 
ATOM   98   O  OD1 . ASN   A 1 19  ? -1.214  -1.937  -5.191  1.00 10.53 ? 19  ASN   A OD1 1 
ATOM   99   N  ND2 . ASN   A 1 19  ? -2.741  -0.771  -4.065  1.00 10.63 ? 19  ASN   A ND2 1 
ATOM   100  N  N   . ARG   A 1 20  ? -5.658  -4.842  -3.423  1.00 8.85  ? 20  ARG   A N   1 
ATOM   101  C  CA  . ARG   A 1 20  ? -6.758  -5.787  -3.689  1.00 9.52  ? 20  ARG   A CA  1 
ATOM   102  C  C   . ARG   A 1 20  ? -7.142  -5.800  -5.161  1.00 9.26  ? 20  ARG   A C   1 
ATOM   103  O  O   . ARG   A 1 20  ? -7.410  -6.883  -5.735  1.00 10.16 ? 20  ARG   A O   1 
ATOM   104  C  CB  . ARG   A 1 20  ? -7.972  -5.469  -2.839  1.00 9.49  ? 20  ARG   A CB  1 
ATOM   105  C  CG  . ARG   A 1 20  ? -9.034  -6.565  -2.875  1.00 10.32 ? 20  ARG   A CG  1 
ATOM   106  C  CD  . ARG   A 1 20  ? -10.219 -6.145  -2.041  1.00 12.23 ? 20  ARG   A CD  1 
ATOM   107  N  NE  . ARG   A 1 20  ? -11.329 -7.120  -1.990  1.00 12.74 ? 20  ARG   A NE  1 
ATOM   108  C  CZ  . ARG   A 1 20  ? -12.280 -7.213  -2.894  1.00 13.92 ? 20  ARG   A CZ  1 
ATOM   109  N  NH1 . ARG   A 1 20  ? -12.249 -6.567  -4.038  1.00 15.84 ? 20  ARG   A NH1 1 
ATOM   110  N  NH2 . ARG   A 1 20  ? -13.273 -8.071  -2.652  1.00 15.90 ? 20  ARG   A NH2 1 
ATOM   111  N  N   . HIS   A 1 21  ? -7.141  -4.629  -5.802  1.00 9.62  ? 21  HIS   A N   1 
ATOM   112  C  CA  . HIS   A 1 21  ? -7.581  -4.543  -7.206  1.00 10.97 ? 21  HIS   A CA  1 
ATOM   113  C  C   . HIS   A 1 21  ? -6.575  -5.161  -8.141  1.00 10.79 ? 21  HIS   A C   1 
ATOM   114  O  O   . HIS   A 1 21  ? -6.919  -5.330  -9.327  1.00 12.78 ? 21  HIS   A O   1 
ATOM   115  C  CB  . HIS   A 1 21  ? -7.984  -3.115  -7.593  1.00 10.96 ? 21  HIS   A CB  1 
ATOM   116  C  CG  . HIS   A 1 21  ? -6.835  -2.161  -7.787  1.00 10.66 ? 21  HIS   A CG  1 
ATOM   117  N  ND1 . HIS   A 1 21  ? -6.281  -1.441  -6.749  1.00 10.66 ? 21  HIS   A ND1 1 
ATOM   118  C  CD2 . HIS   A 1 21  ? -6.144  -1.805  -8.914  1.00 10.49 ? 21  HIS   A CD2 1 
ATOM   119  C  CE1 . HIS   A 1 21  ? -5.271  -0.723  -7.227  1.00 10.63 ? 21  HIS   A CE1 1 
ATOM   120  N  NE2 . HIS   A 1 21  ? -5.175  -0.886  -8.553  1.00 11.60 ? 21  HIS   A NE2 1 
ATOM   121  N  N   . LEU   A 1 22  ? -5.373  -5.468  -7.715  1.00 9.72  ? 22  LEU   A N   1 
ATOM   122  C  CA  . LEU   A 1 22  ? -4.345  -6.120  -8.539  1.00 10.24 ? 22  LEU   A CA  1 
ATOM   123  C  C   . LEU   A 1 22  ? -4.109  -7.559  -8.131  1.00 10.45 ? 22  LEU   A C   1 
ATOM   124  O  O   . LEU   A 1 22  ? -3.229  -8.194  -8.707  1.00 11.30 ? 22  LEU   A O   1 
ATOM   125  C  CB  . LEU   A 1 22  ? -3.064  -5.310  -8.477  1.00 10.68 ? 22  LEU   A CB  1 
ATOM   126  C  CG  . LEU   A 1 22  ? -3.149  -3.899  -9.069  1.00 10.79 ? 22  LEU   A CG  1 
ATOM   127  C  CD1 . LEU   A 1 22  ? -1.827  -3.171  -8.968  1.00 11.29 ? 22  LEU   A CD1 1 
ATOM   128  C  CD2 . LEU   A 1 22  ? -3.639  -3.889  -10.514 1.00 11.41 ? 22  LEU   A CD2 1 
ATOM   129  N  N   . ALA   A 1 23  ? -4.862  -8.050  -7.179  1.00 10.27 ? 23  ALA   A N   1 
ATOM   130  C  CA  . ALA   A 1 23  ? -4.656  -9.439  -6.724  1.00 10.52 ? 23  ALA   A CA  1 
ATOM   131  C  C   . ALA   A 1 23  ? -4.962  -10.431 -7.860  1.00 11.12 ? 23  ALA   A C   1 
ATOM   132  O  O   . ALA   A 1 23  ? -5.901  -10.213 -8.651  1.00 12.00 ? 23  ALA   A O   1 
ATOM   133  C  CB  . ALA   A 1 23  ? -5.544  -9.736  -5.541  1.00 11.00 ? 23  ALA   A CB  1 
ATOM   134  N  N   . THR   A 1 24  ? -4.190  -11.474 -7.917  1.00 11.12 ? 24  THR   A N   1 
ATOM   135  C  CA  . THR   A 1 24  ? -4.344  -12.500 -8.963  1.00 11.94 ? 24  THR   A CA  1 
ATOM   136  C  C   . THR   A 1 24  ? -5.258  -13.616 -8.498  1.00 11.68 ? 24  THR   A C   1 
ATOM   137  O  O   . THR   A 1 24  ? -5.646  -13.716 -7.341  1.00 11.42 ? 24  THR   A O   1 
ATOM   138  C  CB  . THR   A 1 24  ? -2.973  -13.078 -9.321  1.00 12.16 ? 24  THR   A CB  1 
ATOM   139  O  OG1 . THR   A 1 24  ? -2.485  -13.785 -8.197  1.00 13.66 ? 24  THR   A OG1 1 
ATOM   140  C  CG2 . THR   A 1 24  ? -1.954  -12.038 -9.735  1.00 13.77 ? 24  THR   A CG2 1 
ATOM   141  N  N   . HIS   A 1 25  ? -5.599  -14.523 -9.433  1.00 12.25 ? 25  HIS   A N   1 
ATOM   142  C  CA  . HIS   A 1 25  ? -6.325  -15.734 -9.008  1.00 12.93 ? 25  HIS   A CA  1 
ATOM   143  C  C   . HIS   A 1 25  ? -5.539  -16.529 -7.950  1.00 11.83 ? 25  HIS   A C   1 
ATOM   144  O  O   . HIS   A 1 25  ? -6.118  -16.984 -6.993  1.00 12.48 ? 25  HIS   A O   1 
ATOM   145  C  CB  . HIS   A 1 25  ? -6.656  -16.626 -10.223 1.00 14.43 ? 25  HIS   A CB  1 
ATOM   146  C  CG  . HIS   A 1 25  ? -7.038  -18.036 -9.825  1.00 17.85 ? 25  HIS   A CG  1 
ATOM   147  N  ND1 . HIS   A 1 25  ? -8.268  -18.376 -9.288  1.00 17.07 ? 25  HIS   A ND1 1 
ATOM   148  C  CD2 . HIS   A 1 25  ? -6.285  -19.173 -9.737  1.00 20.85 ? 25  HIS   A CD2 1 
ATOM   149  C  CE1 . HIS   A 1 25  ? -8.333  -19.654 -9.018  1.00 18.00 ? 25  HIS   A CE1 1 
ATOM   150  N  NE2 . HIS   A 1 25  ? -7.093  -20.171 -9.221  1.00 20.52 ? 25  HIS   A NE2 1 
ATOM   151  N  N   . ASN   A 1 26  ? -4.229  -16.654 -8.134  1.00 12.54 ? 26  ASN   A N   1 
ATOM   152  C  CA  . ASN   A 1 26  ? -3.414  -17.406 -7.155  1.00 13.58 ? 26  ASN   A CA  1 
ATOM   153  C  C   . ASN   A 1 26  ? -3.480  -16.709 -5.793  1.00 12.16 ? 26  ASN   A C   1 
ATOM   154  O  O   . ASN   A 1 26  ? -3.501  -17.354 -4.770  1.00 12.86 ? 26  ASN   A O   1 
ATOM   155  C  CB  . ASN   A 1 26  ? -1.958  -17.488 -7.605  1.00 16.54 ? 26  ASN   A CB  1 
ATOM   156  C  CG  . ASN   A 1 26  ? -1.135  -18.356 -6.679  1.00 22.39 ? 26  ASN   A CG  1 
ATOM   157  O  OD1 . ASN   A 1 26  ? -1.280  -19.585 -6.701  1.00 26.37 ? 26  ASN   A OD1 1 
ATOM   158  N  ND2 . ASN   A 1 26  ? -0.369  -17.741 -5.792  1.00 23.64 ? 26  ASN   A ND2 1 
ATOM   159  N  N   . ASP   A 1 27  ? -3.491  -15.380 -5.767  1.00 11.76 ? 27  ASP   A N   1 
ATOM   160  C  CA  . ASP   A 1 27  ? -3.642  -14.661 -4.486  1.00 11.48 ? 27  ASP   A CA  1 
ATOM   161  C  C   . ASP   A 1 27  ? -4.929  -15.090 -3.794  1.00 10.50 ? 27  ASP   A C   1 
ATOM   162  O  O   . ASP   A 1 27  ? -4.958  -15.362 -2.593  1.00 11.54 ? 27  ASP   A O   1 
ATOM   163  C  CB  . ASP   A 1 27  ? -3.619  -13.136 -4.674  1.00 11.16 ? 27  ASP   A CB  1 
ATOM   164  C  CG  . ASP   A 1 27  ? -2.250  -12.568 -5.009  1.00 11.53 ? 27  ASP   A CG  1 
ATOM   165  O  OD1 . ASP   A 1 27  ? -1.224  -13.067 -4.443  1.00 12.89 ? 27  ASP   A OD1 1 
ATOM   166  O  OD2 . ASP   A 1 27  ? -2.166  -11.649 -5.838  1.00 11.82 ? 27  ASP   A OD2 1 
ATOM   167  N  N   . TRP   A 1 28  ? -6.054  -15.019 -4.538  1.00 10.55 ? 28  TRP   A N   1 
ATOM   168  C  CA  . TRP   A 1 28  ? -7.375  -15.359 -3.988  1.00 10.74 ? 28  TRP   A CA  1 
ATOM   169  C  C   . TRP   A 1 28  ? -7.407  -16.824 -3.573  1.00 10.38 ? 28  TRP   A C   1 
ATOM   170  O  O   . TRP   A 1 28  ? -8.063  -17.110 -2.635  1.00 11.95 ? 28  TRP   A O   1 
ATOM   171  C  CB  . TRP   A 1 28  ? -8.490  -15.032 -4.980  1.00 11.13 ? 28  TRP   A CB  1 
ATOM   172  C  CG  . TRP   A 1 28  ? -8.829  -13.572 -5.053  1.00 10.65 ? 28  TRP   A CG  1 
ATOM   173  C  CD1 . TRP   A 1 28  ? -8.450  -12.634 -5.965  1.00 11.05 ? 28  TRP   A CD1 1 
ATOM   174  C  CD2 . TRP   A 1 28  ? -9.653  -12.903 -4.088  1.00 10.02 ? 28  TRP   A CD2 1 
ATOM   175  N  NE1 . TRP   A 1 28  ? -9.028  -11.434 -5.646  1.00 10.65 ? 28  TRP   A NE1 1 
ATOM   176  C  CE2 . TRP   A 1 28  ? -9.756  -11.550 -4.502  1.00 9.77  ? 28  TRP   A CE2 1 
ATOM   177  C  CE3 . TRP   A 1 28  ? -10.351 -13.326 -2.932  1.00 10.12 ? 28  TRP   A CE3 1 
ATOM   178  C  CZ2 . TRP   A 1 28  ? -10.565 -10.644 -3.826  1.00 10.70 ? 28  TRP   A CZ2 1 
ATOM   179  C  CZ3 . TRP   A 1 28  ? -11.124 -12.413 -2.259  1.00 10.79 ? 28  TRP   A CZ3 1 
ATOM   180  C  CH2 . TRP   A 1 28  ? -11.191 -11.082 -2.684  1.00 11.27 ? 28  TRP   A CH2 1 
ATOM   181  N  N   . ALA   A 1 29  ? -6.724  -17.708 -4.299  1.00 11.21 ? 29  ALA   A N   1 
ATOM   182  C  CA  . ALA   A 1 29  ? -6.724  -19.145 -3.970  1.00 12.23 ? 29  ALA   A CA  1 
ATOM   183  C  C   . ALA   A 1 29  ? -5.851  -19.421 -2.760  1.00 12.89 ? 29  ALA   A C   1 
ATOM   184  O  O   . ALA   A 1 29  ? -5.935  -20.559 -2.190  1.00 15.10 ? 29  ALA   A O   1 
ATOM   185  C  CB  . ALA   A 1 29  ? -6.225  -19.924 -5.158  1.00 13.21 ? 29  ALA   A CB  1 
ATOM   186  N  N   . ASN   A 1 30  ? -4.998  -18.469 -2.372  1.00 12.81 ? 30  ASN   A N   1 
ATOM   187  C  CA  . ASN   A 1 30  ? -4.089  -18.601 -1.196  1.00 13.26 ? 30  ASN   A CA  1 
ATOM   188  C  C   . ASN   A 1 30  ? -4.374  -17.468 -0.224  1.00 13.66 ? 30  ASN   A C   1 
ATOM   189  O  O   . ASN   A 1 30  ? -3.418  -16.909 0.402   1.00 14.03 ? 30  ASN   A O   1 
ATOM   190  C  CB  . ASN   A 1 30  ? -2.656  -18.650 -1.690  1.00 14.56 ? 30  ASN   A CB  1 
ATOM   191  C  CG  . ASN   A 1 30  ? -2.388  -19.944 -2.436  1.00 16.92 ? 30  ASN   A CG  1 
ATOM   192  O  OD1 . ASN   A 1 30  ? -2.163  -20.989 -1.829  1.00 20.27 ? 30  ASN   A OD1 1 
ATOM   193  N  ND2 . ASN   A 1 30  ? -2.402  -19.881 -3.734  1.00 17.57 ? 30  ASN   A ND2 1 
ATOM   194  N  N   . LEU   A 1 31  ? -5.604  -17.048 -0.104  1.00 12.66 ? 31  LEU   A N   1 
ATOM   195  C  CA  . LEU   A 1 31  ? -5.971  -15.810 0.606   1.00 12.41 ? 31  LEU   A CA  1 
ATOM   196  C  C   . LEU   A 1 31  ? -5.713  -15.957 2.091   1.00 13.79 ? 31  LEU   A C   1 
ATOM   197  O  O   . LEU   A 1 31  ? -6.054  -16.985 2.691   1.00 15.29 ? 31  LEU   A O   1 
ATOM   198  C  CB  . LEU   A 1 31  ? -7.461  -15.587 0.411   1.00 12.76 ? 31  LEU   A CB  1 
ATOM   199  C  CG  . LEU   A 1 31  ? -8.014  -14.317 1.066   1.00 12.38 ? 31  LEU   A CG  1 
ATOM   200  C  CD1 . LEU   A 1 31  ? -7.386  -13.063 0.508   1.00 14.75 ? 31  LEU   A CD1 1 
ATOM   201  C  CD2 . LEU   A 1 31  ? -9.528  -14.282 0.942   1.00 13.41 ? 31  LEU   A CD2 1 
ATOM   202  N  N   . VAL   A 1 32  ? -5.105  -14.927 2.688   1.00 12.83 ? 32  VAL   A N   1 
ATOM   203  C  CA  . VAL   A 1 32  ? -5.018  -14.772 4.162   1.00 14.10 ? 32  VAL   A CA  1 
ATOM   204  C  C   . VAL   A 1 32  ? -6.054  -13.761 4.648   1.00 14.21 ? 32  VAL   A C   1 
ATOM   205  O  O   . VAL   A 1 32  ? -6.737  -14.021 5.636   1.00 15.66 ? 32  VAL   A O   1 
ATOM   206  C  CB  . VAL   A 1 32  ? -3.586  -14.387 4.536   1.00 14.14 ? 32  VAL   A CB  1 
ATOM   207  C  CG1 . VAL   A 1 32  ? -3.449  -14.087 6.031   1.00 15.40 ? 32  VAL   A CG1 1 
ATOM   208  C  CG2 . VAL   A 1 32  ? -2.605  -15.473 4.118   1.00 15.32 ? 32  VAL   A CG2 1 
ATOM   209  N  N   . TRP   A 1 33  ? -6.204  -12.609 4.003   1.00 12.54 ? 33  TRP   A N   1 
ATOM   210  C  CA  . TRP   A 1 33  ? -7.036  -11.507 4.510   1.00 12.67 ? 33  TRP   A CA  1 
ATOM   211  C  C   . TRP   A 1 33  ? -7.231  -10.512 3.361   1.00 11.67 ? 33  TRP   A C   1 
ATOM   212  O  O   . TRP   A 1 33  ? -6.287  -10.311 2.584   1.00 12.28 ? 33  TRP   A O   1 
ATOM   213  C  CB  . TRP   A 1 33  ? -6.364  -10.854 5.738   1.00 14.11 ? 33  TRP   A CB  1 
ATOM   214  C  CG  . TRP   A 1 33  ? -6.956  -9.568  6.203   1.00 14.04 ? 33  TRP   A CG  1 
ATOM   215  C  CD1 . TRP   A 1 33  ? -8.026  -9.399  7.027   1.00 16.89 ? 33  TRP   A CD1 1 
ATOM   216  C  CD2 . TRP   A 1 33  ? -6.566  -8.239  5.805   1.00 13.37 ? 33  TRP   A CD2 1 
ATOM   217  N  NE1 . TRP   A 1 33  ? -8.313  -8.060  7.186   1.00 16.92 ? 33  TRP   A NE1 1 
ATOM   218  C  CE2 . TRP   A 1 33  ? -7.407  -7.326  6.470   1.00 15.22 ? 33  TRP   A CE2 1 
ATOM   219  C  CE3 . TRP   A 1 33  ? -5.575  -7.737  4.982   1.00 12.93 ? 33  TRP   A CE3 1 
ATOM   220  C  CZ2 . TRP   A 1 33  ? -7.244  -5.941  6.387   1.00 14.81 ? 33  TRP   A CZ2 1 
ATOM   221  C  CZ3 . TRP   A 1 33  ? -5.411  -6.370  4.908   1.00 13.81 ? 33  TRP   A CZ3 1 
ATOM   222  C  CH2 . TRP   A 1 33  ? -6.238  -5.497  5.582   1.00 14.27 ? 33  TRP   A CH2 1 
ATOM   223  N  N   . GLU   A 1 34  ? -8.396  -9.913  3.281   1.00 11.71 ? 34  GLU   A N   1 
ATOM   224  C  CA  . GLU   A 1 34  ? -8.611  -8.861  2.283   1.00 12.04 ? 34  GLU   A CA  1 
ATOM   225  C  C   . GLU   A 1 34  ? -9.634  -7.857  2.769   1.00 12.04 ? 34  GLU   A C   1 
ATOM   226  O  O   . GLU   A 1 34  ? -10.506 -8.222  3.600   1.00 12.74 ? 34  GLU   A O   1 
ATOM   227  C  CB  . GLU   A 1 34  ? -9.048  -9.424  0.934   1.00 12.01 ? 34  GLU   A CB  1 
ATOM   228  C  CG  . GLU   A 1 34  ? -10.265 -10.327 0.975   1.00 12.60 ? 34  GLU   A CG  1 
ATOM   229  C  CD  . GLU   A 1 34  ? -11.622 -9.607  0.908   1.00 13.47 ? 34  GLU   A CD  1 
ATOM   230  O  OE1 . GLU   A 1 34  ? -12.641 -10.232 1.336   1.00 15.28 ? 34  GLU   A OE1 1 
ATOM   231  O  OE2 . GLU   A 1 34  ? -11.710 -8.480  0.453   1.00 13.68 ? 34  GLU   A OE2 1 
ATOM   232  N  N   . ASP   A 1 35  ? -9.524  -6.607  2.314   1.00 12.27 ? 35  ASP   A N   1 
ATOM   233  C  CA  . ASP   A 1 35  ? -10.440 -5.529  2.728   1.00 12.37 ? 35  ASP   A CA  1 
ATOM   234  C  C   . ASP   A 1 35  ? -10.549 -4.560  1.565   1.00 12.27 ? 35  ASP   A C   1 
ATOM   235  O  O   . ASP   A 1 35  ? -9.612  -3.832  1.240   1.00 12.14 ? 35  ASP   A O   1 
ATOM   236  C  CB  . ASP   A 1 35  ? -9.895  -4.901  4.027   1.00 13.54 ? 35  ASP   A CB  1 
ATOM   237  C  CG  . ASP   A 1 35  ? -10.747 -3.777  4.591   1.00 14.37 ? 35  ASP   A CG  1 
ATOM   238  O  OD1 . ASP   A 1 35  ? -11.264 -2.979  3.822   1.00 15.56 ? 35  ASP   A OD1 1 
ATOM   239  O  OD2 . ASP   A 1 35  ? -10.726 -3.687  5.865   1.00 18.04 ? 35  ASP   A OD2 1 
ATOM   240  N  N   A SER   A 1 36  ? -11.702 -4.527  0.888   0.25 13.25 ? 36  SER   A N   1 
ATOM   241  N  N   B SER   A 1 36  ? -11.702 -4.527  0.888   0.25 13.25 ? 36  SER   A N   1 
ATOM   242  C  CA  A SER   A 1 36  ? -11.963 -3.634  -0.255  0.25 12.66 ? 36  SER   A CA  1 
ATOM   243  C  CA  B SER   A 1 36  ? -11.966 -3.636  -0.255  0.25 14.72 ? 36  SER   A CA  1 
ATOM   244  C  C   A SER   A 1 36  ? -11.854 -2.173  0.164   0.25 12.06 ? 36  SER   A C   1 
ATOM   245  C  C   B SER   A 1 36  ? -11.854 -2.173  0.164   0.25 12.06 ? 36  SER   A C   1 
ATOM   246  O  O   A SER   A 1 36  ? -11.303 -1.394  -0.602  0.25 13.47 ? 36  SER   A O   1 
ATOM   247  O  O   B SER   A 1 36  ? -11.303 -1.394  -0.602  0.25 13.47 ? 36  SER   A O   1 
ATOM   248  C  CB  A SER   A 1 36  ? -13.315 -3.899  -0.850  0.25 12.09 ? 36  SER   A CB  1 
ATOM   249  C  CB  B SER   A 1 36  ? -13.324 -3.920  -0.797  0.25 16.76 ? 36  SER   A CB  1 
ATOM   250  O  OG  A SER   A 1 36  ? -13.654 -2.941  -1.832  0.25 10.02 ? 36  SER   A OG  1 
ATOM   251  O  OG  B SER   A 1 36  ? -14.180 -4.294  0.271   0.25 21.56 ? 36  SER   A OG  1 
ATOM   252  N  N   . SER   A 1 37  ? -12.399 -1.855  1.325   1.00 13.75 ? 37  SER   A N   1 
ATOM   253  C  CA  . SER   A 1 37  ? -12.353 -0.445  1.786   1.00 13.40 ? 37  SER   A CA  1 
ATOM   254  C  C   . SER   A 1 37  ? -10.921 0.064   1.921   1.00 12.69 ? 37  SER   A C   1 
ATOM   255  O  O   . SER   A 1 37  ? -10.712 1.268   1.735   1.00 13.20 ? 37  SER   A O   1 
ATOM   256  C  CB  . SER   A 1 37  ? -13.092 -0.202  3.034   1.00 14.91 ? 37  SER   A CB  1 
ATOM   257  O  OG  . SER   A 1 37  ? -12.413 -0.655  4.127   1.00 18.27 ? 37  SER   A OG  1 
ATOM   258  N  N   . ARG   A 1 38  ? -9.957  -0.830  2.149   1.00 11.35 ? 38  ARG   A N   1 
ATOM   259  C  CA  . ARG   A 1 38  ? -8.534  -0.427  2.277   1.00 11.17 ? 38  ARG   A CA  1 
ATOM   260  C  C   . ARG   A 1 38  ? -7.739  -0.648  0.987   1.00 10.70 ? 38  ARG   A C   1 
ATOM   261  O  O   . ARG   A 1 38  ? -6.557  -0.311  0.914   1.00 10.67 ? 38  ARG   A O   1 
ATOM   262  C  CB  . ARG   A 1 38  ? -7.892  -1.260  3.392   1.00 12.77 ? 38  ARG   A CB  1 
ATOM   263  C  CG  . ARG   A 1 38  ? -8.443  -0.984  4.778   1.00 12.55 ? 38  ARG   A CG  1 
ATOM   264  C  CD  . ARG   A 1 38  ? -7.773  -1.857  5.816   1.00 11.79 ? 38  ARG   A CD  1 
ATOM   265  N  NE  . ARG   A 1 38  ? -6.364  -1.517  6.008   1.00 10.39 ? 38  ARG   A NE  1 
ATOM   266  C  CZ  . ARG   A 1 38  ? -5.732  -1.548  7.176   1.00 11.24 ? 38  ARG   A CZ  1 
ATOM   267  N  NH1 . ARG   A 1 38  ? -6.334  -2.025  8.259   1.00 11.78 ? 38  ARG   A NH1 1 
ATOM   268  N  NH2 . ARG   A 1 38  ? -4.488  -1.122  7.301   1.00 11.08 ? 38  ARG   A NH2 1 
ATOM   269  N  N   . ASP   A 1 39  ? -8.347  -1.296  0.003   1.00 10.61 ? 39  ASP   A N   1 
ATOM   270  C  CA  . ASP   A 1 39  ? -7.636  -1.711  -1.223  1.00 10.00 ? 39  ASP   A CA  1 
ATOM   271  C  C   . ASP   A 1 39  ? -6.471  -2.659  -0.905  1.00 9.04  ? 39  ASP   A C   1 
ATOM   272  O  O   . ASP   A 1 39  ? -5.454  -2.559  -1.562  1.00 10.12 ? 39  ASP   A O   1 
ATOM   273  C  CB  . ASP   A 1 39  ? -7.172  -0.527  -2.084  1.00 10.64 ? 39  ASP   A CB  1 
ATOM   274  C  CG  . ASP   A 1 39  ? -6.560  -0.935  -3.413  1.00 10.63 ? 39  ASP   A CG  1 
ATOM   275  O  OD1 . ASP   A 1 39  ? -7.080  -1.919  -4.029  1.00 10.83 ? 39  ASP   A OD1 1 
ATOM   276  O  OD2 . ASP   A 1 39  ? -5.606  -0.288  -3.864  1.00 10.57 ? 39  ASP   A OD2 1 
ATOM   277  N  N   . LEU   A 1 40  ? -6.632  -3.562  0.072   1.00 9.47  ? 40  LEU   A N   1 
ATOM   278  C  CA  . LEU   A 1 40  ? -5.540  -4.493  0.390   1.00 10.05 ? 40  LEU   A CA  1 
ATOM   279  C  C   . LEU   A 1 40  ? -5.990  -5.942  0.309   1.00 8.83  ? 40  LEU   A C   1 
ATOM   280  O  O   . LEU   A 1 40  ? -7.117  -6.276  0.685   1.00 10.12 ? 40  LEU   A O   1 
ATOM   281  C  CB  . LEU   A 1 40  ? -5.006  -4.241  1.799   1.00 9.71  ? 40  LEU   A CB  1 
ATOM   282  C  CG  . LEU   A 1 40  ? -4.174  -2.977  2.021   1.00 10.43 ? 40  LEU   A CG  1 
ATOM   283  C  CD1 . LEU   A 1 40  ? -3.743  -2.933  3.504   1.00 11.27 ? 40  LEU   A CD1 1 
ATOM   284  C  CD2 . LEU   A 1 40  ? -2.956  -2.965  1.121   1.00 10.92 ? 40  LEU   A CD2 1 
ATOM   285  N  N   . LEU   A 1 41  ? -5.045  -6.772  -0.044  1.00 9.53  ? 41  LEU   A N   1 
ATOM   286  C  CA  . LEU   A 1 41  ? -5.219  -8.232  0.012   1.00 9.48  ? 41  LEU   A CA  1 
ATOM   287  C  C   . LEU   A 1 41  ? -3.878  -8.834  0.376   1.00 9.71  ? 41  LEU   A C   1 
ATOM   288  O  O   . LEU   A 1 41  ? -2.824  -8.387  -0.104  1.00 10.14 ? 41  LEU   A O   1 
ATOM   289  C  CB  . LEU   A 1 41  ? -5.746  -8.747  -1.337  1.00 10.30 ? 41  LEU   A CB  1 
ATOM   290  C  CG  . LEU   A 1 41  ? -6.012  -10.261 -1.403  1.00 10.34 ? 41  LEU   A CG  1 
ATOM   291  C  CD1 . LEU   A 1 41  ? -7.221  -10.613 -2.267  1.00 9.99  ? 41  LEU   A CD1 1 
ATOM   292  C  CD2 . LEU   A 1 41  ? -4.791  -11.031 -1.844  1.00 10.98 ? 41  LEU   A CD2 1 
ATOM   293  N  N   . VAL   A 1 42  ? -3.933  -9.847  1.229   1.00 10.13 ? 42  VAL   A N   1 
ATOM   294  C  CA  . VAL   A 1 42  ? -2.728  -10.589 1.655   1.00 10.78 ? 42  VAL   A CA  1 
ATOM   295  C  C   . VAL   A 1 42  ? -2.931  -12.077 1.313   1.00 11.28 ? 42  VAL   A C   1 
ATOM   296  O  O   . VAL   A 1 42  ? -3.969  -12.612 1.661   1.00 11.85 ? 42  VAL   A O   1 
ATOM   297  C  CB  . VAL   A 1 42  ? -2.466  -10.408 3.147   1.00 11.41 ? 42  VAL   A CB  1 
ATOM   298  C  CG1 . VAL   A 1 42  ? -1.247  -11.181 3.576   1.00 12.77 ? 42  VAL   A CG1 1 
ATOM   299  C  CG2 . VAL   A 1 42  ? -2.323  -8.925  3.483   1.00 12.01 ? 42  VAL   A CG2 1 
ATOM   300  N  N   . SER   A 1 43  ? -1.945  -12.651 0.662   1.00 11.88 ? 43  SER   A N   1 
ATOM   301  C  CA  . SER   A 1 43  ? -1.901  -14.086 0.337   1.00 12.47 ? 43  SER   A CA  1 
ATOM   302  C  C   . SER   A 1 43  ? -0.665  -14.719 0.972   1.00 13.39 ? 43  SER   A C   1 
ATOM   303  O  O   . SER   A 1 43  ? 0.304   -14.026 1.364   1.00 13.14 ? 43  SER   A O   1 
ATOM   304  C  CB  . SER   A 1 43  ? -1.923  -14.274 -1.154  1.00 11.46 ? 43  SER   A CB  1 
ATOM   305  O  OG  . SER   A 1 43  ? -0.812  -13.697 -1.807  1.00 12.87 ? 43  SER   A OG  1 
ATOM   306  N  N   . SER   A 1 44  ? -0.657  -16.039 0.994   1.00 13.52 ? 44  SER   A N   1 
ATOM   307  C  CA  . SER   A 1 44  ? 0.471   -16.823 1.577   1.00 15.32 ? 44  SER   A CA  1 
ATOM   308  C  C   . SER   A 1 44  ? 1.515   -17.147 0.531   1.00 16.90 ? 44  SER   A C   1 
ATOM   309  O  O   . SER   A 1 44  ? 1.151   -17.313 -0.661  1.00 18.52 ? 44  SER   A O   1 
ATOM   310  C  CB  . SER   A 1 44  ? -0.053  -18.046 2.214   1.00 17.41 ? 44  SER   A CB  1 
ATOM   311  O  OG  . SER   A 1 44  ? -0.638  -18.881 1.241   1.00 19.64 ? 44  SER   A OG  1 
ATOM   312  N  N   . THR   A 1 45  ? 2.799   -17.180 0.899   1.00 17.06 ? 45  THR   A N   1 
ATOM   313  C  CA  . THR   A 1 45  ? 3.930   -17.432 -0.029  1.00 16.57 ? 45  THR   A CA  1 
ATOM   314  C  C   . THR   A 1 45  ? 4.711   -18.704 0.378   1.00 18.11 ? 45  THR   A C   1 
ATOM   315  O  O   . THR   A 1 45  ? 4.738   -19.038 1.576   1.00 17.99 ? 45  THR   A O   1 
ATOM   316  C  CB  . THR   A 1 45  ? 4.935   -16.276 -0.086  1.00 16.40 ? 45  THR   A CB  1 
ATOM   317  O  OG1 . THR   A 1 45  ? 5.575   -16.133 1.185   1.00 18.52 ? 45  THR   A OG1 1 
ATOM   318  C  CG2 . THR   A 1 45  ? 4.269   -14.951 -0.390  1.00 17.45 ? 45  THR   A CG2 1 
ATOM   319  N  N   . THR   A 1 46  ? 5.388   -19.336 -0.565  1.00 19.53 ? 46  THR   A N   1 
ATOM   320  C  CA  . THR   A 1 46  ? 6.188   -20.518 -0.186  1.00 21.45 ? 46  THR   A CA  1 
ATOM   321  C  C   . THR   A 1 46  ? 7.524   -20.023 0.377   1.00 20.44 ? 46  THR   A C   1 
ATOM   322  O  O   . THR   A 1 46  ? 7.964   -20.614 1.341   1.00 24.85 ? 46  THR   A O   1 
ATOM   323  C  CB  . THR   A 1 46  ? 6.235   -21.488 -1.358  1.00 22.27 ? 46  THR   A CB  1 
ATOM   324  O  OG1 . THR   A 1 46  ? 6.818   -20.884 -2.506  1.00 28.86 ? 46  THR   A OG1 1 
ATOM   325  C  CG2 . THR   A 1 46  ? 4.861   -21.908 -1.789  1.00 23.61 ? 46  THR   A CG2 1 
ATOM   326  N  N   . ALA   A 1 47  ? 8.179   -19.076 -0.296  1.00 21.26 ? 47  ALA   A N   1 
ATOM   327  C  CA  . ALA   A 1 47  ? 9.494   -18.550 0.131   1.00 19.01 ? 47  ALA   A CA  1 
ATOM   328  C  C   . ALA   A 1 47  ? 9.262   -17.368 1.070   1.00 18.30 ? 47  ALA   A C   1 
ATOM   329  O  O   . ALA   A 1 47  ? 8.276   -16.613 0.876   1.00 17.57 ? 47  ALA   A O   1 
ATOM   330  C  CB  . ALA   A 1 47  ? 10.290  -18.176 -1.072  1.00 21.48 ? 47  ALA   A CB  1 
ATOM   331  N  N   . GLN   A 1 48  ? 10.135  -17.194 2.063   1.00 17.58 ? 48  GLN   A N   1 
ATOM   332  C  CA  . GLN   A 1 48  ? 10.081  -16.001 2.944   1.00 16.41 ? 48  GLN   A CA  1 
ATOM   333  C  C   . GLN   A 1 48  ? 10.620  -14.773 2.225   1.00 12.99 ? 48  GLN   A C   1 
ATOM   334  O  O   . GLN   A 1 48  ? 11.385  -14.831 1.262   1.00 17.24 ? 48  GLN   A O   1 
ATOM   335  C  CB  . GLN   A 1 48  ? 10.861  -16.240 4.228   1.00 17.28 ? 48  GLN   A CB  1 
ATOM   336  C  CG  . GLN   A 1 48  ? 10.216  -17.271 5.136   1.00 24.17 ? 48  GLN   A CG  1 
ATOM   337  C  CD  . GLN   A 1 48  ? 11.154  -17.420 6.305   1.00 30.67 ? 48  GLN   A CD  1 
ATOM   338  O  OE1 . GLN   A 1 48  ? 12.284  -17.863 6.137   1.00 31.38 ? 48  GLN   A OE1 1 
ATOM   339  N  NE2 . GLN   A 1 48  ? 10.786  -16.874 7.444   1.00 37.03 ? 48  GLN   A NE2 1 
ATOM   340  N  N   . GLY   A 1 49  ? 10.086  -13.620 2.647   1.00 15.08 ? 49  GLY   A N   1 
ATOM   341  C  CA  . GLY   A 1 49  ? 10.337  -12.336 1.994   1.00 14.80 ? 49  GLY   A CA  1 
ATOM   342  C  C   . GLY   A 1 49  ? 11.325  -11.425 2.700   1.00 13.28 ? 49  GLY   A C   1 
ATOM   343  O  O   . GLY   A 1 49  ? 11.692  -11.672 3.838   1.00 14.48 ? 49  GLY   A O   1 
ATOM   344  N  N   . CYS   A 1 50  ? 11.791  -10.424 1.991   1.00 14.26 ? 50  CYS   A N   1 
ATOM   345  C  CA  . CYS   A 1 50  ? 12.922  -9.600  2.411   1.00 14.02 ? 50  CYS   A CA  1 
ATOM   346  C  C   . CYS   A 1 50  ? 12.432  -8.361  3.172   1.00 13.05 ? 50  CYS   A C   1 
ATOM   347  O  O   . CYS   A 1 50  ? 13.295  -7.688  3.695   1.00 14.61 ? 50  CYS   A O   1 
ATOM   348  C  CB  . CYS   A 1 50  ? 13.747  -9.135  1.211   1.00 14.75 ? 50  CYS   A CB  1 
ATOM   349  S  SG  . CYS   A 1 50  ? 14.633  -10.454 0.319   1.00 16.44 ? 50  CYS   A SG  1 
ATOM   350  N  N   . ASP   A 1 51  ? 11.146  -8.023  3.187   1.00 13.10 ? 51  ASP   A N   1 
ATOM   351  C  CA  . ASP   A 1 51  ? 10.704  -6.722  3.752   1.00 12.24 ? 51  ASP   A CA  1 
ATOM   352  C  C   . ASP   A 1 51  ? 10.375  -6.801  5.237   1.00 12.18 ? 51  ASP   A C   1 
ATOM   353  O  O   . ASP   A 1 51  ? 9.913   -7.822  5.752   1.00 14.14 ? 51  ASP   A O   1 
ATOM   354  C  CB  . ASP   A 1 51  ? 9.492   -6.232  2.965   1.00 12.69 ? 51  ASP   A CB  1 
ATOM   355  C  CG  . ASP   A 1 51  ? 9.773   -5.990  1.514   1.00 12.96 ? 51  ASP   A CG  1 
ATOM   356  O  OD1 . ASP   A 1 51  ? 10.821  -5.381  1.172   1.00 17.19 ? 51  ASP   A OD1 1 
ATOM   357  O  OD2 . ASP   A 1 51  ? 8.883   -6.307  0.687   1.00 14.24 ? 51  ASP   A OD2 1 
ATOM   358  N  N   . THR   A 1 52  ? 10.578  -5.675  5.908   1.00 11.55 ? 52  THR   A N   1 
ATOM   359  C  CA  . THR   A 1 52  ? 10.191  -5.447  7.314   1.00 12.20 ? 52  THR   A CA  1 
ATOM   360  C  C   . THR   A 1 52  ? 9.097   -4.380  7.355   1.00 10.14 ? 52  THR   A C   1 
ATOM   361  O  O   . THR   A 1 52  ? 9.265   -3.363  6.660   1.00 11.59 ? 52  THR   A O   1 
ATOM   362  C  CB  . THR   A 1 52  ? 11.402  -4.972  8.115   1.00 12.94 ? 52  THR   A CB  1 
ATOM   363  O  OG1 . THR   A 1 52  ? 12.431  -5.981  8.111   1.00 15.56 ? 52  THR   A OG1 1 
ATOM   364  C  CG2 . THR   A 1 52  ? 11.095  -4.653  9.563   1.00 14.52 ? 52  THR   A CG2 1 
ATOM   365  N  N   . ILE   A 1 53  ? 8.068   -4.622  8.118   1.00 10.59 ? 53  ILE   A N   1 
ATOM   366  C  CA  . ILE   A 1 53  ? 6.966   -3.640  8.274   1.00 10.12 ? 53  ILE   A CA  1 
ATOM   367  C  C   . ILE   A 1 53  ? 7.365   -2.647  9.355   1.00 10.43 ? 53  ILE   A C   1 
ATOM   368  O  O   . ILE   A 1 53  ? 7.778   -3.037  10.449  1.00 10.93 ? 53  ILE   A O   1 
ATOM   369  C  CB  . ILE   A 1 53  ? 5.636   -4.320  8.563   1.00 10.81 ? 53  ILE   A CB  1 
ATOM   370  C  CG1 . ILE   A 1 53  ? 5.326   -5.461  7.586   1.00 11.39 ? 53  ILE   A CG1 1 
ATOM   371  C  CG2 . ILE   A 1 53  ? 4.512   -3.298  8.602   1.00 10.75 ? 53  ILE   A CG2 1 
ATOM   372  C  CD1 . ILE   A 1 53  ? 5.264   -5.057  6.150   1.00 12.01 ? 53  ILE   A CD1 1 
ATOM   373  N  N   . ALA   A 1 54  ? 7.175   -1.367  9.079   1.00 9.90  ? 54  ALA   A N   1 
ATOM   374  C  CA  . ALA   A 1 54  ? 7.316   -0.310  10.088  1.00 8.96  ? 54  ALA   A CA  1 
ATOM   375  C  C   . ALA   A 1 54  ? 6.255   -0.463  11.172  1.00 8.66  ? 54  ALA   A C   1 
ATOM   376  O  O   . ALA   A 1 54  ? 5.101   -0.750  10.873  1.00 9.27  ? 54  ALA   A O   1 
ATOM   377  C  CB  . ALA   A 1 54  ? 7.186   1.019   9.401   1.00 8.39  ? 54  ALA   A CB  1 
ATOM   378  N  N   . ARG   A 1 55  ? 6.636   -0.164  12.404  1.00 8.99  ? 55  ARG   A N   1 
ATOM   379  C  CA  . ARG   A 1 55  ? 5.695   -0.107  13.540  1.00 9.06  ? 55  ARG   A CA  1 
ATOM   380  C  C   . ARG   A 1 55  ? 5.973   1.209   14.225  1.00 8.67  ? 55  ARG   A C   1 
ATOM   381  O  O   . ARG   A 1 55  ? 6.917   1.306   15.028  1.00 10.39 ? 55  ARG   A O   1 
ATOM   382  C  CB  . ARG   A 1 55  ? 5.847   -1.318  14.472  1.00 9.95  ? 55  ARG   A CB  1 
ATOM   383  C  CG  . ARG   A 1 55  ? 5.683   -2.662  13.775  1.00 11.02 ? 55  ARG   A CG  1 
ATOM   384  C  CD  . ARG   A 1 55  ? 4.303   -2.935  13.246  1.00 10.89 ? 55  ARG   A CD  1 
ATOM   385  N  NE  . ARG   A 1 55  ? 4.250   -4.229  12.523  1.00 12.42 ? 55  ARG   A NE  1 
ATOM   386  C  CZ  . ARG   A 1 55  ? 3.310   -4.559  11.629  1.00 11.62 ? 55  ARG   A CZ  1 
ATOM   387  N  NH1 . ARG   A 1 55  ? 2.295   -3.796  11.408  1.00 11.82 ? 55  ARG   A NH1 1 
ATOM   388  N  NH2 . ARG   A 1 55  ? 3.374   -5.733  10.983  1.00 13.74 ? 55  ARG   A NH2 1 
ATOM   389  N  N   . CYS   A 1 56  ? 5.202   2.210   13.900  1.00 9.18  ? 56  CYS   A N   1 
ATOM   390  C  CA  . CYS   A 1 56  ? 5.554   3.611   14.186  1.00 8.75  ? 56  CYS   A CA  1 
ATOM   391  C  C   . CYS   A 1 56  ? 4.408   4.519   13.762  1.00 9.05  ? 56  CYS   A C   1 
ATOM   392  O  O   . CYS   A 1 56  ? 3.424   4.082   13.120  1.00 9.33  ? 56  CYS   A O   1 
ATOM   393  C  CB  . CYS   A 1 56  ? 6.810   4.012   13.427  1.00 7.95  ? 56  CYS   A CB  1 
ATOM   394  S  SG  . CYS   A 1 56  ? 6.518   4.138   11.628  1.00 9.17  ? 56  CYS   A SG  1 
ATOM   395  N  N   A ASP   A 1 57  ? 4.516   5.810   14.076  0.25 9.98  ? 57  ASP   A N   1 
ATOM   396  N  N   B ASP   A 1 57  ? 4.659   5.794   14.056  0.25 10.14 ? 57  ASP   A N   1 
ATOM   397  C  CA  A ASP   A 1 57  ? 3.600   6.827   13.501  0.25 10.84 ? 57  ASP   A CA  1 
ATOM   398  C  CA  B ASP   A 1 57  ? 3.774   6.954   13.821  0.25 11.15 ? 57  ASP   A CA  1 
ATOM   399  C  C   A ASP   A 1 57  ? 4.403   7.893   12.756  0.25 10.48 ? 57  ASP   A C   1 
ATOM   400  C  C   B ASP   A 1 57  ? 4.429   7.913   12.807  0.25 10.73 ? 57  ASP   A C   1 
ATOM   401  O  O   A ASP   A 1 57  ? 4.025   9.052   12.808  0.25 11.01 ? 57  ASP   A O   1 
ATOM   402  O  O   B ASP   A 1 57  ? 3.950   9.035   12.708  0.25 11.22 ? 57  ASP   A O   1 
ATOM   403  C  CB  A ASP   A 1 57  ? 2.698   7.481   14.547  0.25 11.16 ? 57  ASP   A CB  1 
ATOM   404  C  CB  B ASP   A 1 57  ? 3.477   7.619   15.177  0.25 12.01 ? 57  ASP   A CB  1 
ATOM   405  C  CG  A ASP   A 1 57  ? 3.425   8.268   15.617  0.25 12.59 ? 57  ASP   A CG  1 
ATOM   406  C  CG  B ASP   A 1 57  ? 2.283   8.554   15.195  0.25 13.87 ? 57  ASP   A CG  1 
ATOM   407  O  OD1 A ASP   A 1 57  ? 4.637   8.314   15.600  0.25 12.97 ? 57  ASP   A OD1 1 
ATOM   408  O  OD1 B ASP   A 1 57  ? 1.293   8.236   14.539  0.25 14.63 ? 57  ASP   A OD1 1 
ATOM   409  O  OD2 A ASP   A 1 57  ? 2.706   8.818   16.492  0.25 16.36 ? 57  ASP   A OD2 1 
ATOM   410  O  OD2 B ASP   A 1 57  ? 2.375   9.604   15.874  0.25 16.53 ? 57  ASP   A OD2 1 
ATOM   411  N  N   . CYS   A 1 58  ? 5.454   7.497   12.049  1.00 9.63  ? 58  CYS   A N   1 
ATOM   412  C  CA  . CYS   A 1 58  ? 6.125   8.433   11.148  1.00 9.30  ? 58  CYS   A CA  1 
ATOM   413  C  C   . CYS   A 1 58  ? 5.125   9.040   10.169  1.00 9.04  ? 58  CYS   A C   1 
ATOM   414  O  O   . CYS   A 1 58  ? 4.146   8.430   9.723   1.00 9.43  ? 58  CYS   A O   1 
ATOM   415  C  CB  . CYS   A 1 58  ? 7.185   7.738   10.320  1.00 9.79  ? 58  CYS   A CB  1 
ATOM   416  S  SG  . CYS   A 1 58  ? 8.657   7.260   11.263  1.00 10.26 ? 58  CYS   A SG  1 
ATOM   417  N  N   . GLN   A 1 59  ? 5.445   10.272  9.789   1.00 9.87  ? 59  GLN   A N   1 
ATOM   418  C  CA  . GLN   A 1 59  ? 4.764   11.040  8.720   1.00 9.90  ? 59  GLN   A CA  1 
ATOM   419  C  C   . GLN   A 1 59  ? 5.762   11.541  7.706   1.00 8.70  ? 59  GLN   A C   1 
ATOM   420  O  O   . GLN   A 1 59  ? 5.398   12.406  6.892   1.00 10.41 ? 59  GLN   A O   1 
ATOM   421  C  CB  . GLN   A 1 59  ? 3.958   12.219  9.275   1.00 10.14 ? 59  GLN   A CB  1 
ATOM   422  C  CG  . GLN   A 1 59  ? 2.717   11.781  10.026  1.00 11.66 ? 59  GLN   A CG  1 
ATOM   423  C  CD  . GLN   A 1 59  ? 1.841   12.978  10.334  1.00 12.59 ? 59  GLN   A CD  1 
ATOM   424  O  OE1 . GLN   A 1 59  ? 1.816   13.444  11.482  1.00 13.81 ? 59  GLN   A OE1 1 
ATOM   425  N  NE2 . GLN   A 1 59  ? 1.160   13.538  9.339   1.00 12.39 ? 59  GLN   A NE2 1 
ATOM   426  N  N   . THR   A 1 60  ? 6.949   10.990  7.674   1.00 9.15  ? 60  THR   A N   1 
ATOM   427  C  CA  . THR   A 1 60  ? 7.890   11.260  6.586   1.00 10.23 ? 60  THR   A CA  1 
ATOM   428  C  C   . THR   A 1 60  ? 8.523   9.964   6.118   1.00 9.45  ? 60  THR   A C   1 
ATOM   429  O  O   . THR   A 1 60  ? 8.739   9.034   6.919   1.00 10.67 ? 60  THR   A O   1 
ATOM   430  C  CB  . THR   A 1 60  ? 8.975   12.249  6.951   1.00 12.56 ? 60  THR   A CB  1 
ATOM   431  O  OG1 . THR   A 1 60  ? 9.791   11.650  7.925   1.00 17.09 ? 60  THR   A OG1 1 
ATOM   432  C  CG2 . THR   A 1 60  ? 8.417   13.571  7.398   1.00 13.79 ? 60  THR   A CG2 1 
ATOM   433  N  N   . GLY   A 1 61  ? 8.755   9.861   4.827   1.00 9.16  ? 61  GLY   A N   1 
ATOM   434  C  CA  . GLY   A 1 61  ? 9.286   8.627   4.257   1.00 9.24  ? 61  GLY   A CA  1 
ATOM   435  C  C   . GLY   A 1 61  ? 9.679   8.878   2.801   1.00 8.68  ? 61  GLY   A C   1 
ATOM   436  O  O   . GLY   A 1 61  ? 9.808   10.015  2.357   1.00 9.68  ? 61  GLY   A O   1 
ATOM   437  N  N   . VAL   A 1 62  ? 9.869   7.795   2.087   1.00 8.39  ? 62  VAL   A N   1 
ATOM   438  C  CA  . VAL   A 1 62  ? 10.279  7.812   0.672   1.00 8.59  ? 62  VAL   A CA  1 
ATOM   439  C  C   . VAL   A 1 62  ? 9.372   6.840   -0.038  1.00 8.62  ? 62  VAL   A C   1 
ATOM   440  O  O   . VAL   A 1 62  ? 9.264   5.705   0.430   1.00 9.17  ? 62  VAL   A O   1 
ATOM   441  C  CB  . VAL   A 1 62  ? 11.754  7.439   0.545   1.00 9.02  ? 62  VAL   A CB  1 
ATOM   442  C  CG1 . VAL   A 1 62  ? 12.130  7.259   -0.911  1.00 9.94  ? 62  VAL   A CG1 1 
ATOM   443  C  CG2 . VAL   A 1 62  ? 12.632  8.496   1.193   1.00 10.17 ? 62  VAL   A CG2 1 
ATOM   444  N  N   . TYR   A 1 63  ? 8.829   7.162   -1.230  1.00 8.99  ? 63  TYR   A N   1 
ATOM   445  C  CA  . TYR   A 1 63  ? 8.020   6.173   -1.975  1.00 8.17  ? 63  TYR   A CA  1 
ATOM   446  C  C   . TYR   A 1 63  ? 8.546   6.021   -3.406  1.00 9.09  ? 63  TYR   A C   1 
ATOM   447  O  O   . TYR   A 1 63  ? 9.191   6.941   -3.925  1.00 9.77  ? 63  TYR   A O   1 
ATOM   448  C  CB  . TYR   A 1 63  ? 6.542   6.584   -2.041  1.00 9.17  ? 63  TYR   A CB  1 
ATOM   449  C  CG  . TYR   A 1 63  ? 6.125   7.549   -3.124  1.00 9.48  ? 63  TYR   A CG  1 
ATOM   450  C  CD1 . TYR   A 1 63  ? 6.375   8.905   -3.009  1.00 9.45  ? 63  TYR   A CD1 1 
ATOM   451  C  CD2 . TYR   A 1 63  ? 5.497   7.101   -4.277  1.00 9.34  ? 63  TYR   A CD2 1 
ATOM   452  C  CE1 . TYR   A 1 63  ? 5.976   9.817   -3.975  1.00 10.08 ? 63  TYR   A CE1 1 
ATOM   453  C  CE2 . TYR   A 1 63  ? 5.119   8.017   -5.266  1.00 9.47  ? 63  TYR   A CE2 1 
ATOM   454  C  CZ  . TYR   A 1 63  ? 5.352   9.363   -5.094  1.00 9.67  ? 63  TYR   A CZ  1 
ATOM   455  O  OH  . TYR   A 1 63  ? 5.005   10.281  -6.062  1.00 10.51 ? 63  TYR   A OH  1 
ATOM   456  N  N   . TYR   A 1 64  ? 8.276   4.882   -3.964  1.00 9.18  ? 64  TYR   A N   1 
ATOM   457  C  CA  . TYR   A 1 64  ? 8.651   4.590   -5.350  1.00 9.33  ? 64  TYR   A CA  1 
ATOM   458  C  C   . TYR   A 1 64  ? 7.512   4.894   -6.304  1.00 8.98  ? 64  TYR   A C   1 
ATOM   459  O  O   . TYR   A 1 64  ? 6.382   4.381   -6.137  1.00 9.53  ? 64  TYR   A O   1 
ATOM   460  C  CB  . TYR   A 1 64  ? 9.057   3.132   -5.511  1.00 9.92  ? 64  TYR   A CB  1 
ATOM   461  C  CG  . TYR   A 1 64  ? 9.480   2.868   -6.934  1.00 10.36 ? 64  TYR   A CG  1 
ATOM   462  C  CD1 . TYR   A 1 64  ? 10.571  3.538   -7.462  1.00 11.54 ? 64  TYR   A CD1 1 
ATOM   463  C  CD2 . TYR   A 1 64  ? 8.787   1.968   -7.719  1.00 10.76 ? 64  TYR   A CD2 1 
ATOM   464  C  CE1 . TYR   A 1 64  ? 10.951  3.316   -8.785  1.00 12.18 ? 64  TYR   A CE1 1 
ATOM   465  C  CE2 . TYR   A 1 64  ? 9.155   1.772   -9.042  1.00 11.75 ? 64  TYR   A CE2 1 
ATOM   466  C  CZ  . TYR   A 1 64  ? 10.218  2.441   -9.562  1.00 11.93 ? 64  TYR   A CZ  1 
ATOM   467  O  OH  . TYR   A 1 64  ? 10.572  2.250   -10.893 1.00 14.21 ? 64  TYR   A OH  1 
ATOM   468  N  N   . CYS   A 1 65  ? 7.832   5.680   -7.300  1.00 9.61  ? 65  CYS   A N   1 
ATOM   469  C  CA  . CYS   A 1 65  ? 6.932   6.078   -8.385  1.00 9.48  ? 65  CYS   A CA  1 
ATOM   470  C  C   . CYS   A 1 65  ? 7.347   5.469   -9.725  1.00 9.01  ? 65  CYS   A C   1 
ATOM   471  O  O   . CYS   A 1 65  ? 8.282   5.977   -10.383 1.00 9.37  ? 65  CYS   A O   1 
ATOM   472  C  CB  . CYS   A 1 65  ? 6.904   7.584   -8.491  1.00 9.71  ? 65  CYS   A CB  1 
ATOM   473  S  SG  . CYS   A 1 65  ? 5.844   8.210   -9.816  1.00 10.29 ? 65  CYS   A SG  1 
ATOM   474  N  N   . SER   A 1 66  ? 6.699   4.412   -10.130 1.00 8.93  ? 66  SER   A N   1 
ATOM   475  C  CA  . SER   A 1 66  ? 7.102   3.658   -11.339 1.00 10.14 ? 66  SER   A CA  1 
ATOM   476  C  C   . SER   A 1 66  ? 6.953   4.521   -12.587 1.00 9.42  ? 66  SER   A C   1 
ATOM   477  O  O   . SER   A 1 66  ? 7.783   4.380   -13.511 1.00 10.45 ? 66  SER   A O   1 
ATOM   478  C  CB  . SER   A 1 66  ? 6.361   2.367   -11.461 1.00 11.23 ? 66  SER   A CB  1 
ATOM   479  O  OG  . SER   A 1 66  ? 4.997   2.491   -11.799 1.00 15.98 ? 66  SER   A OG  1 
ATOM   480  N  N   . SER   A 1 67  ? 5.992   5.437   -12.608 1.00 8.52  ? 67  SER   A N   1 
ATOM   481  C  CA  . SER   A 1 67  ? 5.719   6.269   -13.807 1.00 9.15  ? 67  SER   A CA  1 
ATOM   482  C  C   . SER   A 1 67  ? 6.764   7.393   -13.924 1.00 8.94  ? 67  SER   A C   1 
ATOM   483  O  O   . SER   A 1 67  ? 6.714   8.150   -14.922 1.00 9.02  ? 67  SER   A O   1 
ATOM   484  C  CB  . SER   A 1 67  ? 4.345   6.805   -13.821 1.00 9.35  ? 67  SER   A CB  1 
ATOM   485  O  OG  . SER   A 1 67  ? 4.097   7.706   -12.729 1.00 9.73  ? 67  SER   A OG  1 
ATOM   486  N  N   . ARG   A 1 68  ? 7.730   7.469   -12.988 1.00 9.36  ? 68  ARG   A N   1 
ATOM   487  C  CA  . ARG   A 1 68  ? 8.872   8.394   -13.065 1.00 9.92  ? 68  ARG   A CA  1 
ATOM   488  C  C   . ARG   A 1 68  ? 10.175  7.619   -12.969 1.00 9.47  ? 68  ARG   A C   1 
ATOM   489  O  O   . ARG   A 1 68  ? 11.242  8.254   -12.989 1.00 11.64 ? 68  ARG   A O   1 
ATOM   490  C  CB  . ARG   A 1 68  ? 8.755   9.462   -11.979 1.00 9.79  ? 68  ARG   A CB  1 
ATOM   491  C  CG  . ARG   A 1 68  ? 7.552   10.362  -12.140 1.00 10.24 ? 68  ARG   A CG  1 
ATOM   492  C  CD  . ARG   A 1 68  ? 7.770   11.368  -13.288 1.00 10.85 ? 68  ARG   A CD  1 
ATOM   493  N  NE  . ARG   A 1 68  ? 6.636   12.231  -13.494 1.00 11.37 ? 68  ARG   A NE  1 
ATOM   494  C  CZ  . ARG   A 1 68  ? 5.598   11.982  -14.259 1.00 10.64 ? 68  ARG   A CZ  1 
ATOM   495  N  NH1 . ARG   A 1 68  ? 5.571   10.888  -15.013 1.00 10.98 ? 68  ARG   A NH1 1 
ATOM   496  N  NH2 . ARG   A 1 68  ? 4.619   12.860  -14.323 1.00 12.17 ? 68  ARG   A NH2 1 
ATOM   497  N  N   . ARG   A 1 69  ? 10.138  6.337   -12.716 1.00 10.30 ? 69  ARG   A N   1 
ATOM   498  C  CA  . ARG   A 1 69  ? 11.339  5.531   -12.384 1.00 10.85 ? 69  ARG   A CA  1 
ATOM   499  C  C   . ARG   A 1 69  ? 12.110  6.238   -11.283 1.00 11.80 ? 69  ARG   A C   1 
ATOM   500  O  O   . ARG   A 1 69  ? 13.366  6.338   -11.388 1.00 12.67 ? 69  ARG   A O   1 
ATOM   501  C  CB  . ARG   A 1 69  ? 12.212  5.269   -13.621 1.00 11.23 ? 69  ARG   A CB  1 
ATOM   502  C  CG  . ARG   A 1 69  ? 11.553  4.391   -14.655 1.00 12.21 ? 69  ARG   A CG  1 
ATOM   503  C  CD  . ARG   A 1 69  ? 12.561  4.058   -15.755 1.00 12.72 ? 69  ARG   A CD  1 
ATOM   504  N  NE  . ARG   A 1 69  ? 11.977  3.236   -16.819 1.00 13.48 ? 69  ARG   A NE  1 
ATOM   505  C  CZ  . ARG   A 1 69  ? 11.842  3.622   -18.103 1.00 12.81 ? 69  ARG   A CZ  1 
ATOM   506  N  NH1 . ARG   A 1 69  ? 12.126  4.864   -18.473 1.00 13.66 ? 69  ARG   A NH1 1 
ATOM   507  N  NH2 . ARG   A 1 69  ? 11.325  2.765   -18.957 1.00 13.83 ? 69  ARG   A NH2 1 
ATOM   508  N  N   . LYS   A 1 70  ? 11.435  6.709   -10.237 1.00 11.09 ? 70  LYS   A N   1 
ATOM   509  C  CA  . LYS   A 1 70  ? 12.119  7.545   -9.217  1.00 12.51 ? 70  LYS   A CA  1 
ATOM   510  C  C   . LYS   A 1 70  ? 11.503  7.280   -7.848  1.00 11.13 ? 70  LYS   A C   1 
ATOM   511  O  O   . LYS   A 1 70  ? 10.284  7.045   -7.787  1.00 11.38 ? 70  LYS   A O   1 
ATOM   512  C  CB  . LYS   A 1 70  ? 12.034  9.040   -9.539  1.00 13.52 ? 70  LYS   A CB  1 
ATOM   513  C  CG  . LYS   A 1 70  ? 12.989  9.531   -10.604 1.00 19.01 ? 70  LYS   A CG  1 
ATOM   514  C  CD  . LYS   A 1 70  ? 13.112  11.039  -10.621 1.00 24.77 ? 70  LYS   A CD  1 
ATOM   515  C  CE  . LYS   A 1 70  ? 13.933  11.572  -11.775 1.00 31.35 ? 70  LYS   A CE  1 
ATOM   516  N  NZ  . LYS   A 1 70  ? 13.315  11.204  -13.074 1.00 39.04 ? 70  LYS   A NZ  1 
ATOM   517  N  N   . HIS   A 1 71  ? 12.329  7.372   -6.837  1.00 10.60 ? 71  HIS   A N   1 
ATOM   518  C  CA  . HIS   A 1 71  ? 11.883  7.422   -5.440  1.00 10.40 ? 71  HIS   A CA  1 
ATOM   519  C  C   . HIS   A 1 71  ? 11.833  8.854   -4.999  1.00 11.23 ? 71  HIS   A C   1 
ATOM   520  O  O   . HIS   A 1 71  ? 12.763  9.668   -5.355  1.00 15.01 ? 71  HIS   A O   1 
ATOM   521  C  CB  . HIS   A 1 71  ? 12.839  6.664   -4.544  1.00 11.20 ? 71  HIS   A CB  1 
ATOM   522  C  CG  . HIS   A 1 71  ? 12.845  5.196   -4.740  1.00 11.71 ? 71  HIS   A CG  1 
ATOM   523  N  ND1 . HIS   A 1 71  ? 12.227  4.204   -3.957  1.00 13.78 ? 71  HIS   A ND1 1 
ATOM   524  C  CD2 . HIS   A 1 71  ? 13.448  4.552   -5.753  1.00 11.66 ? 71  HIS   A CD2 1 
ATOM   525  C  CE1 . HIS   A 1 71  ? 12.475  3.037   -4.495  1.00 11.23 ? 71  HIS   A CE1 1 
ATOM   526  N  NE2 . HIS   A 1 71  ? 13.290  3.221   -5.536  1.00 16.95 ? 71  HIS   A NE2 1 
ATOM   527  N  N   . TYR   A 1 72  ? 10.818  9.274   -4.287  1.00 9.65  ? 72  TYR   A N   1 
ATOM   528  C  CA  . TYR   A 1 72  ? 10.656  10.649  -3.815  1.00 10.12 ? 72  TYR   A CA  1 
ATOM   529  C  C   . TYR   A 1 72  ? 10.503  10.681  -2.303  1.00 10.01 ? 72  TYR   A C   1 
ATOM   530  O  O   . TYR   A 1 72  ? 9.672   9.959   -1.758  1.00 9.87  ? 72  TYR   A O   1 
ATOM   531  C  CB  . TYR   A 1 72  ? 9.391   11.277  -4.427  1.00 10.48 ? 72  TYR   A CB  1 
ATOM   532  C  CG  . TYR   A 1 72  ? 9.407   11.486  -5.911  1.00 10.84 ? 72  TYR   A CG  1 
ATOM   533  C  CD1 . TYR   A 1 72  ? 10.027  12.598  -6.449  1.00 12.45 ? 72  TYR   A CD1 1 
ATOM   534  C  CD2 . TYR   A 1 72  ? 8.817   10.596  -6.786  1.00 10.97 ? 72  TYR   A CD2 1 
ATOM   535  C  CE1 . TYR   A 1 72  ? 10.086  12.776  -7.827  1.00 12.30 ? 72  TYR   A CE1 1 
ATOM   536  C  CE2 . TYR   A 1 72  ? 8.827   10.781  -8.154  1.00 11.52 ? 72  TYR   A CE2 1 
ATOM   537  C  CZ  . TYR   A 1 72  ? 9.472   11.878  -8.653  1.00 11.85 ? 72  TYR   A CZ  1 
ATOM   538  O  OH  . TYR   A 1 72  ? 9.467   12.051  -10.013 1.00 13.48 ? 72  TYR   A OH  1 
ATOM   539  N  N   . PRO   A 1 73  ? 11.190  11.605  -1.618  1.00 9.96  ? 73  PRO   A N   1 
ATOM   540  C  CA  . PRO   A 1 73  ? 10.911  11.838  -0.209  1.00 9.66  ? 73  PRO   A CA  1 
ATOM   541  C  C   . PRO   A 1 73  ? 9.599   12.612  -0.087  1.00 9.81  ? 73  PRO   A C   1 
ATOM   542  O  O   . PRO   A 1 73  ? 9.405   13.671  -0.734  1.00 11.63 ? 73  PRO   A O   1 
ATOM   543  C  CB  . PRO   A 1 73  ? 12.110  12.663  0.282   1.00 10.47 ? 73  PRO   A CB  1 
ATOM   544  C  CG  . PRO   A 1 73  ? 12.705  13.296  -0.949  1.00 14.40 ? 73  PRO   A CG  1 
ATOM   545  C  CD  . PRO   A 1 73  ? 12.267  12.476  -2.154  1.00 11.64 ? 73  PRO   A CD  1 
ATOM   546  N  N   . VAL   A 1 74  ? 8.764   12.212  0.867   1.00 9.08  ? 74  VAL   A N   1 
ATOM   547  C  CA  . VAL   A 1 74  ? 7.465   12.875  1.082   1.00 9.80  ? 74  VAL   A CA  1 
ATOM   548  C  C   . VAL   A 1 74  ? 7.116   12.958  2.552   1.00 9.38  ? 74  VAL   A C   1 
ATOM   549  O  O   . VAL   A 1 74  ? 7.508   12.086  3.362   1.00 9.84  ? 74  VAL   A O   1 
ATOM   550  C  CB  . VAL   A 1 74  ? 6.333   12.139  0.352   1.00 10.36 ? 74  VAL   A CB  1 
ATOM   551  C  CG1 . VAL   A 1 74  ? 6.412   12.345  -1.132  1.00 11.99 ? 74  VAL   A CG1 1 
ATOM   552  C  CG2 . VAL   A 1 74  ? 6.278   10.680  0.689   1.00 11.54 ? 74  VAL   A CG2 1 
ATOM   553  N  N   . SER   A 1 75  ? 6.320   13.956  2.869   1.00 9.28  ? 75  SER   A N   1 
ATOM   554  C  CA  . SER   A 1 75  ? 5.527   14.000  4.114   1.00 9.30  ? 75  SER   A CA  1 
ATOM   555  C  C   . SER   A 1 75  ? 4.146   13.486  3.775   1.00 9.32  ? 75  SER   A C   1 
ATOM   556  O  O   . SER   A 1 75  ? 3.625   13.737  2.703   1.00 10.13 ? 75  SER   A O   1 
ATOM   557  C  CB  . SER   A 1 75  ? 5.452   15.363  4.634   1.00 12.98 ? 75  SER   A CB  1 
ATOM   558  O  OG  . SER   A 1 75  ? 6.712   15.920  4.888   1.00 18.96 ? 75  SER   A OG  1 
ATOM   559  N  N   . PHE   A 1 76  ? 3.523   12.768  4.685   1.00 8.78  ? 76  PHE   A N   1 
ATOM   560  C  CA  . PHE   A 1 76  ? 2.214   12.174  4.444   1.00 8.88  ? 76  PHE   A CA  1 
ATOM   561  C  C   . PHE   A 1 76  ? 1.342   12.278  5.662   1.00 8.81  ? 76  PHE   A C   1 
ATOM   562  O  O   . PHE   A 1 76  ? 1.826   12.325  6.822   1.00 9.32  ? 76  PHE   A O   1 
ATOM   563  C  CB  . PHE   A 1 76  ? 2.341   10.726  3.963   1.00 8.78  ? 76  PHE   A CB  1 
ATOM   564  C  CG  . PHE   A 1 76  ? 3.164   9.787   4.803   1.00 8.46  ? 76  PHE   A CG  1 
ATOM   565  C  CD1 . PHE   A 1 76  ? 4.525   9.675   4.585   1.00 8.76  ? 76  PHE   A CD1 1 
ATOM   566  C  CD2 . PHE   A 1 76  ? 2.583   9.055   5.853   1.00 9.37  ? 76  PHE   A CD2 1 
ATOM   567  C  CE1 . PHE   A 1 76  ? 5.311   8.848   5.365   1.00 9.88  ? 76  PHE   A CE1 1 
ATOM   568  C  CE2 . PHE   A 1 76  ? 3.370   8.200   6.591   1.00 9.13  ? 76  PHE   A CE2 1 
ATOM   569  C  CZ  . PHE   A 1 76  ? 4.722   8.135   6.364   1.00 9.75  ? 76  PHE   A CZ  1 
ATOM   570  N  N   . SER   A 1 77  ? 0.045   12.334  5.420   1.00 9.39  ? 77  SER   A N   1 
ATOM   571  C  CA  . SER   A 1 77  ? -0.956  12.373  6.504   1.00 9.42  ? 77  SER   A CA  1 
ATOM   572  C  C   . SER   A 1 77  ? -1.053  11.038  7.188   1.00 9.52  ? 77  SER   A C   1 
ATOM   573  O  O   . SER   A 1 77  ? -0.772  9.998   6.612   1.00 10.63 ? 77  SER   A O   1 
ATOM   574  C  CB  . SER   A 1 77  ? -2.275  12.814  5.964   1.00 10.02 ? 77  SER   A CB  1 
ATOM   575  O  OG  . SER   A 1 77  ? -2.762  11.949  4.936   1.00 11.71 ? 77  SER   A OG  1 
ATOM   576  N  N   . LYS   A 1 78  ? -1.548  11.040  8.429   1.00 10.13 ? 78  LYS   A N   1 
ATOM   577  C  CA  . LYS   A 1 78  ? -1.804  9.782   9.177   1.00 10.02 ? 78  LYS   A CA  1 
ATOM   578  C  C   . LYS   A 1 78  ? -2.963  9.060   8.519   1.00 9.98  ? 78  LYS   A C   1 
ATOM   579  O  O   . LYS   A 1 78  ? -3.863  9.664   7.938   1.00 11.30 ? 78  LYS   A O   1 
ATOM   580  C  CB  . LYS   A 1 78  ? -2.096  10.092  10.628  1.00 11.67 ? 78  LYS   A CB  1 
ATOM   581  C  CG  . LYS   A 1 78  ? -0.922  10.698  11.366  1.00 12.23 ? 78  LYS   A CG  1 
ATOM   582  C  CD  . LYS   A 1 78  ? -1.177  10.873  12.876  1.00 14.83 ? 78  LYS   A CD  1 
ATOM   583  C  CE  . LYS   A 1 78  ? 0.082   11.386  13.540  1.00 18.69 ? 78  LYS   A CE  1 
ATOM   584  N  NZ  . LYS   A 1 78  ? 0.024   11.406  15.026  1.00 23.82 ? 78  LYS   A NZ  1 
ATOM   585  N  N   . PRO   A 1 79  ? -3.021  7.723   8.642   1.00 10.10 ? 79  PRO   A N   1 
ATOM   586  C  CA  . PRO   A 1 79  ? -4.063  6.937   7.991   1.00 10.69 ? 79  PRO   A CA  1 
ATOM   587  C  C   . PRO   A 1 79  ? -5.447  7.413   8.422   1.00 10.82 ? 79  PRO   A C   1 
ATOM   588  O  O   . PRO   A 1 79  ? -5.696  7.577   9.612   1.00 13.67 ? 79  PRO   A O   1 
ATOM   589  C  CB  . PRO   A 1 79  ? -3.771  5.504   8.438   1.00 11.88 ? 79  PRO   A CB  1 
ATOM   590  C  CG  . PRO   A 1 79  ? -2.333  5.479   8.821   1.00 12.20 ? 79  PRO   A CG  1 
ATOM   591  C  CD  . PRO   A 1 79  ? -2.033  6.890   9.311   1.00 11.30 ? 79  PRO   A CD  1 
ATOM   592  N  N   . SER   A 1 80  ? -6.282  7.654   7.408   0.26 11.46 ? 80  SER   A N   1 
ATOM   593  C  CA  . SER   A 1 80  ? -7.624  8.052   7.765   0.26 12.86 ? 80  SER   A CA  1 
ATOM   594  C  C   . SER   A 1 80  ? -8.724  7.511   6.736   0.26 12.33 ? 80  SER   A C   1 
ATOM   595  O  O   . SER   A 1 80  ? -8.373  6.641   6.030   0.26 12.29 ? 80  SER   A O   1 
ATOM   596  C  CB  . SER   A 1 80  ? -7.607  9.507   8.141   0.26 15.59 ? 80  SER   A CB  1 
ATOM   597  O  OG  . SER   A 1 80  ? -8.869  9.990   8.645   0.26 22.95 ? 80  SER   A OG  1 
ATOM   598  N  N   . LEU   A 1 81  ? -9.951  7.937   6.895   1.00 12.08 ? 81  LEU   A N   1 
ATOM   599  C  CA  . LEU   A 1 81  ? -11.057 7.648   5.979   1.00 12.33 ? 81  LEU   A CA  1 
ATOM   600  C  C   . LEU   A 1 81  ? -11.233 8.809   5.047   1.00 12.98 ? 81  LEU   A C   1 
ATOM   601  O  O   . LEU   A 1 81  ? -11.591 9.904   5.556   1.00 16.12 ? 81  LEU   A O   1 
ATOM   602  C  CB  . LEU   A 1 81  ? -12.306 7.361   6.821   1.00 13.57 ? 81  LEU   A CB  1 
ATOM   603  C  CG  . LEU   A 1 81  ? -13.554 7.016   6.026   1.00 15.16 ? 81  LEU   A CG  1 
ATOM   604  C  CD1 . LEU   A 1 81  ? -13.395 5.746   5.187   1.00 16.04 ? 81  LEU   A CD1 1 
ATOM   605  C  CD2 . LEU   A 1 81  ? -14.729 6.864   6.996   1.00 17.70 ? 81  LEU   A CD2 1 
ATOM   606  N  N   . ILE   A 1 82  ? -10.966 8.653   3.770   1.00 11.11 ? 82  ILE   A N   1 
ATOM   607  C  CA  . ILE   A 1 82  ? -10.813 9.746   2.805   1.00 12.56 ? 82  ILE   A CA  1 
ATOM   608  C  C   . ILE   A 1 82  ? -11.680 9.485   1.597   1.00 10.88 ? 82  ILE   A C   1 
ATOM   609  O  O   . ILE   A 1 82  ? -11.617 8.371   1.055   1.00 11.73 ? 82  ILE   A O   1 
ATOM   610  C  CB  . ILE   A 1 82  ? -9.343  9.863   2.361   1.00 14.95 ? 82  ILE   A CB  1 
ATOM   611  C  CG1 . ILE   A 1 82  ? -8.439  10.054  3.574   1.00 15.04 ? 82  ILE   A CG1 1 
ATOM   612  C  CG2 . ILE   A 1 82  ? -9.160  10.923  1.306   1.00 19.08 ? 82  ILE   A CG2 1 
ATOM   613  C  CD1 . ILE   A 1 82  ? -8.635  11.365  4.274   1.00 19.98 ? 82  ILE   A CD1 1 
ATOM   614  N  N   . PHE   A 1 83  ? -12.293 10.512  1.057   1.00 10.87 ? 83  PHE   A N   1 
ATOM   615  C  CA  . PHE   A 1 83  ? -13.001 10.388  -0.216  1.00 11.30 ? 83  PHE   A CA  1 
ATOM   616  C  C   . PHE   A 1 83  ? -11.970 10.365  -1.328  1.00 11.40 ? 83  PHE   A C   1 
ATOM   617  O  O   . PHE   A 1 83  ? -11.086 11.279  -1.358  1.00 12.22 ? 83  PHE   A O   1 
ATOM   618  C  CB  . PHE   A 1 83  ? -14.019 11.514  -0.408  1.00 11.67 ? 83  PHE   A CB  1 
ATOM   619  C  CG  . PHE   A 1 83  ? -14.898 11.279  -1.598  1.00 13.19 ? 83  PHE   A CG  1 
ATOM   620  C  CD1 . PHE   A 1 83  ? -15.807 10.243  -1.574  1.00 13.87 ? 83  PHE   A CD1 1 
ATOM   621  C  CD2 . PHE   A 1 83  ? -14.751 11.995  -2.770  1.00 15.74 ? 83  PHE   A CD2 1 
ATOM   622  C  CE1 . PHE   A 1 83  ? -16.667 10.008  -2.643  1.00 15.78 ? 83  PHE   A CE1 1 
ATOM   623  C  CE2 . PHE   A 1 83  ? -15.586 11.732  -3.845  1.00 18.00 ? 83  PHE   A CE2 1 
ATOM   624  C  CZ  . PHE   A 1 83  ? -16.496 10.725  -3.791  1.00 17.10 ? 83  PHE   A CZ  1 
ATOM   625  N  N   . VAL   A 1 84  ? -12.084 9.422   -2.235  1.00 10.87 ? 84  VAL   A N   1 
ATOM   626  C  CA  . VAL   A 1 84  ? -11.167 9.286   -3.379  1.00 10.95 ? 84  VAL   A CA  1 
ATOM   627  C  C   . VAL   A 1 84  ? -11.991 9.432   -4.645  1.00 9.84  ? 84  VAL   A C   1 
ATOM   628  O  O   . VAL   A 1 84  ? -13.001 8.664   -4.845  1.00 12.28 ? 84  VAL   A O   1 
ATOM   629  C  CB  . VAL   A 1 84  ? -10.416 7.940   -3.313  1.00 11.66 ? 84  VAL   A CB  1 
ATOM   630  C  CG1 . VAL   A 1 84  ? -9.455  7.805   -4.464  1.00 10.96 ? 84  VAL   A CG1 1 
ATOM   631  C  CG2 . VAL   A 1 84  ? -9.728  7.772   -1.966  1.00 11.86 ? 84  VAL   A CG2 1 
ATOM   632  N  N   . GLU   A 1 85  ? -11.628 10.312  -5.561  1.00 10.66 ? 85  GLU   A N   1 
ATOM   633  C  CA  . GLU   A 1 85  ? -12.361 10.436  -6.824  1.00 11.25 ? 85  GLU   A CA  1 
ATOM   634  C  C   . GLU   A 1 85  ? -12.176 9.175   -7.665  1.00 11.35 ? 85  GLU   A C   1 
ATOM   635  O  O   . GLU   A 1 85  ? -11.248 8.350   -7.423  1.00 12.12 ? 85  GLU   A O   1 
ATOM   636  C  CB  . GLU   A 1 85  ? -11.846 11.658  -7.555  1.00 12.07 ? 85  GLU   A CB  1 
ATOM   637  C  CG  . GLU   A 1 85  ? -12.135 12.936  -6.812  1.00 13.47 ? 85  GLU   A CG  1 
ATOM   638  C  CD  . GLU   A 1 85  ? -13.598 13.317  -6.676  1.00 15.69 ? 85  GLU   A CD  1 
ATOM   639  O  OE1 . GLU   A 1 85  ? -14.464 12.756  -7.371  1.00 16.75 ? 85  GLU   A OE1 1 
ATOM   640  O  OE2 . GLU   A 1 85  ? -13.870 14.161  -5.799  1.00 16.69 ? 85  GLU   A OE2 1 
ATOM   641  N  N   . ALA   A 1 86  ? -13.007 8.993   -8.678  1.00 12.71 ? 86  ALA   A N   1 
ATOM   642  C  CA  . ALA   A 1 86  ? -12.966 7.805   -9.561  1.00 12.49 ? 86  ALA   A CA  1 
ATOM   643  C  C   . ALA   A 1 86  ? -11.586 7.694   -10.183 1.00 12.84 ? 86  ALA   A C   1 
ATOM   644  O  O   . ALA   A 1 86  ? -11.037 8.719   -10.611 1.00 13.84 ? 86  ALA   A O   1 
ATOM   645  C  CB  . ALA   A 1 86  ? -14.040 7.915   -10.638 1.00 13.43 ? 86  ALA   A CB  1 
ATOM   646  N  N   . SER   A 1 87  ? -11.106 6.476   -10.359 1.00 12.30 ? 87  SER   A N   1 
ATOM   647  C  CA  . SER   A 1 87  ? -9.852  6.134   -11.050 1.00 14.20 ? 87  SER   A CA  1 
ATOM   648  C  C   . SER   A 1 87  ? -10.231 5.119   -12.120 1.00 13.78 ? 87  SER   A C   1 
ATOM   649  O  O   . SER   A 1 87  ? -11.408 4.650   -12.191 1.00 14.61 ? 87  SER   A O   1 
ATOM   650  C  CB  . SER   A 1 87  ? -8.830  5.558   -10.099 1.00 13.59 ? 87  SER   A CB  1 
ATOM   651  O  OG  . SER   A 1 87  ? -9.269  4.289   -9.612  1.00 13.46 ? 87  SER   A OG  1 
ATOM   652  N  N   . GLU   A 1 88  ? -9.238  4.642   -12.855 1.00 14.98 ? 88  GLU   A N   1 
ATOM   653  C  CA  . GLU   A 1 88  ? -9.499  3.578   -13.849 1.00 16.43 ? 88  GLU   A CA  1 
ATOM   654  C  C   . GLU   A 1 88  ? -9.927  2.279   -13.175 1.00 17.07 ? 88  GLU   A C   1 
ATOM   655  O  O   . GLU   A 1 88  ? -10.521 1.426   -13.853 1.00 17.48 ? 88  GLU   A O   1 
ATOM   656  C  CB  . GLU   A 1 88  ? -8.306  3.409   -14.802 1.00 20.63 ? 88  GLU   A CB  1 
ATOM   657  C  CG  . GLU   A 1 88  ? -7.217  2.491   -14.338 1.00 28.76 ? 88  GLU   A CG  1 
ATOM   658  C  CD  . GLU   A 1 88  ? -6.123  2.360   -15.393 1.00 31.42 ? 88  GLU   A CD  1 
ATOM   659  O  OE1 . GLU   A 1 88  ? -5.981  3.304   -16.200 1.00 32.34 ? 88  GLU   A OE1 1 
ATOM   660  O  OE2 . GLU   A 1 88  ? -5.410  1.337   -15.368 1.00 37.59 ? 88  GLU   A OE2 1 
ATOM   661  N  N   . TYR   A 1 89  ? -9.651  2.083   -11.889 1.00 13.76 ? 89  TYR   A N   1 
ATOM   662  C  CA  . TYR   A 1 89  ? -9.849  0.770   -11.231 1.00 13.42 ? 89  TYR   A CA  1 
ATOM   663  C  C   . TYR   A 1 89  ? -10.860 0.812   -10.084 1.00 13.77 ? 89  TYR   A C   1 
ATOM   664  O  O   . TYR   A 1 89  ? -11.274 -0.275  -9.585  1.00 14.67 ? 89  TYR   A O   1 
ATOM   665  C  CB  . TYR   A 1 89  ? -8.510  0.186   -10.756 1.00 12.94 ? 89  TYR   A CB  1 
ATOM   666  C  CG  . TYR   A 1 89  ? -7.672  1.143   -9.952  1.00 13.45 ? 89  TYR   A CG  1 
ATOM   667  C  CD1 . TYR   A 1 89  ? -6.749  1.970   -10.572 1.00 13.24 ? 89  TYR   A CD1 1 
ATOM   668  C  CD2 . TYR   A 1 89  ? -7.762  1.208   -8.576  1.00 12.69 ? 89  TYR   A CD2 1 
ATOM   669  C  CE1 . TYR   A 1 89  ? -5.988  2.894   -9.864  1.00 13.07 ? 89  TYR   A CE1 1 
ATOM   670  C  CE2 . TYR   A 1 89  ? -7.003  2.120   -7.853  1.00 12.17 ? 89  TYR   A CE2 1 
ATOM   671  C  CZ  . TYR   A 1 89  ? -6.087  2.940   -8.478  1.00 11.73 ? 89  TYR   A CZ  1 
ATOM   672  O  OH  . TYR   A 1 89  ? -5.315  3.839   -7.799  1.00 12.77 ? 89  TYR   A OH  1 
ATOM   673  N  N   . TYR   A 1 90  ? -11.259 1.998   -9.606  1.00 13.23 ? 90  TYR   A N   1 
ATOM   674  C  CA  . TYR   A 1 90  ? -12.367 2.116   -8.640  1.00 12.72 ? 90  TYR   A CA  1 
ATOM   675  C  C   . TYR   A 1 90  ? -13.251 3.301   -8.979  1.00 12.15 ? 90  TYR   A C   1 
ATOM   676  O  O   . TYR   A 1 90  ? -12.798 4.308   -9.482  1.00 13.10 ? 90  TYR   A O   1 
ATOM   677  C  CB  . TYR   A 1 90  ? -11.858 2.307   -7.219  1.00 13.01 ? 90  TYR   A CB  1 
ATOM   678  C  CG  . TYR   A 1 90  ? -11.289 1.089   -6.537  1.00 12.45 ? 90  TYR   A CG  1 
ATOM   679  C  CD1 . TYR   A 1 90  ? -11.976 -0.101  -6.389  1.00 14.56 ? 90  TYR   A CD1 1 
ATOM   680  C  CD2 . TYR   A 1 90  ? -10.057 1.202   -5.940  1.00 12.63 ? 90  TYR   A CD2 1 
ATOM   681  C  CE1 . TYR   A 1 90  ? -11.417 -1.157  -5.690  1.00 15.15 ? 90  TYR   A CE1 1 
ATOM   682  C  CE2 . TYR   A 1 90  ? -9.466  0.145   -5.263  1.00 12.18 ? 90  TYR   A CE2 1 
ATOM   683  C  CZ  . TYR   A 1 90  ? -10.157 -1.052  -5.124  1.00 12.15 ? 90  TYR   A CZ  1 
ATOM   684  O  OH  . TYR   A 1 90  ? -9.647  -2.145  -4.428  1.00 12.73 ? 90  TYR   A OH  1 
ATOM   685  N  N   . PRO   A 1 91  ? -14.525 3.213   -8.565  1.00 12.85 ? 91  PRO   A N   1 
ATOM   686  C  CA  . PRO   A 1 91  ? -15.420 4.361   -8.598  1.00 12.35 ? 91  PRO   A CA  1 
ATOM   687  C  C   . PRO   A 1 91  ? -14.953 5.382   -7.562  1.00 12.11 ? 91  PRO   A C   1 
ATOM   688  O  O   . PRO   A 1 91  ? -14.120 5.096   -6.704  1.00 12.21 ? 91  PRO   A O   1 
ATOM   689  C  CB  . PRO   A 1 91  ? -16.773 3.749   -8.239  1.00 13.29 ? 91  PRO   A CB  1 
ATOM   690  C  CG  . PRO   A 1 91  ? -16.406 2.662   -7.322  1.00 14.34 ? 91  PRO   A CG  1 
ATOM   691  C  CD  . PRO   A 1 91  ? -15.186 2.049   -7.971  1.00 12.94 ? 91  PRO   A CD  1 
ATOM   692  N  N   . ALA   A 1 92  ? -15.581 6.544   -7.592  1.00 12.70 ? 92  ALA   A N   1 
ATOM   693  C  CA  . ALA   A 1 92  ? -15.406 7.521   -6.521  1.00 14.24 ? 92  ALA   A CA  1 
ATOM   694  C  C   . ALA   A 1 92  ? -15.992 6.871   -5.279  1.00 13.58 ? 92  ALA   A C   1 
ATOM   695  O  O   . ALA   A 1 92  ? -17.134 6.332   -5.351  1.00 16.37 ? 92  ALA   A O   1 
ATOM   696  C  CB  . ALA   A 1 92  ? -16.138 8.784   -6.891  1.00 14.97 ? 92  ALA   A CB  1 
ATOM   697  N  N   . ARG   A 1 93  ? -15.286 6.852   -4.177  1.00 13.19 ? 93  ARG   A N   1 
ATOM   698  C  CA  . ARG   A 1 93  ? -15.732 6.166   -2.966  1.00 14.24 ? 93  ARG   A CA  1 
ATOM   699  C  C   . ARG   A 1 93  ? -14.874 6.605   -1.771  1.00 12.84 ? 93  ARG   A C   1 
ATOM   700  O  O   . ARG   A 1 93  ? -13.785 7.280   -1.972  1.00 13.14 ? 93  ARG   A O   1 
ATOM   701  C  CB  . ARG   A 1 93  ? -15.630 4.656   -3.202  1.00 13.86 ? 93  ARG   A CB  1 
ATOM   702  C  CG  . ARG   A 1 93  ? -14.191 4.193   -3.236  1.00 13.30 ? 93  ARG   A CG  1 
ATOM   703  C  CD  . ARG   A 1 93  ? -13.972 2.730   -3.580  1.00 14.61 ? 93  ARG   A CD  1 
ATOM   704  N  NE  . ARG   A 1 93  ? -12.614 2.328   -3.222  1.00 14.27 ? 93  ARG   A NE  1 
ATOM   705  C  CZ  . ARG   A 1 93  ? -12.240 1.238   -2.577  1.00 14.45 ? 93  ARG   A CZ  1 
ATOM   706  N  NH1 . ARG   A 1 93  ? -13.103 0.276   -2.259  1.00 15.60 ? 93  ARG   A NH1 1 
ATOM   707  N  NH2 . ARG   A 1 93  ? -10.976 1.126   -2.234  1.00 16.08 ? 93  ARG   A NH2 1 
ATOM   708  N  N   . TYR   A 1 94  ? -15.268 6.252   -0.584  1.00 12.88 ? 94  TYR   A N   1 
ATOM   709  C  CA  . TYR   A 1 94  ? -14.440 6.393   0.618   1.00 12.92 ? 94  TYR   A CA  1 
ATOM   710  C  C   . TYR   A 1 94  ? -13.491 5.225   0.713   1.00 13.26 ? 94  TYR   A C   1 
ATOM   711  O  O   . TYR   A 1 94  ? -13.884 4.072   0.452   1.00 15.39 ? 94  TYR   A O   1 
ATOM   712  C  CB  . TYR   A 1 94  ? -15.311 6.510   1.864   1.00 14.20 ? 94  TYR   A CB  1 
ATOM   713  C  CG  . TYR   A 1 94  ? -15.854 7.906   2.003   1.00 14.92 ? 94  TYR   A CG  1 
ATOM   714  C  CD1 . TYR   A 1 94  ? -15.054 8.859   2.600   1.00 15.44 ? 94  TYR   A CD1 1 
ATOM   715  C  CD2 . TYR   A 1 94  ? -17.090 8.280   1.521   1.00 17.44 ? 94  TYR   A CD2 1 
ATOM   716  C  CE1 . TYR   A 1 94  ? -15.442 10.168  2.743   1.00 18.19 ? 94  TYR   A CE1 1 
ATOM   717  C  CE2 . TYR   A 1 94  ? -17.518 9.607   1.669   1.00 17.46 ? 94  TYR   A CE2 1 
ATOM   718  C  CZ  . TYR   A 1 94  ? -16.679 10.537  2.277   1.00 16.74 ? 94  TYR   A CZ  1 
ATOM   719  O  OH  . TYR   A 1 94  ? -17.042 11.851  2.405   1.00 20.52 ? 94  TYR   A OH  1 
ATOM   720  N  N   . GLN   A 1 95  ? -12.287 5.579   1.000   0.26 11.21 ? 95  GLN   A N   1 
ATOM   721  C  CA  . GLN   A 1 95  ? -11.384 4.472   1.283   0.26 10.83 ? 95  GLN   A CA  1 
ATOM   722  C  C   . GLN   A 1 95  ? -10.720 4.721   2.665   0.26 10.97 ? 95  GLN   A C   1 
ATOM   723  O  O   . GLN   A 1 95  ? -10.333 6.023   3.230   0.26 12.34 ? 95  GLN   A O   1 
ATOM   724  C  CB  . GLN   A 1 95  ? -10.550 4.027   0.021   0.26 11.88 ? 95  GLN   A CB  1 
ATOM   725  C  CG  . GLN   A 1 95  ? -9.310  3.165   0.384   0.26 13.28 ? 95  GLN   A CG  1 
ATOM   726  C  CD  . GLN   A 1 95  ? -8.301  3.200   -0.760  0.26 11.95 ? 95  GLN   A CD  1 
ATOM   727  O  OE1 . GLN   A 1 95  ? -8.789  3.306   -1.903  0.26 12.43 ? 95  GLN   A OE1 1 
ATOM   728  N  NE2 . GLN   A 1 95  ? -6.970  3.279   -0.603  0.26 12.11 ? 95  GLN   A NE2 1 
ATOM   729  N  N   . SER   A 1 96  ? -10.610 3.590   3.418   0.26 10.44 ? 96  SER   A N   1 
ATOM   730  C  CA  . SER   A 1 96  ? -10.112 3.596   4.829   0.26 11.28 ? 96  SER   A CA  1 
ATOM   731  C  C   . SER   A 1 96  ? -8.634  3.200   4.778   0.26 10.74 ? 96  SER   A C   1 
ATOM   732  O  O   . SER   A 1 96  ? -8.182  2.568   3.839   0.26 10.56 ? 96  SER   A O   1 
ATOM   733  C  CB  . SER   A 1 96  ? -11.131 2.610   5.679   0.26 12.80 ? 96  SER   A CB  1 
ATOM   734  O  OG  . SER   A 1 96  ? -10.933 1.419   5.133   0.26 14.07 ? 96  SER   A OG  1 
ATOM   735  N  N   . HIS   A 1 97  ? -7.851  3.624   5.799   0.26 10.59 ? 97  HIS   A N   1 
ATOM   736  C  CA  . HIS   A 1 97  ? -6.502  3.258   6.108   0.26 10.09 ? 97  HIS   A CA  1 
ATOM   737  C  C   . HIS   A 1 97  ? -5.637  3.988   5.133   0.26 8.89  ? 97  HIS   A C   1 
ATOM   738  O  O   . HIS   A 1 97  ? -4.757  3.297   4.832   0.26 9.70  ? 97  HIS   A O   1 
ATOM   739  C  CB  . HIS   A 1 97  ? -6.351  1.727   6.458   0.26 11.15 ? 97  HIS   A CB  1 
ATOM   740  C  CG  . HIS   A 1 97  ? -7.160  1.070   7.601   0.26 11.60 ? 97  HIS   A CG  1 
ATOM   741  N  ND1 . HIS   A 1 97  ? -6.494  0.918   8.922   0.26 11.51 ? 97  HIS   A ND1 1 
ATOM   742  C  CD2 . HIS   A 1 97  ? -8.513  0.787   7.700   0.26 11.63 ? 97  HIS   A CD2 1 
ATOM   743  C  CE1 . HIS   A 1 97  ? -7.382  0.247   9.769   0.26 13.09 ? 97  HIS   A CE1 1 
ATOM   744  N  NE2 . HIS   A 1 97  ? -8.566  0.249   9.006   0.26 13.81 ? 97  HIS   A NE2 1 
ATOM   745  N  N   . LEU   A 1 98  ? -5.947  5.236   4.823   0.26 9.71  ? 98  LEU   A N   1 
ATOM   746  C  CA  . LEU   A 1 98  ? -5.347  5.820   3.558   0.26 9.31  ? 98  LEU   A CA  1 
ATOM   747  C  C   . LEU   A 1 98  ? -4.502  6.930   4.133   0.26 8.84  ? 98  LEU   A C   1 
ATOM   748  O  O   . LEU   A 1 98  ? -5.058  7.783   4.993   0.26 9.71  ? 98  LEU   A O   1 
ATOM   749  C  CB  . LEU   A 1 98  ? -6.429  6.260   2.530   0.26 9.58  ? 98  LEU   A CB  1 
ATOM   750  C  CG  . LEU   A 1 98  ? -5.856  6.834   1.219   0.26 10.43 ? 98  LEU   A CG  1 
ATOM   751  C  CD1 . LEU   A 1 98  ? -4.998  5.913   0.349   0.26 11.10 ? 98  LEU   A CD1 1 
ATOM   752  C  CD2 . LEU   A 1 98  ? -7.160  7.086   0.554   0.26 12.43 ? 98  LEU   A CD2 1 
ATOM   753  N  N   . MET   A 1 99  ? -3.376  6.978   3.553   0.26 8.51  ? 99  MET   A N   1 
ATOM   754  C  CA  . MET   A 1 99  ? -2.643  8.238   3.828   0.26 8.88  ? 99  MET   A CA  1 
ATOM   755  C  C   . MET   A 1 99  ? -2.477  9.097   2.432   0.26 8.93  ? 99  MET   A C   1 
ATOM   756  O  O   . MET   A 1 99  ? -2.035  8.330   1.348   0.26 9.77  ? 99  MET   A O   1 
ATOM   757  C  CB  . MET   A 1 99  ? -1.289  7.539   4.080   0.26 8.75  ? 99  MET   A CB  1 
ATOM   758  C  CG  . MET   A 1 99  ? -1.191  7.076   5.524   0.26 9.87  ? 99  MET   A CG  1 
ATOM   759  S  SD  . MET   A 1 99  ? 0.292   6.250   6.015   0.26 10.51 ? 99  MET   A SD  1 
ATOM   760  C  CE  . MET   A 1 99  ? 0.378   4.809   4.930   0.26 10.03 ? 99  MET   A CE  1 
ATOM   761  N  N   . LEU   A 1 100 ? -2.102  10.440  2.593   1.00 8.46  ? 100 LEU   A N   1 
ATOM   762  C  CA  . LEU   A 1 100 ? -1.923  11.253  1.376   1.00 8.43  ? 100 LEU   A CA  1 
ATOM   763  C  C   . LEU   A 1 100 ? -0.637  12.041  1.480   1.00 8.45  ? 100 LEU   A C   1 
ATOM   764  O  O   . LEU   A 1 100 ? -0.261  12.537  2.565   1.00 9.45  ? 100 LEU   A O   1 
ATOM   765  C  CB  . LEU   A 1 100 ? -3.075  12.237  1.238   1.00 9.99  ? 100 LEU   A CB  1 
ATOM   766  C  CG  . LEU   A 1 100 ? -4.412  11.645  0.871   1.00 10.76 ? 100 LEU   A CG  1 
ATOM   767  C  CD1 . LEU   A 1 100 ? -5.523  12.691  0.937   1.00 12.39 ? 100 LEU   A CD1 1 
ATOM   768  C  CD2 . LEU   A 1 100 ? -4.411  10.968  -0.502  1.00 12.65 ? 100 LEU   A CD2 1 
ATOM   769  N  N   . ALA   A 1 101 ? 0.023   12.171  0.349   1.00 8.32  ? 101 ALA   A N   1 
ATOM   770  C  CA  . ALA   A 1 101 ? 1.175   13.054  0.151   1.00 8.44  ? 101 ALA   A CA  1 
ATOM   771  C  C   . ALA   A 1 101 ? 1.029   13.823  -1.153  1.00 8.14  ? 101 ALA   A C   1 
ATOM   772  O  O   . ALA   A 1 101 ? 0.287   13.403  -2.019  1.00 9.39  ? 101 ALA   A O   1 
ATOM   773  C  CB  . ALA   A 1 101 ? 2.471   12.279  0.159   1.00 9.07  ? 101 ALA   A CB  1 
ATOM   774  N  N   . VAL   A 1 102 ? 1.784   14.895  -1.275  1.00 9.34  ? 102 VAL   A N   1 
ATOM   775  C  CA  . VAL   A 1 102 ? 1.858   15.667  -2.550  1.00 9.40  ? 102 VAL   A CA  1 
ATOM   776  C  C   . VAL   A 1 102 ? 2.899   14.989  -3.429  1.00 9.12  ? 102 VAL   A C   1 
ATOM   777  O  O   . VAL   A 1 102 ? 4.073   14.825  -3.022  1.00 10.26 ? 102 VAL   A O   1 
ATOM   778  C  CB  . VAL   A 1 102 ? 2.203   17.130  -2.267  1.00 8.98  ? 102 VAL   A CB  1 
ATOM   779  C  CG1 . VAL   A 1 102 ? 2.359   17.885  -3.600  1.00 9.70  ? 102 VAL   A CG1 1 
ATOM   780  C  CG2 . VAL   A 1 102 ? 1.112   17.774  -1.429  1.00 9.35  ? 102 VAL   A CG2 1 
ATOM   781  N  N   . GLY   A 1 103 ? 2.469   14.484  -4.547  1.00 9.48  ? 103 GLY   A N   1 
ATOM   782  C  CA  . GLY   A 1 103 ? 3.371   13.744  -5.431  1.00 10.50 ? 103 GLY   A CA  1 
ATOM   783  C  C   . GLY   A 1 103 ? 2.611   13.166  -6.578  1.00 10.57 ? 103 GLY   A C   1 
ATOM   784  O  O   . GLY   A 1 103 ? 1.399   13.308  -6.707  1.00 11.89 ? 103 GLY   A O   1 
ATOM   785  N  N   . HIS   A 1 104 ? 3.367   12.582  -7.503  1.00 10.39 ? 104 HIS   A N   1 
ATOM   786  C  CA  . HIS   A 1 104 ? 2.803   11.969  -8.699  1.00 10.15 ? 104 HIS   A CA  1 
ATOM   787  C  C   . HIS   A 1 104 ? 2.429   10.516  -8.501  1.00 9.33  ? 104 HIS   A C   1 
ATOM   788  O  O   . HIS   A 1 104 ? 3.233   9.711   -8.018  1.00 9.94  ? 104 HIS   A O   1 
ATOM   789  C  CB  . HIS   A 1 104 ? 3.837   12.131  -9.848  1.00 10.38 ? 104 HIS   A CB  1 
ATOM   790  C  CG  . HIS   A 1 104 ? 3.275   11.669  -11.124 1.00 11.41 ? 104 HIS   A CG  1 
ATOM   791  N  ND1 . HIS   A 1 104 ? 2.231   12.347  -11.718 1.00 12.30 ? 104 HIS   A ND1 1 
ATOM   792  C  CD2 . HIS   A 1 104 ? 3.515   10.561  -11.849 1.00 12.57 ? 104 HIS   A CD2 1 
ATOM   793  C  CE1 . HIS   A 1 104 ? 1.903   11.645  -12.829 1.00 13.11 ? 104 HIS   A CE1 1 
ATOM   794  N  NE2 . HIS   A 1 104 ? 2.674   10.596  -12.889 1.00 12.47 ? 104 HIS   A NE2 1 
ATOM   795  N  N   . SER   A 1 105 ? 1.227   10.157  -8.957  1.00 9.90  ? 105 SER   A N   1 
ATOM   796  C  CA  . SER   A 1 105 ? 0.710   8.797   -8.897  1.00 9.22  ? 105 SER   A CA  1 
ATOM   797  C  C   . SER   A 1 105 ? -0.311  8.599   -10.011 1.00 10.04 ? 105 SER   A C   1 
ATOM   798  O  O   . SER   A 1 105 ? -1.345  9.328   -10.036 1.00 12.47 ? 105 SER   A O   1 
ATOM   799  C  CB  . SER   A 1 105 ? 0.113   8.541   -7.523  1.00 9.62  ? 105 SER   A CB  1 
ATOM   800  O  OG  . SER   A 1 105 ? -0.480  7.259   -7.521  1.00 10.79 ? 105 SER   A OG  1 
ATOM   801  N  N   . GLU   A 1 106 ? -0.043  7.667   -10.864 1.00 10.01 ? 106 GLU   A N   1 
ATOM   802  C  CA  . GLU   A 1 106 ? -0.959  7.114   -11.891 1.00 11.52 ? 106 GLU   A CA  1 
ATOM   803  C  C   . GLU   A 1 106 ? -1.375  5.720   -11.516 1.00 12.42 ? 106 GLU   A C   1 
ATOM   804  O  O   . GLU   A 1 106 ? -0.751  5.069   -10.673 1.00 12.43 ? 106 GLU   A O   1 
ATOM   805  C  CB  . GLU   A 1 106 ? -0.249  7.067   -13.260 1.00 14.42 ? 106 GLU   A CB  1 
ATOM   806  C  CG  . GLU   A 1 106 ? 0.198   8.419   -13.752 1.00 17.81 ? 106 GLU   A CG  1 
ATOM   807  C  CD  . GLU   A 1 106 ? 1.094   8.369   -15.004 1.00 17.76 ? 106 GLU   A CD  1 
ATOM   808  O  OE1 . GLU   A 1 106 ? 0.957   7.395   -15.805 1.00 23.84 ? 106 GLU   A OE1 1 
ATOM   809  O  OE2 . GLU   A 1 106 ? 1.929   9.204   -15.130 1.00 15.89 ? 106 GLU   A OE2 1 
ATOM   810  N  N   . PRO   A 1 107 ? -2.409  5.126   -12.171 1.00 12.67 ? 107 PRO   A N   1 
ATOM   811  C  CA  . PRO   A 1 107 ? -2.895  3.821   -11.772 1.00 13.01 ? 107 PRO   A CA  1 
ATOM   812  C  C   . PRO   A 1 107 ? -1.809  2.757   -11.681 1.00 13.00 ? 107 PRO   A C   1 
ATOM   813  O  O   . PRO   A 1 107 ? -1.761  1.977   -10.686 1.00 14.04 ? 107 PRO   A O   1 
ATOM   814  C  CB  . PRO   A 1 107 ? -3.932  3.548   -12.876 1.00 13.64 ? 107 PRO   A CB  1 
ATOM   815  C  CG  . PRO   A 1 107 ? -4.524  4.872   -13.124 1.00 14.80 ? 107 PRO   A CG  1 
ATOM   816  C  CD  . PRO   A 1 107 ? -3.295  5.775   -13.167 1.00 13.86 ? 107 PRO   A CD  1 
ATOM   817  N  N   . GLY   A 1 108 ? -0.907  2.701   -12.648 1.00 13.22 ? 108 GLY   A N   1 
ATOM   818  C  CA  . GLY   A 1 108 ? 0.105   1.658   -12.646 1.00 13.70 ? 108 GLY   A CA  1 
ATOM   819  C  C   . GLY   A 1 108 ? 1.191   1.872   -11.595 1.00 11.02 ? 108 GLY   A C   1 
ATOM   820  O  O   . GLY   A 1 108 ? 1.996   0.958   -11.396 1.00 12.01 ? 108 GLY   A O   1 
ATOM   821  N  N   . ASP   A 1 109 ? 1.180   3.028   -10.904 1.00 11.19 ? 109 ASP   A N   1 
ATOM   822  C  CA  . ASP   A 1 109 ? 2.069   3.206   -9.746  1.00 9.97  ? 109 ASP   A CA  1 
ATOM   823  C  C   . ASP   A 1 109 ? 1.604   2.421   -8.508  1.00 9.84  ? 109 ASP   A C   1 
ATOM   824  O  O   . ASP   A 1 109 ? 2.410   2.299   -7.556  1.00 9.83  ? 109 ASP   A O   1 
ATOM   825  C  CB  . ASP   A 1 109 ? 2.186   4.695   -9.414  1.00 10.18 ? 109 ASP   A CB  1 
ATOM   826  C  CG  . ASP   A 1 109 ? 2.925   5.447   -10.510 1.00 9.24  ? 109 ASP   A CG  1 
ATOM   827  O  OD1 . ASP   A 1 109 ? 3.935   4.848   -10.984 1.00 10.97 ? 109 ASP   A OD1 1 
ATOM   828  O  OD2 . ASP   A 1 109 ? 2.555   6.567   -10.829 1.00 9.99  ? 109 ASP   A OD2 1 
ATOM   829  N  N   . CYS   A 1 110 ? 0.389   1.905   -8.497  1.00 9.62  ? 110 CYS   A N   1 
ATOM   830  C  CA  . CYS   A 1 110 ? -0.071  1.147   -7.328  1.00 9.11  ? 110 CYS   A CA  1 
ATOM   831  C  C   . CYS   A 1 110 ? 0.883   0.018   -7.057  1.00 9.23  ? 110 CYS   A C   1 
ATOM   832  O  O   . CYS   A 1 110 ? 1.338   -0.683  -7.972  1.00 9.65  ? 110 CYS   A O   1 
ATOM   833  C  CB  . CYS   A 1 110 ? -1.473  0.629   -7.575  1.00 9.45  ? 110 CYS   A CB  1 
ATOM   834  S  SG  . CYS   A 1 110 ? -2.765  1.878   -7.452  1.00 10.79 ? 110 CYS   A SG  1 
ATOM   835  N  N   . GLY   A 1 111 ? 1.161   -0.199  -5.768  1.00 9.01  ? 111 GLY   A N   1 
ATOM   836  C  CA  . GLY   A 1 111 ? 2.049   -1.247  -5.283  1.00 8.74  ? 111 GLY   A CA  1 
ATOM   837  C  C   . GLY   A 1 111 ? 3.462   -0.765  -4.991  1.00 8.84  ? 111 GLY   A C   1 
ATOM   838  O  O   . GLY   A 1 111 ? 4.218   -1.491  -4.344  1.00 9.77  ? 111 GLY   A O   1 
ATOM   839  N  N   . GLY   A 1 112 ? 3.816   0.424   -5.404  1.00 9.11  ? 112 GLY   A N   1 
ATOM   840  C  CA  . GLY   A 1 112 ? 5.092   1.036   -5.029  1.00 8.88  ? 112 GLY   A CA  1 
ATOM   841  C  C   . GLY   A 1 112 ? 5.161   1.179   -3.508  1.00 8.61  ? 112 GLY   A C   1 
ATOM   842  O  O   . GLY   A 1 112 ? 4.186   1.588   -2.887  1.00 9.05  ? 112 GLY   A O   1 
ATOM   843  N  N   . ILE   A 1 113 ? 6.298   0.913   -2.921  1.00 8.57  ? 113 ILE   A N   1 
ATOM   844  C  CA  . ILE   A 1 113 ? 6.440   0.978   -1.447  1.00 8.58  ? 113 ILE   A CA  1 
ATOM   845  C  C   . ILE   A 1 113 ? 6.705   2.407   -1.005  1.00 8.57  ? 113 ILE   A C   1 
ATOM   846  O  O   . ILE   A 1 113 ? 7.519   3.131   -1.589  1.00 9.29  ? 113 ILE   A O   1 
ATOM   847  C  CB  . ILE   A 1 113 ? 7.586   0.062   -1.043  1.00 10.01 ? 113 ILE   A CB  1 
ATOM   848  C  CG1 . ILE   A 1 113 ? 7.044   -1.373  -1.077  1.00 12.28 ? 113 ILE   A CG1 1 
ATOM   849  C  CG2 . ILE   A 1 113 ? 8.196   0.398   0.333   1.00 9.91  ? 113 ILE   A CG2 1 
ATOM   850  C  CD1 . ILE   A 1 113 ? 8.078   -2.447  -0.846  1.00 14.27 ? 113 ILE   A CD1 1 
ATOM   851  N  N   . LEU   A 1 114 ? 6.073   2.752   0.110   1.00 8.29  ? 114 LEU   A N   1 
ATOM   852  C  CA  . LEU   A 1 114 ? 6.418   3.901   0.981   1.00 8.00  ? 114 LEU   A CA  1 
ATOM   853  C  C   . LEU   A 1 114 ? 7.156   3.310   2.187   1.00 8.20  ? 114 LEU   A C   1 
ATOM   854  O  O   . LEU   A 1 114 ? 6.643   2.370   2.816   1.00 8.65  ? 114 LEU   A O   1 
ATOM   855  C  CB  . LEU   A 1 114 ? 5.126   4.598   1.413   1.00 8.32  ? 114 LEU   A CB  1 
ATOM   856  C  CG  . LEU   A 1 114 ? 5.321   5.682   2.479   1.00 8.47  ? 114 LEU   A CG  1 
ATOM   857  C  CD1 . LEU   A 1 114 ? 6.077   6.887   1.935   1.00 9.10  ? 114 LEU   A CD1 1 
ATOM   858  C  CD2 . LEU   A 1 114 ? 3.941   6.135   2.996   1.00 8.79  ? 114 LEU   A CD2 1 
ATOM   859  N  N   . ARG   A 1 115 ? 8.318   3.861   2.477   1.00 8.77  ? 115 ARG   A N   1 
ATOM   860  C  CA  . ARG   A 1 115 ? 9.146   3.391   3.602   1.00 8.97  ? 115 ARG   A CA  1 
ATOM   861  C  C   . ARG   A 1 115 ? 9.622   4.546   4.444   1.00 8.79  ? 115 ARG   A C   1 
ATOM   862  O  O   . ARG   A 1 115 ? 9.843   5.654   3.945   1.00 9.44  ? 115 ARG   A O   1 
ATOM   863  C  CB  . ARG   A 1 115 ? 10.316  2.559   3.132   1.00 9.87  ? 115 ARG   A CB  1 
ATOM   864  C  CG  . ARG   A 1 115 ? 11.330  3.306   2.305   1.00 10.70 ? 115 ARG   A CG  1 
ATOM   865  C  CD  . ARG   A 1 115 ? 12.428  2.424   1.757   1.00 12.40 ? 115 ARG   A CD  1 
ATOM   866  N  NE  . ARG   A 1 115 ? 11.958  1.630   0.650   1.00 16.03 ? 115 ARG   A NE  1 
ATOM   867  C  CZ  . ARG   A 1 115 ? 11.956  0.295   0.572   1.00 16.97 ? 115 ARG   A CZ  1 
ATOM   868  N  NH1 . ARG   A 1 115 ? 12.312  -0.462  1.607   1.00 19.79 ? 115 ARG   A NH1 1 
ATOM   869  N  NH2 . ARG   A 1 115 ? 11.592  -0.270  -0.561  1.00 19.17 ? 115 ARG   A NH2 1 
ATOM   870  N  N   . CYS   A 1 116 ? 9.790   4.266   5.731   1.00 9.23  ? 116 CYS   A N   1 
ATOM   871  C  CA  . CYS   A 1 116 ? 10.387  5.210   6.700   1.00 9.77  ? 116 CYS   A CA  1 
ATOM   872  C  C   . CYS   A 1 116 ? 11.596  4.531   7.309   1.00 9.76  ? 116 CYS   A C   1 
ATOM   873  O  O   . CYS   A 1 116 ? 11.984  3.445   6.957   1.00 10.63 ? 116 CYS   A O   1 
ATOM   874  C  CB  . CYS   A 1 116 ? 9.355   5.612   7.754   1.00 9.68  ? 116 CYS   A CB  1 
ATOM   875  S  SG  . CYS   A 1 116 ? 8.887   4.201   8.812   1.00 9.56  ? 116 CYS   A SG  1 
ATOM   876  N  N   . GLN   A 1 117 ? 12.148  5.207   8.306   1.00 11.15 ? 117 GLN   A N   1 
ATOM   877  C  CA  . GLN   A 1 117 ? 13.308  4.637   9.015   1.00 12.20 ? 117 GLN   A CA  1 
ATOM   878  C  C   . GLN   A 1 117 ? 12.975  3.297   9.672   1.00 11.47 ? 117 GLN   A C   1 
ATOM   879  O  O   . GLN   A 1 117 ? 13.898  2.541   9.969   1.00 14.16 ? 117 GLN   A O   1 
ATOM   880  C  CB  . GLN   A 1 117 ? 13.850  5.618   10.054  1.00 13.66 ? 117 GLN   A CB  1 
ATOM   881  C  CG  . GLN   A 1 117 ? 12.910  5.842   11.229  1.00 15.45 ? 117 GLN   A CG  1 
ATOM   882  C  CD  . GLN   A 1 117 ? 13.377  6.821   12.273  1.00 19.84 ? 117 GLN   A CD  1 
ATOM   883  O  OE1 . GLN   A 1 117 ? 13.093  8.015   12.176  1.00 24.89 ? 117 GLN   A OE1 1 
ATOM   884  N  NE2 . GLN   A 1 117 ? 14.113  6.288   13.226  1.00 21.59 ? 117 GLN   A NE2 1 
ATOM   885  N  N   . HIS   A 1 118 ? 11.724  2.972   9.943   1.00 11.44 ? 118 HIS   A N   1 
ATOM   886  C  CA  . HIS   A 1 118 ? 11.377  1.703   10.594  1.00 11.26 ? 118 HIS   A CA  1 
ATOM   887  C  C   . HIS   A 1 118 ? 11.043  0.578   9.612   1.00 11.51 ? 118 HIS   A C   1 
ATOM   888  O  O   . HIS   A 1 118 ? 10.799  -0.559  10.077  1.00 13.01 ? 118 HIS   A O   1 
ATOM   889  C  CB  . HIS   A 1 118 ? 10.191  1.932   11.540  1.00 10.69 ? 118 HIS   A CB  1 
ATOM   890  C  CG  . HIS   A 1 118 ? 10.429  3.033   12.498  1.00 10.51 ? 118 HIS   A CG  1 
ATOM   891  N  ND1 . HIS   A 1 118 ? 9.906   4.295   12.345  1.00 10.25 ? 118 HIS   A ND1 1 
ATOM   892  C  CD2 . HIS   A 1 118 ? 11.160  3.033   13.642  1.00 11.05 ? 118 HIS   A CD2 1 
ATOM   893  C  CE1 . HIS   A 1 118 ? 10.345  5.041   13.373  1.00 11.35 ? 118 HIS   A CE1 1 
ATOM   894  N  NE2 . HIS   A 1 118 ? 11.072  4.261   14.189  1.00 12.63 ? 118 HIS   A NE2 1 
ATOM   895  N  N   . GLY   A 1 119 ? 10.966  0.842   8.294   1.00 10.28 ? 119 GLY   A N   1 
ATOM   896  C  CA  . GLY   A 1 119 ? 10.588  -0.194  7.331   1.00 10.10 ? 119 GLY   A CA  1 
ATOM   897  C  C   . GLY   A 1 119 ? 9.436   0.263   6.470   1.00 8.22  ? 119 GLY   A C   1 
ATOM   898  O  O   . GLY   A 1 119 ? 9.249   1.435   6.229   1.00 9.44  ? 119 GLY   A O   1 
ATOM   899  N  N   . VAL   A 1 120 ? 8.726   -0.709  5.955   1.00 8.69  ? 120 VAL   A N   1 
ATOM   900  C  CA  . VAL   A 1 120 ? 7.652   -0.464  4.963   1.00 8.91  ? 120 VAL   A CA  1 
ATOM   901  C  C   . VAL   A 1 120 ? 6.437   0.092   5.679   1.00 8.72  ? 120 VAL   A C   1 
ATOM   902  O  O   . VAL   A 1 120 ? 5.909   -0.538  6.632   1.00 10.09 ? 120 VAL   A O   1 
ATOM   903  C  CB  . VAL   A 1 120 ? 7.330   -1.745  4.182   1.00 9.69  ? 120 VAL   A CB  1 
ATOM   904  C  CG1 . VAL   A 1 120 ? 6.112   -1.520  3.300   1.00 9.38  ? 120 VAL   A CG1 1 
ATOM   905  C  CG2 . VAL   A 1 120 ? 8.554   -2.202  3.390   1.00 10.77 ? 120 VAL   A CG2 1 
ATOM   906  N  N   . VAL   A 1 121 ? 5.934   1.217   5.232   1.00 8.53  ? 121 VAL   A N   1 
ATOM   907  C  CA  . VAL   A 1 121 ? 4.749   1.908   5.795   1.00 8.03  ? 121 VAL   A CA  1 
ATOM   908  C  C   . VAL   A 1 121 ? 3.494   1.461   5.090   1.00 8.13  ? 121 VAL   A C   1 
ATOM   909  O  O   . VAL   A 1 121 ? 2.431   1.314   5.697   1.00 9.20  ? 121 VAL   A O   1 
ATOM   910  C  CB  . VAL   A 1 121 ? 4.968   3.408   5.691   1.00 8.95  ? 121 VAL   A CB  1 
ATOM   911  C  CG1 . VAL   A 1 121 ? 3.745   4.163   6.143   1.00 9.02  ? 121 VAL   A CG1 1 
ATOM   912  C  CG2 . VAL   A 1 121 ? 6.187   3.858   6.482   1.00 9.70  ? 121 VAL   A CG2 1 
ATOM   913  N  N   . GLY   A 1 122 ? 3.558   1.330   3.774   1.00 8.71  ? 122 GLY   A N   1 
ATOM   914  C  CA  . GLY   A 1 122 ? 2.363   1.020   2.964   1.00 9.43  ? 122 GLY   A CA  1 
ATOM   915  C  C   . GLY   A 1 122 ? 2.720   0.983   1.501   1.00 8.23  ? 122 GLY   A C   1 
ATOM   916  O  O   . GLY   A 1 122 ? 3.926   0.977   1.133   1.00 9.10  ? 122 GLY   A O   1 
ATOM   917  N  N   . ILE   A 1 123 ? 1.713   0.868   0.667   1.00 7.99  ? 123 ILE   A N   1 
ATOM   918  C  CA  . ILE   A 1 123 ? 1.883   0.789   -0.813  1.00 8.27  ? 123 ILE   A CA  1 
ATOM   919  C  C   . ILE   A 1 123 ? 1.004   1.841   -1.479  1.00 7.84  ? 123 ILE   A C   1 
ATOM   920  O  O   . ILE   A 1 123 ? -0.102  2.145   -0.980  1.00 8.03  ? 123 ILE   A O   1 
ATOM   921  C  CB  . ILE   A 1 123 ? 1.605   -0.612  -1.382  1.00 8.90  ? 123 ILE   A CB  1 
ATOM   922  C  CG1 . ILE   A 1 123 ? 0.245   -1.190  -0.951  1.00 9.84  ? 123 ILE   A CG1 1 
ATOM   923  C  CG2 . ILE   A 1 123 ? 2.765   -1.545  -1.067  1.00 9.92  ? 123 ILE   A CG2 1 
ATOM   924  C  CD1 . ILE   A 1 123 ? -0.145  -2.471  -1.654  1.00 10.24 ? 123 ILE   A CD1 1 
ATOM   925  N  N   . VAL   A 1 124 ? 1.456   2.323   -2.608  1.00 7.70  ? 124 VAL   A N   1 
ATOM   926  C  CA  . VAL   A 1 124 ? 0.651   3.267   -3.390  1.00 8.13  ? 124 VAL   A CA  1 
ATOM   927  C  C   . VAL   A 1 124 ? -0.682  2.612   -3.693  1.00 8.15  ? 124 VAL   A C   1 
ATOM   928  O  O   . VAL   A 1 124 ? -0.739  1.438   -4.152  1.00 8.26  ? 124 VAL   A O   1 
ATOM   929  C  CB  . VAL   A 1 124 ? 1.356   3.686   -4.676  1.00 8.07  ? 124 VAL   A CB  1 
ATOM   930  C  CG1 . VAL   A 1 124 ? 0.455   4.533   -5.554  1.00 8.18  ? 124 VAL   A CG1 1 
ATOM   931  C  CG2 . VAL   A 1 124 ? 2.660   4.413   -4.392  1.00 8.67  ? 124 VAL   A CG2 1 
ATOM   932  N  N   . SER   A 1 125 ? -1.766  3.359   -3.536  1.00 8.26  ? 125 SER   A N   1 
ATOM   933  C  CA  . SER   A 1 125 ? -3.123  2.904   -3.819  1.00 8.88  ? 125 SER   A CA  1 
ATOM   934  C  C   . SER   A 1 125 ? -3.968  3.947   -4.521  1.00 8.99  ? 125 SER   A C   1 
ATOM   935  O  O   . SER   A 1 125 ? -4.941  3.520   -5.174  1.00 9.92  ? 125 SER   A O   1 
ATOM   936  C  CB  . SER   A 1 125 ? -3.772  2.532   -2.498  1.00 9.49  ? 125 SER   A CB  1 
ATOM   937  O  OG  . SER   A 1 125 ? -5.127  2.106   -2.647  1.00 10.61 ? 125 SER   A OG  1 
ATOM   938  N  N   . THR   A 1 126 ? -3.681  5.236   -4.443  1.00 9.00  ? 126 THR   A N   1 
ATOM   939  C  CA  . THR   A 1 126 ? -4.512  6.254   -5.106  1.00 9.19  ? 126 THR   A CA  1 
ATOM   940  C  C   . THR   A 1 126 ? -3.618  7.290   -5.776  1.00 9.84  ? 126 THR   A C   1 
ATOM   941  O  O   . THR   A 1 126 ? -2.415  7.381   -5.451  1.00 9.11  ? 126 THR   A O   1 
ATOM   942  C  CB  . THR   A 1 126 ? -5.537  6.985   -4.203  1.00 10.04 ? 126 THR   A CB  1 
ATOM   943  O  OG1 . THR   A 1 126 ? -4.831  7.926   -3.382  1.00 9.87  ? 126 THR   A OG1 1 
ATOM   944  C  CG2 . THR   A 1 126 ? -6.324  6.019   -3.323  1.00 10.51 ? 126 THR   A CG2 1 
ATOM   945  N  N   . GLY   A 1 127 ? -4.190  8.047   -6.680  1.00 10.11 ? 127 GLY   A N   1 
ATOM   946  C  CA  . GLY   A 1 127 ? -3.479  9.120   -7.338  1.00 10.86 ? 127 GLY   A CA  1 
ATOM   947  C  C   . GLY   A 1 127 ? -4.416  10.154  -7.893  1.00 12.15 ? 127 GLY   A C   1 
ATOM   948  O  O   . GLY   A 1 127 ? -5.609  10.169  -7.571  1.00 13.41 ? 127 GLY   A O   1 
ATOM   949  N  N   . GLY   A 1 128 ? -3.894  11.028  -8.724  1.00 13.10 ? 128 GLY   A N   1 
ATOM   950  C  CA  . GLY   A 1 128 ? -4.628  12.144  -9.351  1.00 13.68 ? 128 GLY   A CA  1 
ATOM   951  C  C   . GLY   A 1 128 ? -4.560  13.419  -8.559  1.00 13.37 ? 128 GLY   A C   1 
ATOM   952  O  O   . GLY   A 1 128 ? -4.305  13.446  -7.340  1.00 12.93 ? 128 GLY   A O   1 
ATOM   953  N  N   . ASN   A 1 129 ? -4.815  14.538  -9.245  1.00 14.73 ? 129 ASN   A N   1 
ATOM   954  C  CA  . ASN   A 1 129 ? -4.896  15.886  -8.608  1.00 15.61 ? 129 ASN   A CA  1 
ATOM   955  C  C   . ASN   A 1 129 ? -3.652  16.191  -7.787  1.00 13.16 ? 129 ASN   A C   1 
ATOM   956  O  O   . ASN   A 1 129 ? -3.731  16.890  -6.742  1.00 13.78 ? 129 ASN   A O   1 
ATOM   957  C  CB  . ASN   A 1 129 ? -6.143  16.092  -7.740  1.00 19.10 ? 129 ASN   A CB  1 
ATOM   958  C  CG  . ASN   A 1 129 ? -7.390  16.399  -8.537  1.00 24.40 ? 129 ASN   A CG  1 
ATOM   959  O  OD1 . ASN   A 1 129 ? -7.330  17.105  -9.548  1.00 25.50 ? 129 ASN   A OD1 1 
ATOM   960  N  ND2 . ASN   A 1 129 ? -8.505  15.842  -8.096  1.00 26.71 ? 129 ASN   A ND2 1 
ATOM   961  N  N   . GLY   A 1 130 ? -2.495  15.716  -8.254  1.00 11.94 ? 130 GLY   A N   1 
ATOM   962  C  CA  . GLY   A 1 130 ? -1.212  16.042  -7.625  1.00 11.21 ? 130 GLY   A CA  1 
ATOM   963  C  C   . GLY   A 1 130 ? -0.969  15.402  -6.261  1.00 9.85  ? 130 GLY   A C   1 
ATOM   964  O  O   . GLY   A 1 130 ? -0.046  15.824  -5.632  1.00 9.86  ? 130 GLY   A O   1 
ATOM   965  N  N   . LEU   A 1 131 ? -1.764  14.415  -5.873  1.00 10.23 ? 131 LEU   A N   1 
ATOM   966  C  CA  . LEU   A 1 131 ? -1.557  13.657  -4.637  1.00 9.26  ? 131 LEU   A CA  1 
ATOM   967  C  C   . LEU   A 1 131 ? -1.217  12.216  -4.974  1.00 10.09 ? 131 LEU   A C   1 
ATOM   968  O  O   . LEU   A 1 131 ? -1.649  11.658  -6.017  1.00 11.45 ? 131 LEU   A O   1 
ATOM   969  C  CB  . LEU   A 1 131 ? -2.764  13.695  -3.720  1.00 10.98 ? 131 LEU   A CB  1 
ATOM   970  C  CG  . LEU   A 1 131 ? -3.262  15.078  -3.306  1.00 10.91 ? 131 LEU   A CG  1 
ATOM   971  C  CD1 . LEU   A 1 131 ? -4.343  14.889  -2.219  1.00 12.23 ? 131 LEU   A CD1 1 
ATOM   972  C  CD2 . LEU   A 1 131 ? -2.151  15.984  -2.827  1.00 11.34 ? 131 LEU   A CD2 1 
ATOM   973  N  N   . VAL   A 1 132 ? -0.549  11.570  -4.041  1.00 9.37  ? 132 VAL   A N   1 
ATOM   974  C  CA  . VAL   A 1 132 ? -0.371  10.107  -4.036  1.00 8.61  ? 132 VAL   A CA  1 
ATOM   975  C  C   . VAL   A 1 132 ? -0.939  9.620   -2.714  1.00 8.92  ? 132 VAL   A C   1 
ATOM   976  O  O   . VAL   A 1 132 ? -0.645  10.195  -1.648  1.00 9.38  ? 132 VAL   A O   1 
ATOM   977  C  CB  . VAL   A 1 132 ? 1.100   9.716   -4.221  1.00 9.71  ? 132 VAL   A CB  1 
ATOM   978  C  CG1 . VAL   A 1 132 ? 2.070   10.461  -3.349  1.00 11.09 ? 132 VAL   A CG1 1 
ATOM   979  C  CG2 . VAL   A 1 132 ? 1.290   8.218   -4.165  1.00 9.53  ? 132 VAL   A CG2 1 
ATOM   980  N  N   . GLY   A 1 133 ? -1.743  8.582   -2.775  1.00 8.32  ? 133 GLY   A N   1 
ATOM   981  C  CA  . GLY   A 1 133 ? -2.328  7.954   -1.601  1.00 8.09  ? 133 GLY   A CA  1 
ATOM   982  C  C   . GLY   A 1 133 ? -1.739  6.585   -1.364  1.00 7.94  ? 133 GLY   A C   1 
ATOM   983  O  O   . GLY   A 1 133 ? -1.510  5.860   -2.346  1.00 9.07  ? 133 GLY   A O   1 
ATOM   984  N  N   . PHE   A 1 134 ? -1.495  6.257   -0.115  1.00 7.91  ? 134 PHE   A N   1 
ATOM   985  C  CA  . PHE   A 1 134 ? -0.854  5.012   0.311   1.00 8.11  ? 134 PHE   A CA  1 
ATOM   986  C  C   . PHE   A 1 134 ? -1.763  4.273   1.274   1.00 8.18  ? 134 PHE   A C   1 
ATOM   987  O  O   . PHE   A 1 134 ? -2.315  4.878   2.203   1.00 8.75  ? 134 PHE   A O   1 
ATOM   988  C  CB  . PHE   A 1 134 ? 0.460   5.267   1.038   1.00 8.23  ? 134 PHE   A CB  1 
ATOM   989  C  CG  . PHE   A 1 134 ? 1.398   6.183   0.305   1.00 8.50  ? 134 PHE   A CG  1 
ATOM   990  C  CD1 . PHE   A 1 134 ? 2.226   5.671   -0.680  1.00 8.38  ? 134 PHE   A CD1 1 
ATOM   991  C  CD2 . PHE   A 1 134 ? 1.420   7.552   0.558   1.00 9.13  ? 134 PHE   A CD2 1 
ATOM   992  C  CE1 . PHE   A 1 134 ? 3.115   6.508   -1.343  1.00 8.98  ? 134 PHE   A CE1 1 
ATOM   993  C  CE2 . PHE   A 1 134 ? 2.333   8.375   -0.103  1.00 9.39  ? 134 PHE   A CE2 1 
ATOM   994  C  CZ  . PHE   A 1 134 ? 3.178   7.837   -1.034  1.00 8.96  ? 134 PHE   A CZ  1 
ATOM   995  N  N   . ALA   A 1 135 ? -1.963  2.991   0.985   1.00 7.92  ? 135 ALA   A N   1 
ATOM   996  C  CA  . ALA   A 1 135 ? -2.651  2.080   1.918   1.00 8.67  ? 135 ALA   A CA  1 
ATOM   997  C  C   . ALA   A 1 135 ? -1.679  1.717   3.037   1.00 8.12  ? 135 ALA   A C   1 
ATOM   998  O  O   . ALA   A 1 135 ? -0.671  1.076   2.766   1.00 8.53  ? 135 ALA   A O   1 
ATOM   999  C  CB  . ALA   A 1 135 ? -3.138  0.890   1.153   1.00 8.44  ? 135 ALA   A CB  1 
ATOM   1000 N  N   . ASP   A 1 136 ? -2.018  2.098   4.263   1.00 7.94  ? 136 ASP   A N   1 
ATOM   1001 C  CA  . ASP   A 1 136 ? -1.186  1.783   5.431   1.00 8.08  ? 136 ASP   A CA  1 
ATOM   1002 C  C   . ASP   A 1 136 ? -1.201  0.293   5.711   1.00 8.36  ? 136 ASP   A C   1 
ATOM   1003 O  O   . ASP   A 1 136 ? -2.271  -0.348  5.553   1.00 9.03  ? 136 ASP   A O   1 
ATOM   1004 C  CB  . ASP   A 1 136 ? -1.712  2.526   6.647   1.00 8.87  ? 136 ASP   A CB  1 
ATOM   1005 C  CG  . ASP   A 1 136 ? -0.843  2.362   7.879   1.00 9.11  ? 136 ASP   A CG  1 
ATOM   1006 O  OD1 . ASP   A 1 136 ? 0.359   2.595   7.805   1.00 10.14 ? 136 ASP   A OD1 1 
ATOM   1007 O  OD2 . ASP   A 1 136 ? -1.389  1.902   8.899   1.00 11.39 ? 136 ASP   A OD2 1 
ATOM   1008 N  N   . VAL   A 1 137 ? -0.096  -0.231  6.190   1.00 8.10  ? 137 VAL   A N   1 
ATOM   1009 C  CA  . VAL   A 1 137 ? -0.050  -1.624  6.714   1.00 8.56  ? 137 VAL   A CA  1 
ATOM   1010 C  C   . VAL   A 1 137 ? 0.525   -1.652  8.134   1.00 8.83  ? 137 VAL   A C   1 
ATOM   1011 O  O   . VAL   A 1 137 ? 0.670   -2.749  8.649   1.00 9.27  ? 137 VAL   A O   1 
ATOM   1012 C  CB  . VAL   A 1 137 ? 0.779   -2.541  5.794   1.00 9.18  ? 137 VAL   A CB  1 
ATOM   1013 C  CG1 . VAL   A 1 137 ? 0.137   -2.625  4.411   1.00 9.49  ? 137 VAL   A CG1 1 
ATOM   1014 C  CG2 . VAL   A 1 137 ? 2.228   -2.100  5.649   1.00 9.81  ? 137 VAL   A CG2 1 
ATOM   1015 N  N   . ARG   A 1 138 ? 0.890   -0.519  8.721   1.00 9.19  ? 138 ARG   A N   1 
ATOM   1016 C  CA  . ARG   A 1 138 ? 1.576   -0.553  10.030  1.00 9.06  ? 138 ARG   A CA  1 
ATOM   1017 C  C   . ARG   A 1 138 ? 0.660   -1.015  11.146  1.00 9.92  ? 138 ARG   A C   1 
ATOM   1018 O  O   . ARG   A 1 138 ? 1.199   -1.391  12.198  1.00 11.06 ? 138 ARG   A O   1 
ATOM   1019 C  CB  . ARG   A 1 138 ? 2.132   0.826   10.352  1.00 8.98  ? 138 ARG   A CB  1 
ATOM   1020 C  CG  . ARG   A 1 138 ? 3.194   1.299   9.374   1.00 8.76  ? 138 ARG   A CG  1 
ATOM   1021 C  CD  . ARG   A 1 138 ? 3.591   2.719   9.742   1.00 8.60  ? 138 ARG   A CD  1 
ATOM   1022 N  NE  . ARG   A 1 138 ? 2.502   3.615   9.433   1.00 8.51  ? 138 ARG   A NE  1 
ATOM   1023 C  CZ  . ARG   A 1 138 ? 2.555   4.937   9.530   1.00 8.25  ? 138 ARG   A CZ  1 
ATOM   1024 N  NH1 . ARG   A 1 138 ? 3.602   5.489   10.140  1.00 8.64  ? 138 ARG   A NH1 1 
ATOM   1025 N  NH2 . ARG   A 1 138 ? 1.554   5.662   9.067   1.00 8.71  ? 138 ARG   A NH2 1 
ATOM   1026 N  N   . ASP   A 1 139 ? -0.637  -0.950  10.953  1.00 9.19  ? 139 ASP   A N   1 
ATOM   1027 C  CA  . ASP   A 1 139 ? -1.567  -1.486  11.975  1.00 10.23 ? 139 ASP   A CA  1 
ATOM   1028 C  C   . ASP   A 1 139 ? -1.739  -2.999  11.868  1.00 11.56 ? 139 ASP   A C   1 
ATOM   1029 O  O   . ASP   A 1 139 ? -2.352  -3.571  12.810  1.00 13.44 ? 139 ASP   A O   1 
ATOM   1030 C  CB  . ASP   A 1 139 ? -2.923  -0.824  11.908  1.00 11.43 ? 139 ASP   A CB  1 
ATOM   1031 C  CG  . ASP   A 1 139 ? -3.667  -1.114  10.623  1.00 11.71 ? 139 ASP   A CG  1 
ATOM   1032 O  OD1 . ASP   A 1 139 ? -2.985  -1.171  9.569   1.00 11.33 ? 139 ASP   A OD1 1 
ATOM   1033 O  OD2 . ASP   A 1 139 ? -4.909  -1.252  10.662  1.00 13.86 ? 139 ASP   A OD2 1 
ATOM   1034 N  N   . LEU   A 1 140 ? -1.232  -3.650  10.822  1.00 9.89  ? 140 LEU   A N   1 
ATOM   1035 C  CA  . LEU   A 1 140 ? -1.497  -5.093  10.631  1.00 10.64 ? 140 LEU   A CA  1 
ATOM   1036 C  C   . LEU   A 1 140 ? -0.382  -5.863  11.341  1.00 10.71 ? 140 LEU   A C   1 
ATOM   1037 O  O   . LEU   A 1 140 ? 0.549   -6.389  10.730  1.00 11.09 ? 140 LEU   A O   1 
ATOM   1038 C  CB  . LEU   A 1 140 ? -1.560  -5.352  9.126   1.00 10.62 ? 140 LEU   A CB  1 
ATOM   1039 C  CG  . LEU   A 1 140 ? -2.635  -4.589  8.342   1.00 12.01 ? 140 LEU   A CG  1 
ATOM   1040 C  CD1 . LEU   A 1 140 ? -2.495  -4.890  6.849   1.00 12.19 ? 140 LEU   A CD1 1 
ATOM   1041 C  CD2 . LEU   A 1 140 ? -4.039  -4.894  8.851   1.00 12.31 ? 140 LEU   A CD2 1 
ATOM   1042 N  N   . LEU   A 1 141 ? -0.480  -5.934  12.683  1.00 11.15 ? 141 LEU   A N   1 
ATOM   1043 C  CA  . LEU   A 1 141 ? 0.647   -6.463  13.482  1.00 11.75 ? 141 LEU   A CA  1 
ATOM   1044 C  C   . LEU   A 1 141 ? 0.863   -7.947  13.243  1.00 11.75 ? 141 LEU   A C   1 
ATOM   1045 O  O   . LEU   A 1 141 ? 1.972   -8.421  13.389  1.00 13.77 ? 141 LEU   A O   1 
ATOM   1046 C  CB  . LEU   A 1 141 ? 0.418   -6.246  14.987  1.00 13.02 ? 141 LEU   A CB  1 
ATOM   1047 C  CG  . LEU   A 1 141 ? 0.051   -4.828  15.398  1.00 15.23 ? 141 LEU   A CG  1 
ATOM   1048 C  CD1 . LEU   A 1 141 ? 0.073   -4.727  16.906  1.00 16.57 ? 141 LEU   A CD1 1 
ATOM   1049 C  CD2 . LEU   A 1 141 ? 0.968   -3.729  14.862  1.00 14.95 ? 141 LEU   A CD2 1 
ATOM   1050 N  N   . TRP   A 1 142 ? -0.186  -8.664  12.812  1.00 11.34 ? 142 TRP   A N   1 
ATOM   1051 C  CA  . TRP   A 1 142 ? -0.113  -10.119 12.537  1.00 13.00 ? 142 TRP   A CA  1 
ATOM   1052 C  C   . TRP   A 1 142 ? 0.798   -10.413 11.353  1.00 13.35 ? 142 TRP   A C   1 
ATOM   1053 O  O   . TRP   A 1 142 ? 1.239   -11.563 11.191  1.00 14.52 ? 142 TRP   A O   1 
ATOM   1054 C  CB  . TRP   A 1 142 ? -1.527  -10.654 12.355  1.00 12.59 ? 142 TRP   A CB  1 
ATOM   1055 C  CG  . TRP   A 1 142 ? -2.326  -9.946  11.294  1.00 11.91 ? 142 TRP   A CG  1 
ATOM   1056 C  CD1 . TRP   A 1 142 ? -3.260  -8.977  11.495  1.00 13.81 ? 142 TRP   A CD1 1 
ATOM   1057 C  CD2 . TRP   A 1 142 ? -2.276  -10.202 9.882   1.00 13.13 ? 142 TRP   A CD2 1 
ATOM   1058 N  NE1 . TRP   A 1 142 ? -3.811  -8.594  10.301  1.00 13.69 ? 142 TRP   A NE1 1 
ATOM   1059 C  CE2 . TRP   A 1 142 ? -3.258  -9.359  9.312   1.00 13.31 ? 142 TRP   A CE2 1 
ATOM   1060 C  CE3 . TRP   A 1 142 ? -1.589  -11.118 9.082   1.00 14.27 ? 142 TRP   A CE3 1 
ATOM   1061 C  CZ2 . TRP   A 1 142 ? -3.461  -9.333  7.930   1.00 14.41 ? 142 TRP   A CZ2 1 
ATOM   1062 C  CZ3 . TRP   A 1 142 ? -1.812  -11.103 7.716   1.00 14.38 ? 142 TRP   A CZ3 1 
ATOM   1063 C  CH2 . TRP   A 1 142 ? -2.756  -10.238 7.175   1.00 14.54 ? 142 TRP   A CH2 1 
ATOM   1064 N  N   . LEU   A 1 143 ? 1.124   -9.436  10.509  1.00 13.43 ? 143 LEU   A N   1 
ATOM   1065 C  CA  . LEU   A 1 143 ? 2.067   -9.693  9.388   1.00 13.01 ? 143 LEU   A CA  1 
ATOM   1066 C  C   . LEU   A 1 143 ? 3.450   -10.146 9.919   1.00 14.76 ? 143 LEU   A C   1 
ATOM   1067 O  O   . LEU   A 1 143 ? 4.195   -10.736 9.150   1.00 15.87 ? 143 LEU   A O   1 
ATOM   1068 C  CB  . LEU   A 1 143 ? 2.268   -8.458  8.518   1.00 12.77 ? 143 LEU   A CB  1 
ATOM   1069 C  CG  . LEU   A 1 143 ? 1.076   -8.049  7.641   1.00 11.74 ? 143 LEU   A CG  1 
ATOM   1070 C  CD1 . LEU   A 1 143 ? 1.292   -6.689  7.033   1.00 13.03 ? 143 LEU   A CD1 1 
ATOM   1071 C  CD2 . LEU   A 1 143 ? 0.872   -9.069  6.520   1.00 13.20 ? 143 LEU   A CD2 1 
ATOM   1072 N  N   . ASP   A 1 144 ? 3.787   -9.795  11.162  1.00 15.34 ? 144 ASP   A N   1 
ATOM   1073 C  CA  . ASP   A 1 144 ? 5.151   -9.998  11.722  1.00 18.15 ? 144 ASP   A CA  1 
ATOM   1074 C  C   . ASP   A 1 144 ? 5.336   -11.401 12.273  1.00 19.95 ? 144 ASP   A C   1 
ATOM   1075 O  O   . ASP   A 1 144 ? 6.487   -11.703 12.650  1.00 21.86 ? 144 ASP   A O   1 
ATOM   1076 C  CB  . ASP   A 1 144 ? 5.447   -9.001  12.846  1.00 18.76 ? 144 ASP   A CB  1 
ATOM   1077 C  CG  . ASP   A 1 144 ? 5.534   -7.562  12.393  1.00 16.02 ? 144 ASP   A CG  1 
ATOM   1078 O  OD1 . ASP   A 1 144 ? 5.576   -7.302  11.150  1.00 19.51 ? 144 ASP   A OD1 1 
ATOM   1079 O  OD2 . ASP   A 1 144 ? 5.492   -6.651  13.272  1.00 21.11 ? 144 ASP   A OD2 1 
ATOM   1080 N  N   . GLU   A 1 145 ? 4.310   -12.227 12.256  1.00 22.71 ? 145 GLU   A N   1 
ATOM   1081 C  CA  . GLU   A 1 145 ? 4.382   -13.612 12.797  1.00 28.80 ? 145 GLU   A CA  1 
ATOM   1082 C  C   . GLU   A 1 145 ? 3.601   -14.594 11.927  1.00 27.74 ? 145 GLU   A C   1 
ATOM   1083 O  O   . GLU   A 1 145 ? 2.744   -14.158 11.152  1.00 25.09 ? 145 GLU   A O   1 
ATOM   1084 C  CB  . GLU   A 1 145 ? 3.793   -13.622 14.203  1.00 32.45 ? 145 GLU   A CB  1 
ATOM   1085 C  CG  . GLU   A 1 145 ? 2.289   -13.360 14.236  1.00 36.83 ? 145 GLU   A CG  1 
ATOM   1086 C  CD  . GLU   A 1 145 ? 1.803   -12.381 15.295  1.00 45.70 ? 145 GLU   A CD  1 
ATOM   1087 O  OE1 . GLU   A 1 145 ? 0.554   -12.203 15.430  1.00 48.63 ? 145 GLU   A OE1 1 
ATOM   1088 O  OE2 . GLU   A 1 145 ? 2.660   -11.787 15.974  1.00 55.66 ? 145 GLU   A OE2 1 
ATOM   1089 N  N   . GLU   A 1 146 ? 3.874   -15.889 12.105  1.00 34.86 ? 146 GLU   A N   1 
ATOM   1090 C  CA  . GLU   A 1 146 ? 2.920   -17.008 11.857  1.00 41.91 ? 146 GLU   A CA  1 
ATOM   1091 C  C   . GLU   A 1 146 ? 2.729   -17.187 10.350  1.00 51.92 ? 146 GLU   A C   1 
ATOM   1092 O  O   . GLU   A 1 146 ? 2.102   -18.142 9.870   1.00 61.59 ? 146 GLU   A O   1 
ATOM   1093 C  CB  . GLU   A 1 146 ? 1.625   -16.733 12.633  1.00 39.57 ? 146 GLU   A CB  1 
ATOM   1094 C  CG  . GLU   A 1 146 ? 0.350   -17.002 11.851  1.00 45.74 ? 146 GLU   A CG  1 
ATOM   1095 C  CD  . GLU   A 1 146 ? -0.283  -18.380 11.942  1.00 52.13 ? 146 GLU   A CD  1 
ATOM   1096 O  OE1 . GLU   A 1 146 ? -1.315  -18.577 11.258  1.00 45.03 ? 146 GLU   A OE1 1 
ATOM   1097 O  OE2 . GLU   A 1 146 ? 0.229   -19.248 12.699  1.00 54.90 ? 146 GLU   A OE2 1 
HETATM 1098 N  N1  . A1AMX B 2 .   ? -9.419  4.106   8.912   0.50 20.00 ? 201 A1AMX A N1  1 
HETATM 1099 C  C4  . A1AMX B 2 .   ? -8.332  6.728   11.535  0.50 20.00 ? 201 A1AMX A C4  1 
HETATM 1100 C  C5  . A1AMX B 2 .   ? -8.813  8.143   11.832  0.50 20.00 ? 201 A1AMX A C5  1 
HETATM 1101 C  C6  . A1AMX B 2 .   ? -10.437 3.398   9.559   0.50 20.00 ? 201 A1AMX A C6  1 
HETATM 1102 C  C7  . A1AMX B 2 .   ? -9.906  4.834   7.817   0.50 20.00 ? 201 A1AMX A C7  1 
HETATM 1103 N  N   . A1AMX B 2 .   ? -9.193  6.054   10.537  0.50 20.00 ? 201 A1AMX A N   1 
HETATM 1104 C  C   . A1AMX B 2 .   ? -12.429 9.175   12.630  0.50 20.00 ? 201 A1AMX A C   1 
HETATM 1105 O  O   . A1AMX B 2 .   ? -10.216 8.184   12.009  0.50 20.00 ? 201 A1AMX A O   1 
HETATM 1106 C  C1  . A1AMX B 2 .   ? -12.132 8.068   11.351  0.50 20.00 ? 201 A1AMX A C1  1 
HETATM 1107 C  C2  . A1AMX B 2 .   ? -11.061 7.500   11.134  0.50 20.00 ? 201 A1AMX A C2  1 
HETATM 1108 C  C3  . A1AMX B 2 .   ? -10.600 6.045   10.867  0.50 20.00 ? 201 A1AMX A C3  1 
HETATM 1109 O  O1  . A1AMX B 2 .   ? -7.427  4.958   9.246   0.50 20.00 ? 201 A1AMX A O1  1 
HETATM 1110 O  O2  . A1AMX B 2 .   ? -8.387  3.556   10.762  0.50 20.00 ? 201 A1AMX A O2  1 
HETATM 1111 S  S   . A1AMX B 2 .   ? -8.624  4.657   9.778   0.50 20.00 ? 201 A1AMX A S   1 
HETATM 1112 ZN ZN  . ZN    C 3 .   ? 8.573   4.958   10.955  1.00 9.48  ? 202 ZN    A ZN  1 
HETATM 1113 S  S   . DMS   D 4 .   ? 13.990  -1.969  7.702   1.00 24.42 ? 203 DMS   A S   1 
HETATM 1114 O  O   . DMS   D 4 .   ? 15.311  -2.783  7.525   1.00 33.49 ? 203 DMS   A O   1 
HETATM 1115 C  C1  . DMS   D 4 .   ? 14.605  -0.328  8.054   1.00 22.25 ? 203 DMS   A C1  1 
HETATM 1116 C  C2  . DMS   D 4 .   ? 13.488  -1.746  6.082   1.00 20.85 ? 203 DMS   A C2  1 
HETATM 1117 S  S   . DMS   E 4 .   ? -14.206 -4.363  3.761   1.00 23.36 ? 204 DMS   A S   1 
HETATM 1118 O  O   . DMS   E 4 .   ? -14.352 -3.354  2.645   1.00 21.25 ? 204 DMS   A O   1 
HETATM 1119 C  C1  . DMS   E 4 .   ? -14.510 -3.391  5.215   1.00 22.68 ? 204 DMS   A C1  1 
HETATM 1120 C  C2  . DMS   E 4 .   ? -15.724 -5.292  3.792   1.00 21.80 ? 204 DMS   A C2  1 
HETATM 1121 S  S   . DMS   F 4 .   ? 11.728  -1.118  -8.271  1.00 57.87 ? 205 DMS   A S   1 
HETATM 1122 O  O   . DMS   F 4 .   ? 12.787  -0.810  -9.281  1.00 55.27 ? 205 DMS   A O   1 
HETATM 1123 C  C1  . DMS   F 4 .   ? 12.431  -2.384  -7.223  1.00 58.90 ? 205 DMS   A C1  1 
HETATM 1124 C  C2  . DMS   F 4 .   ? 11.828  0.209   -7.119  1.00 45.73 ? 205 DMS   A C2  1 
HETATM 1125 S  S   . DMS   G 4 .   ? 5.669   17.437  -5.390  1.00 28.05 ? 206 DMS   A S   1 
HETATM 1126 O  O   . DMS   G 4 .   ? 4.688   16.990  -6.440  1.00 26.57 ? 206 DMS   A O   1 
HETATM 1127 C  C1  . DMS   G 4 .   ? 7.255   16.909  -5.922  1.00 27.01 ? 206 DMS   A C1  1 
HETATM 1128 C  C2  . DMS   G 4 .   ? 5.890   19.167  -5.621  1.00 26.17 ? 206 DMS   A C2  1 
HETATM 1129 S  S   . DMS   H 4 .   ? -13.612 0.282   -12.067 1.00 21.44 ? 207 DMS   A S   1 
HETATM 1130 O  O   . DMS   H 4 .   ? -14.198 -0.988  -11.447 1.00 27.25 ? 207 DMS   A O   1 
HETATM 1131 C  C1  . DMS   H 4 .   ? -14.503 0.357   -13.588 1.00 23.13 ? 207 DMS   A C1  1 
HETATM 1132 C  C2  . DMS   H 4 .   ? -14.395 1.542   -11.250 1.00 18.43 ? 207 DMS   A C2  1 
HETATM 1133 S  S   . SO4   I 5 .   ? -19.441 12.045  -1.245  1.00 42.96 ? 208 SO4   A S   1 
HETATM 1134 O  O1  . SO4   I 5 .   ? -20.149 12.461  -0.056  1.00 38.55 ? 208 SO4   A O1  1 
HETATM 1135 O  O2  . SO4   I 5 .   ? -18.999 10.691  -1.070  1.00 45.85 ? 208 SO4   A O2  1 
HETATM 1136 O  O3  . SO4   I 5 .   ? -18.302 12.906  -1.454  1.00 36.09 ? 208 SO4   A O3  1 
HETATM 1137 O  O4  . SO4   I 5 .   ? -20.301 12.108  -2.394  1.00 38.91 ? 208 SO4   A O4  1 
HETATM 1138 O  O   . HOH   J 6 .   ? 0.945   5.407   -15.906 1.00 26.83 ? 301 HOH   A O   1 
HETATM 1139 O  O   . HOH   J 6 .   ? 14.003  -16.711 6.898   1.00 37.05 ? 302 HOH   A O   1 
HETATM 1140 O  O   . HOH   J 6 .   ? -18.694 12.963  3.487   1.00 37.46 ? 303 HOH   A O   1 
HETATM 1141 O  O   . HOH   J 6 .   ? 11.438  10.792  -14.524 1.00 21.88 ? 304 HOH   A O   1 
HETATM 1142 O  O   . HOH   J 6 .   ? -7.472  11.080  -6.345  1.00 11.38 ? 305 HOH   A O   1 
HETATM 1143 O  O   . HOH   J 6 .   ? 6.934   -22.445 2.756   1.00 41.41 ? 306 HOH   A O   1 
HETATM 1144 O  O   . HOH   J 6 .   ? -13.683 -3.797  -4.233  1.00 25.49 ? 307 HOH   A O   1 
HETATM 1145 O  O   . HOH   J 6 .   ? 2.904   -17.167 7.641   1.00 29.90 ? 308 HOH   A O   1 
HETATM 1146 O  O   . HOH   J 6 .   ? 11.648  -8.759  0.046   1.00 23.31 ? 309 HOH   A O   1 
HETATM 1147 O  O   . HOH   J 6 .   ? 12.968  2.315   -11.810 1.00 32.78 ? 310 HOH   A O   1 
HETATM 1148 O  O   . HOH   J 6 .   ? 9.347   0.395   -12.252 1.00 19.23 ? 311 HOH   A O   1 
HETATM 1149 O  O   . HOH   J 6 .   ? 6.165   -8.660  -6.823  1.00 28.89 ? 312 HOH   A O   1 
HETATM 1150 O  O   . HOH   J 6 .   ? 4.977   11.331  13.708  1.00 39.91 ? 313 HOH   A O   1 
HETATM 1151 O  O   . HOH   J 6 .   ? 1.023   -15.678 -2.718  1.00 26.51 ? 314 HOH   A O   1 
HETATM 1152 O  O   . HOH   J 6 .   ? -1.379  -8.285  -10.607 1.00 24.04 ? 315 HOH   A O   1 
HETATM 1153 O  O   . HOH   J 6 .   ? -7.415  -8.201  -9.498  1.00 28.35 ? 316 HOH   A O   1 
HETATM 1154 O  O   . HOH   J 6 .   ? 11.573  13.047  -13.870 1.00 24.16 ? 317 HOH   A O   1 
HETATM 1155 O  O   . HOH   J 6 .   ? 1.062   14.497  -10.675 1.00 29.12 ? 318 HOH   A O   1 
HETATM 1156 O  O   . HOH   J 6 .   ? 0.280   -15.174 -5.524  1.00 26.33 ? 319 HOH   A O   1 
HETATM 1157 O  O   . HOH   J 6 .   ? -12.611 -11.797 3.491   1.00 20.20 ? 320 HOH   A O   1 
HETATM 1158 O  O   . HOH   J 6 .   ? 0.231   7.347   12.263  1.00 15.18 ? 321 HOH   A O   1 
HETATM 1159 O  O   . HOH   J 6 .   ? -14.888 11.067  -9.396  1.00 16.11 ? 322 HOH   A O   1 
HETATM 1160 O  O   . HOH   J 6 .   ? -3.585  -0.092  -10.549 1.00 14.46 ? 323 HOH   A O   1 
HETATM 1161 O  O   . HOH   J 6 .   ? 14.182  -18.433 4.337   1.00 15.58 ? 324 HOH   A O   1 
HETATM 1162 O  O   . HOH   J 6 .   ? 8.780   -5.858  -1.954  1.00 17.96 ? 325 HOH   A O   1 
HETATM 1163 O  O   . HOH   J 6 .   ? -0.222  -4.333  -5.872  1.00 11.30 ? 326 HOH   A O   1 
HETATM 1164 O  O   . HOH   J 6 .   ? 15.138  7.317   -13.147 1.00 30.49 ? 327 HOH   A O   1 
HETATM 1165 O  O   . HOH   J 6 .   ? 0.145   -14.341 -8.128  1.00 26.69 ? 328 HOH   A O   1 
HETATM 1166 O  O   . HOH   J 6 .   ? 10.815  14.088  -11.137 1.00 23.08 ? 329 HOH   A O   1 
HETATM 1167 O  O   . HOH   J 6 .   ? -11.928 11.144  -11.364 1.00 30.23 ? 330 HOH   A O   1 
HETATM 1168 O  O   . HOH   J 6 .   ? 10.326  -10.474 5.954   1.00 15.54 ? 331 HOH   A O   1 
HETATM 1169 O  O   . HOH   J 6 .   ? -5.002  10.623  5.629   1.00 13.56 ? 332 HOH   A O   1 
HETATM 1170 O  O   . HOH   J 6 .   ? -7.876  -11.781 -9.609  1.00 18.84 ? 333 HOH   A O   1 
HETATM 1171 O  O   . HOH   J 6 .   ? -2.028  -14.854 9.618   1.00 32.35 ? 334 HOH   A O   1 
HETATM 1172 O  O   . HOH   J 6 .   ? 8.622   1.933   -14.303 1.00 19.84 ? 335 HOH   A O   1 
HETATM 1173 O  O   . HOH   J 6 .   ? -10.732 -2.890  -10.021 1.00 17.53 ? 336 HOH   A O   1 
HETATM 1174 O  O   . HOH   J 6 .   ? 13.872  -6.008  5.818   1.00 17.31 ? 337 HOH   A O   1 
HETATM 1175 O  O   . HOH   J 6 .   ? -0.531  -8.440  -8.735  1.00 31.20 ? 338 HOH   A O   1 
HETATM 1176 O  O   . HOH   J 6 .   ? -18.750 4.174   -5.054  1.00 19.51 ? 339 HOH   A O   1 
HETATM 1177 O  O   . HOH   J 6 .   ? 8.553   14.845  -3.028  1.00 17.63 ? 340 HOH   A O   1 
HETATM 1178 O  O   . HOH   J 6 .   ? -13.574 -6.739  1.416   1.00 18.14 ? 341 HOH   A O   1 
HETATM 1179 O  O   . HOH   J 6 .   ? -10.964 13.910  -2.064  1.00 17.16 ? 342 HOH   A O   1 
HETATM 1180 O  O   . HOH   J 6 .   ? 12.412  -1.710  11.959  1.00 19.97 ? 343 HOH   A O   1 
HETATM 1181 O  O   . HOH   J 6 .   ? -16.085 -1.813  -1.297  1.00 23.76 ? 344 HOH   A O   1 
HETATM 1182 O  O   . HOH   J 6 .   ? 6.972   -16.925 8.416   1.00 35.73 ? 345 HOH   A O   1 
HETATM 1183 O  O   . HOH   J 6 .   ? 8.864   -10.349 12.785  1.00 45.36 ? 346 HOH   A O   1 
HETATM 1184 O  O   . HOH   J 6 .   ? -11.693 -1.418  7.059   1.00 39.87 ? 347 HOH   A O   1 
HETATM 1185 O  O   . HOH   J 6 .   ? 0.808   4.673   12.551  1.00 11.56 ? 348 HOH   A O   1 
HETATM 1186 O  O   . HOH   J 6 .   ? 5.794   0.204   -8.413  1.00 15.29 ? 349 HOH   A O   1 
HETATM 1187 O  O   . HOH   J 6 .   ? -10.017 -16.423 -8.476  1.00 18.72 ? 350 HOH   A O   1 
HETATM 1188 O  O   . HOH   J 6 .   ? 5.063   2.950   -8.073  1.00 10.06 ? 351 HOH   A O   1 
HETATM 1189 O  O   . HOH   J 6 .   ? -0.835  2.848   11.417  1.00 11.32 ? 352 HOH   A O   1 
HETATM 1190 O  O   . HOH   J 6 .   ? -16.238 2.702   0.090   1.00 24.52 ? 353 HOH   A O   1 
HETATM 1191 O  O   . HOH   J 6 .   ? 8.164   -14.153 -0.364  1.00 16.28 ? 354 HOH   A O   1 
HETATM 1192 O  O   . HOH   J 6 .   ? 3.404   15.828  0.920   1.00 10.15 ? 355 HOH   A O   1 
HETATM 1193 O  O   . HOH   J 6 .   ? 6.090   16.401  -1.991  1.00 17.22 ? 356 HOH   A O   1 
HETATM 1194 O  O   . HOH   J 6 .   ? -4.064  2.190   9.528   1.00 15.33 ? 357 HOH   A O   1 
HETATM 1195 O  O   . HOH   J 6 .   ? 12.267  -18.881 2.566   1.00 21.95 ? 358 HOH   A O   1 
HETATM 1196 O  O   . HOH   J 6 .   ? 13.974  4.123   5.157   1.00 23.65 ? 359 HOH   A O   1 
HETATM 1197 O  O   . HOH   J 6 .   ? -2.186  -12.169 15.815  1.00 42.71 ? 360 HOH   A O   1 
HETATM 1198 O  O   . HOH   J 6 .   ? 10.388  1.100   -16.060 1.00 22.25 ? 361 HOH   A O   1 
HETATM 1199 O  O   . HOH   J 6 .   ? 4.917   -15.343 7.922   1.00 25.68 ? 362 HOH   A O   1 
HETATM 1200 O  O   . HOH   J 6 .   ? 5.499   -13.178 9.224   1.00 35.16 ? 363 HOH   A O   1 
HETATM 1201 O  O   . HOH   J 6 .   ? 12.724  -3.493  1.878   1.00 27.45 ? 364 HOH   A O   1 
HETATM 1202 O  O   . HOH   J 6 .   ? -9.105  -8.766  -6.859  1.00 20.94 ? 365 HOH   A O   1 
HETATM 1203 O  O   . HOH   J 6 .   ? -0.773  12.335  -8.561  1.00 15.08 ? 366 HOH   A O   1 
HETATM 1204 O  O   . HOH   J 6 .   ? -12.125 1.984   -16.052 1.00 33.79 ? 367 HOH   A O   1 
HETATM 1205 O  O   . HOH   J 6 .   ? -5.974  2.128   2.114   1.00 13.44 ? 368 HOH   A O   1 
HETATM 1206 O  O   . HOH   J 6 .   ? -11.884 15.305  -4.225  1.00 14.92 ? 369 HOH   A O   1 
HETATM 1207 O  O   . HOH   J 6 .   ? 0.394   -1.926  -12.358 1.00 19.89 ? 370 HOH   A O   1 
HETATM 1208 O  O   . HOH   J 6 .   ? -10.506 -4.732  -5.207  1.00 15.92 ? 371 HOH   A O   1 
HETATM 1209 O  O   . HOH   J 6 .   ? 6.994   -12.834 1.662   1.00 15.15 ? 372 HOH   A O   1 
HETATM 1210 O  O   . HOH   J 6 .   ? -6.019  0.456   12.567  1.00 21.84 ? 373 HOH   A O   1 
HETATM 1211 O  O   . HOH   J 6 .   ? -5.458  17.537  -4.649  1.00 15.84 ? 374 HOH   A O   1 
HETATM 1212 O  O   . HOH   J 6 .   ? -6.000  -3.407  12.058  1.00 21.33 ? 375 HOH   A O   1 
HETATM 1213 O  O   . HOH   J 6 .   ? 7.983   -6.917  9.791   1.00 15.89 ? 376 HOH   A O   1 
HETATM 1214 O  O   . HOH   J 6 .   ? -8.605  9.233   -7.586  1.00 15.18 ? 377 HOH   A O   1 
HETATM 1215 O  O   . HOH   J 6 .   ? 16.419  2.782   8.787   1.00 18.48 ? 378 HOH   A O   1 
HETATM 1216 O  O   . HOH   J 6 .   ? 1.359   8.321   9.969   1.00 13.96 ? 379 HOH   A O   1 
HETATM 1217 O  O   . HOH   J 6 .   ? -6.459  -16.211 7.361   1.00 27.94 ? 380 HOH   A O   1 
HETATM 1218 O  O   . HOH   J 6 .   ? -5.984  12.725  -5.214  1.00 14.49 ? 381 HOH   A O   1 
HETATM 1219 O  O   . HOH   J 6 .   ? 5.922   -5.232  -9.962  1.00 32.18 ? 382 HOH   A O   1 
HETATM 1220 O  O   . HOH   J 6 .   ? -8.508  -19.166 -0.780  1.00 22.60 ? 383 HOH   A O   1 
HETATM 1221 O  O   . HOH   J 6 .   ? 1.917   17.242  -7.052  1.00 14.55 ? 384 HOH   A O   1 
HETATM 1222 O  O   . HOH   J 6 .   ? -8.057  -3.648  -11.275 1.00 30.81 ? 385 HOH   A O   1 
HETATM 1223 O  O   . HOH   J 6 .   ? 2.364   0.475   13.956  1.00 10.71 ? 386 HOH   A O   1 
HETATM 1224 O  O   . HOH   J 6 .   ? -4.701  0.196   4.237   1.00 10.64 ? 387 HOH   A O   1 
HETATM 1225 O  O   . HOH   J 6 .   ? -7.679  3.124   -4.634  1.00 12.54 ? 388 HOH   A O   1 
HETATM 1226 O  O   . HOH   J 6 .   ? -14.175 4.111   -12.316 1.00 23.24 ? 389 HOH   A O   1 
HETATM 1227 O  O   . HOH   J 6 .   ? -7.391  6.747   -13.228 1.00 22.49 ? 390 HOH   A O   1 
HETATM 1228 O  O   . HOH   J 6 .   ? -1.069  3.680   -15.294 1.00 17.96 ? 391 HOH   A O   1 
HETATM 1229 O  O   . HOH   J 6 .   ? 6.570   -3.054  -4.236  1.00 18.41 ? 392 HOH   A O   1 
HETATM 1230 O  O   . HOH   J 6 .   ? -7.161  -21.369 0.226   1.00 25.14 ? 393 HOH   A O   1 
HETATM 1231 O  O   . HOH   J 6 .   ? -2.241  11.348  -11.807 1.00 26.42 ? 394 HOH   A O   1 
HETATM 1232 O  O   . HOH   J 6 .   ? 12.278  -13.444 5.972   1.00 23.92 ? 395 HOH   A O   1 
HETATM 1233 O  O   . HOH   J 6 .   ? 1.332   7.505   18.597  1.00 24.84 ? 396 HOH   A O   1 
HETATM 1234 O  O   . HOH   J 6 .   ? 15.133  7.641   -7.169  1.00 24.38 ? 397 HOH   A O   1 
HETATM 1235 O  O   . HOH   J 6 .   ? -11.393 5.713   -6.229  1.00 13.26 ? 398 HOH   A O   1 
HETATM 1236 O  O   . HOH   J 6 .   ? 10.343  3.274   -1.360  1.00 15.78 ? 399 HOH   A O   1 
HETATM 1237 O  O   . HOH   J 6 .   ? -14.585 -9.666  -0.652  1.00 17.95 ? 400 HOH   A O   1 
HETATM 1238 O  O   . HOH   J 6 .   ? -4.492  6.628   12.005  0.26 30.35 ? 401 HOH   A O   1 
HETATM 1239 O  O   . HOH   J 6 .   ? 2.895   11.700  -16.267 1.00 16.10 ? 402 HOH   A O   1 
HETATM 1240 O  O   . HOH   J 6 .   ? 13.681  12.356  -5.545  1.00 20.74 ? 403 HOH   A O   1 
HETATM 1241 O  O   . HOH   J 6 .   ? -9.358  14.805  -5.577  1.00 15.36 ? 404 HOH   A O   1 
HETATM 1242 O  O   . HOH   J 6 .   ? -10.761 4.400   -3.879  1.00 17.56 ? 405 HOH   A O   1 
HETATM 1243 O  O   . HOH   J 6 .   ? 6.758   6.437   15.972  1.00 15.29 ? 406 HOH   A O   1 
HETATM 1244 O  O   . HOH   J 6 .   ? 1.519   -17.474 5.219   1.00 24.11 ? 407 HOH   A O   1 
HETATM 1245 O  O   . HOH   J 6 .   ? 4.869   -13.044 -6.376  1.00 31.90 ? 408 HOH   A O   1 
HETATM 1246 O  O   . HOH   J 6 .   ? 2.690   8.966   -17.882 1.00 13.67 ? 409 HOH   A O   1 
HETATM 1247 O  O   . HOH   J 6 .   ? 10.986  12.247  3.718   1.00 27.12 ? 410 HOH   A O   1 
HETATM 1248 O  O   . HOH   J 6 .   ? -5.530  10.012  11.120  0.50 30.00 ? 411 HOH   A O   1 
HETATM 1249 O  O   . HOH   J 6 .   ? -2.404  13.360  9.882   1.00 16.24 ? 412 HOH   A O   1 
HETATM 1250 O  O   . HOH   J 6 .   ? -5.203  -23.110 -3.285  1.00 25.63 ? 413 HOH   A O   1 
HETATM 1251 O  O   . HOH   J 6 .   ? -5.388  14.352  -12.056 1.00 31.17 ? 414 HOH   A O   1 
HETATM 1252 O  O   . HOH   J 6 .   ? -6.356  -7.249  10.378  1.00 25.78 ? 415 HOH   A O   1 
HETATM 1253 O  O   . HOH   J 6 .   ? 13.238  0.470   4.169   1.00 30.10 ? 416 HOH   A O   1 
HETATM 1254 O  O   . HOH   J 6 .   ? 7.507   11.763  11.141  1.00 22.88 ? 417 HOH   A O   1 
HETATM 1255 O  O   . HOH   J 6 .   ? 9.941   16.301  0.314   1.00 37.80 ? 418 HOH   A O   1 
HETATM 1256 O  O   . HOH   J 6 .   ? -6.389  10.307  -3.834  1.00 14.94 ? 419 HOH   A O   1 
HETATM 1257 O  O   . HOH   J 6 .   ? 6.760   14.437  -11.642 1.00 21.21 ? 420 HOH   A O   1 
HETATM 1258 O  O   . HOH   J 6 .   ? 11.608  -3.135  -0.905  1.00 22.96 ? 421 HOH   A O   1 
HETATM 1259 O  O   . HOH   J 6 .   ? -8.378  11.675  -2.271  1.00 14.38 ? 422 HOH   A O   1 
HETATM 1260 O  O   . HOH   J 6 .   ? -2.818  -16.408 -10.646 1.00 18.29 ? 423 HOH   A O   1 
HETATM 1261 O  O   . HOH   J 6 .   ? 7.276   -17.702 -2.680  1.00 23.93 ? 424 HOH   A O   1 
HETATM 1262 O  O   . HOH   J 6 .   ? -8.705  4.738   -6.807  1.00 13.39 ? 425 HOH   A O   1 
HETATM 1263 O  O   . HOH   J 6 .   ? -8.308  9.662   -10.273 1.00 21.26 ? 426 HOH   A O   1 
HETATM 1264 O  O   . HOH   J 6 .   ? 9.198   -0.289  14.190  1.00 12.87 ? 427 HOH   A O   1 
HETATM 1265 O  O   . HOH   J 6 .   ? 12.025  -3.398  4.824   1.00 20.86 ? 428 HOH   A O   1 
HETATM 1266 O  O   . HOH   J 6 .   ? -0.757  14.658  12.094  1.00 29.27 ? 429 HOH   A O   1 
HETATM 1267 O  O   . HOH   J 6 .   ? 4.645   -0.492  -11.726 1.00 22.77 ? 430 HOH   A O   1 
HETATM 1268 O  O   . HOH   J 6 .   ? 6.435   13.796  -4.395  1.00 13.89 ? 431 HOH   A O   1 
HETATM 1269 O  O   . HOH   J 6 .   ? -12.934 -7.340  4.962   1.00 37.85 ? 432 HOH   A O   1 
HETATM 1270 O  O   . HOH   J 6 .   ? 14.523  -5.244  10.011  1.00 38.56 ? 433 HOH   A O   1 
HETATM 1271 O  O   . HOH   J 6 .   ? -4.967  -13.601 -12.131 1.00 20.05 ? 434 HOH   A O   1 
HETATM 1272 O  O   . HOH   J 6 .   ? 6.235   12.885  -6.972  1.00 11.54 ? 435 HOH   A O   1 
HETATM 1273 O  O   . HOH   J 6 .   ? -9.268  11.951  -4.971  1.00 13.47 ? 436 HOH   A O   1 
HETATM 1274 O  O   . HOH   J 6 .   ? 2.623   -7.793  -7.713  1.00 20.39 ? 437 HOH   A O   1 
HETATM 1275 O  O   . HOH   J 6 .   ? -9.041  -3.063  8.740   1.00 21.93 ? 438 HOH   A O   1 
HETATM 1276 O  O   . HOH   J 6 .   ? 11.320  -10.379 -0.918  1.00 17.78 ? 439 HOH   A O   1 
HETATM 1277 O  O   . HOH   J 6 .   ? 4.632   -18.396 -3.262  1.00 26.65 ? 440 HOH   A O   1 
HETATM 1278 O  O   . HOH   J 6 .   ? 0.871   -5.625  -8.115  1.00 14.18 ? 441 HOH   A O   1 
HETATM 1279 O  O   . HOH   J 6 .   ? 8.618   -0.133  -4.429  1.00 16.65 ? 442 HOH   A O   1 
HETATM 1280 O  O   . HOH   J 6 .   ? -10.948 15.058  -9.588  1.00 35.62 ? 443 HOH   A O   1 
HETATM 1281 O  O   . HOH   J 6 .   ? -1.712  13.908  -10.475 1.00 19.84 ? 444 HOH   A O   1 
HETATM 1282 O  O   . HOH   J 6 .   ? -17.884 4.855   -0.410  1.00 20.42 ? 445 HOH   A O   1 
HETATM 1283 O  O   . HOH   J 6 .   ? 11.329  5.871   16.677  1.00 31.74 ? 446 HOH   A O   1 
HETATM 1284 O  O   . HOH   J 6 .   ? 6.135   16.062  0.775   1.00 15.52 ? 447 HOH   A O   1 
HETATM 1285 O  O   . HOH   J 6 .   ? -8.330  -18.759 1.872   1.00 30.85 ? 448 HOH   A O   1 
HETATM 1286 O  O   . HOH   J 6 .   ? -2.796  5.621   -8.500  1.00 16.14 ? 449 HOH   A O   1 
HETATM 1287 O  O   . HOH   J 6 .   ? -10.423 -11.165 5.108   1.00 17.18 ? 450 HOH   A O   1 
HETATM 1288 O  O   . HOH   J 6 .   ? 11.500  8.131   8.011   1.00 20.60 ? 451 HOH   A O   1 
HETATM 1289 O  O   . HOH   J 6 .   ? 3.620   -7.616  15.779  1.00 23.11 ? 452 HOH   A O   1 
HETATM 1290 O  O   . HOH   J 6 .   ? 5.949   7.729   18.251  1.00 24.99 ? 453 HOH   A O   1 
HETATM 1291 O  O   . HOH   J 6 .   ? 9.160   -20.513 4.489   1.00 30.60 ? 454 HOH   A O   1 
HETATM 1292 O  O   . HOH   J 6 .   ? -19.618 8.046   -5.321  1.00 29.05 ? 455 HOH   A O   1 
HETATM 1293 O  O   . HOH   J 6 .   ? -6.933  6.943   -7.369  1.00 11.80 ? 456 HOH   A O   1 
HETATM 1294 O  O   . HOH   J 6 .   ? 7.052   -6.194  -5.896  1.00 20.07 ? 457 HOH   A O   1 
HETATM 1295 O  O   . HOH   J 6 .   ? 10.632  -13.864 7.951   1.00 26.12 ? 458 HOH   A O   1 
HETATM 1296 O  O   . HOH   J 6 .   ? -3.226  -6.094  14.320  1.00 18.46 ? 459 HOH   A O   1 
HETATM 1297 O  O   . HOH   J 6 .   ? -9.230  -12.834 7.014   1.00 36.94 ? 460 HOH   A O   1 
HETATM 1298 O  O   . HOH   J 6 .   ? -3.302  4.805   -16.551 1.00 22.12 ? 461 HOH   A O   1 
HETATM 1299 O  O   . HOH   J 6 .   ? 0.885   -9.640  -9.532  1.00 26.59 ? 462 HOH   A O   1 
HETATM 1300 O  O   . HOH   J 6 .   ? 11.293  0.711   -3.512  1.00 16.68 ? 463 HOH   A O   1 
HETATM 1301 O  O   . HOH   J 6 .   ? 13.317  9.715   9.558   1.00 35.81 ? 464 HOH   A O   1 
HETATM 1302 O  O   . HOH   J 6 .   ? 9.537   15.174  3.698   1.00 31.19 ? 465 HOH   A O   1 
HETATM 1303 O  O   . HOH   J 6 .   ? -8.844  -1.159  -14.549 1.00 37.35 ? 466 HOH   A O   1 
HETATM 1304 O  O   . HOH   J 6 .   ? 12.138  -0.204  -18.222 1.00 29.52 ? 467 HOH   A O   1 
HETATM 1305 O  O   . HOH   J 6 .   ? 1.496   -20.621 -0.380  1.00 41.90 ? 468 HOH   A O   1 
HETATM 1306 O  O   . HOH   J 6 .   ? -2.425  0.417   -14.685 1.00 26.22 ? 469 HOH   A O   1 
HETATM 1307 O  O   . HOH   J 6 .   ? -5.099  -0.540  -12.791 1.00 32.69 ? 470 HOH   A O   1 
HETATM 1308 O  O   . HOH   J 6 .   ? -8.126  12.664  -7.918  1.00 21.32 ? 471 HOH   A O   1 
HETATM 1309 O  O   . HOH   J 6 .   ? -7.009  -22.943 -7.593  1.00 28.41 ? 472 HOH   A O   1 
HETATM 1310 O  O   . HOH   J 6 .   ? -5.350  12.087  9.496   1.00 32.80 ? 473 HOH   A O   1 
HETATM 1311 O  O   . HOH   J 6 .   ? -5.221  6.593   -9.558  1.00 18.31 ? 474 HOH   A O   1 
HETATM 1312 O  O   . HOH   J 6 .   ? -16.396 0.815   -1.967  1.00 21.42 ? 475 HOH   A O   1 
HETATM 1313 O  O   . HOH   J 6 .   ? 10.784  -20.902 3.342   1.00 26.99 ? 476 HOH   A O   1 
HETATM 1314 O  O   . HOH   J 6 .   ? 2.751   16.041  -9.192  1.00 24.96 ? 477 HOH   A O   1 
HETATM 1315 O  O   . HOH   J 6 .   ? -5.041  -5.822  12.394  1.00 21.76 ? 478 HOH   A O   1 
HETATM 1316 O  O   . HOH   J 6 .   ? -15.041 2.871   3.574   1.00 39.70 ? 479 HOH   A O   1 
HETATM 1317 O  O   . HOH   J 6 .   ? -2.541  7.524   -16.360 1.00 26.41 ? 480 HOH   A O   1 
HETATM 1318 O  O   . HOH   J 6 .   ? 15.785  5.523   -8.895  1.00 21.08 ? 481 HOH   A O   1 
HETATM 1319 O  O   . HOH   J 6 .   ? 8.097   8.234   14.333  1.00 18.35 ? 482 HOH   A O   1 
HETATM 1320 O  O   . HOH   J 6 .   ? -1.012  -9.265  16.778  1.00 28.75 ? 483 HOH   A O   1 
HETATM 1321 O  O   . HOH   J 6 .   ? 15.457  3.454   -18.136 1.00 29.26 ? 484 HOH   A O   1 
HETATM 1322 O  O   . HOH   J 6 .   ? -14.473 2.026   5.899   1.00 32.15 ? 485 HOH   A O   1 
HETATM 1323 O  O   . HOH   J 6 .   ? 1.723   -12.138 -9.626  1.00 37.96 ? 486 HOH   A O   1 
HETATM 1324 O  O   . HOH   J 6 .   ? -2.121  -1.120  -12.751 1.00 34.67 ? 487 HOH   A O   1 
HETATM 1325 O  O   . HOH   J 6 .   ? 6.968   14.666  -8.995  1.00 21.15 ? 488 HOH   A O   1 
HETATM 1326 O  O   . HOH   J 6 .   ? -8.131  -5.402  9.894   1.00 45.26 ? 489 HOH   A O   1 
HETATM 1327 O  O   . HOH   J 6 .   ? 11.026  -21.784 -0.588  1.00 37.98 ? 490 HOH   A O   1 
HETATM 1328 O  O   . HOH   J 6 .   ? -3.109  -8.522  15.243  1.00 22.89 ? 491 HOH   A O   1 
HETATM 1329 O  O   . HOH   J 6 .   ? 10.327  -12.825 -1.805  1.00 19.89 ? 492 HOH   A O   1 
HETATM 1330 O  O   . HOH   J 6 .   ? 7.206   10.814  14.280  1.00 36.89 ? 493 HOH   A O   1 
HETATM 1331 O  O   . HOH   J 6 .   ? 14.703  1.019   -18.442 1.00 46.46 ? 494 HOH   A O   1 
HETATM 1332 O  O   . HOH   J 6 .   ? -5.469  -8.184  -11.955 1.00 49.74 ? 495 HOH   A O   1 
HETATM 1333 O  O   . HOH   J 6 .   ? -2.558  18.472  -11.045 1.00 42.55 ? 496 HOH   A O   1 
HETATM 1334 O  O   . HOH   J 6 .   ? -21.273 14.259  3.258   1.00 39.59 ? 497 HOH   A O   1 
HETATM 1335 O  O   . HOH   J 6 .   ? -3.578  3.898   11.569  0.26 23.64 ? 498 HOH   A O   1 
HETATM 1336 O  O   . HOH   J 6 .   ? 16.940  -6.181  8.877   1.00 24.37 ? 499 HOH   A O   1 
HETATM 1337 O  O   . HOH   J 6 .   ? -7.808  -9.377  10.949  1.00 33.39 ? 500 HOH   A O   1 
HETATM 1338 O  O   . HOH   J 6 .   ? -19.682 4.856   -2.553  1.00 22.69 ? 501 HOH   A O   1 
HETATM 1339 O  O   . HOH   J 6 .   ? -4.647  10.147  -12.712 1.00 29.26 ? 502 HOH   A O   1 
HETATM 1340 O  O   . HOH   J 6 .   ? -6.112  8.310   -11.293 1.00 22.54 ? 503 HOH   A O   1 
HETATM 1341 O  O   . HOH   J 6 .   ? -2.781  -9.359  -12.721 1.00 40.57 ? 504 HOH   A O   1 
HETATM 1342 O  O   . HOH   J 6 .   ? 4.778   -14.540 -3.999  1.00 31.11 ? 505 HOH   A O   1 
HETATM 1343 O  O   . HOH   J 6 .   ? -2.522  7.101   13.098  1.00 23.89 ? 506 HOH   A O   1 
HETATM 1344 O  O   . HOH   J 6 .   ? 7.224   -14.937 -2.884  1.00 23.38 ? 507 HOH   A O   1 
HETATM 1345 O  O   . HOH   J 6 .   ? 16.303  -4.665  3.845   1.00 21.37 ? 508 HOH   A O   1 
HETATM 1346 O  O   . HOH   J 6 .   ? -3.874  -1.746  -17.868 1.00 39.70 ? 509 HOH   A O   1 
HETATM 1347 O  O   . HOH   J 6 .   ? -2.204  -14.217 12.257  1.00 34.15 ? 510 HOH   A O   1 
HETATM 1348 O  O   . HOH   J 6 .   ? -7.022  15.227  -4.127  1.00 14.79 ? 511 HOH   A O   1 
HETATM 1349 O  O   . HOH   J 6 .   ? -8.214  14.479  -1.680  1.00 12.53 ? 512 HOH   A O   1 
HETATM 1350 O  O   . HOH   J 6 .   ? 10.537  8.331   15.637  1.00 33.76 ? 513 HOH   A O   1 
HETATM 1351 O  O   . HOH   J 6 .   ? -8.378  12.189  -10.736 1.00 32.59 ? 514 HOH   A O   1 
HETATM 1352 O  O   . HOH   J 6 .   ? 9.292   16.277  -8.889  1.00 27.05 ? 515 HOH   A O   1 
HETATM 1353 O  O   . HOH   J 6 .   ? -6.399  12.315  -12.676 1.00 34.40 ? 516 HOH   A O   1 
HETATM 1354 O  O   . HOH   J 6 .   ? -14.239 11.747  -11.873 1.00 34.97 ? 517 HOH   A O   1 
HETATM 1355 O  O   . HOH   J 6 .   ? 14.596  7.699   -15.818 1.00 24.62 ? 518 HOH   A O   1 
HETATM 1356 O  O   . HOH   J 6 .   ? 15.291  -20.909 4.952   1.00 23.30 ? 519 HOH   A O   1 
HETATM 1357 O  O   . HOH   J 6 .   ? 0.091   -6.042  -10.734 1.00 20.81 ? 520 HOH   A O   1 
HETATM 1358 O  O   . HOH   J 6 .   ? 16.033  4.725   -14.629 1.00 43.57 ? 521 HOH   A O   1 
HETATM 1359 O  O   . HOH   J 6 .   ? 10.712  15.943  -4.429  1.00 27.94 ? 522 HOH   A O   1 
HETATM 1360 O  O   . HOH   J 6 .   ? -1.130  -18.358 5.739   1.00 35.48 ? 523 HOH   A O   1 
HETATM 1361 O  O   . HOH   J 6 .   ? -10.795 13.259  -11.194 1.00 35.79 ? 524 HOH   A O   1 
HETATM 1362 O  O   . HOH   J 6 .   ? -3.881  -13.045 14.168  1.00 36.93 ? 525 HOH   A O   1 
HETATM 1363 O  O   . HOH   J 6 .   ? 17.503  3.035   13.337  1.00 41.70 ? 526 HOH   A O   1 
HETATM 1364 O  O   . HOH   J 6 .   ? -0.597  -4.336  -12.986 1.00 26.89 ? 527 HOH   A O   1 
HETATM 1365 O  O   . HOH   J 6 .   ? -6.050  -24.135 -5.361  1.00 29.81 ? 528 HOH   A O   1 
HETATM 1366 O  O   . HOH   J 6 .   ? 12.931  14.743  -4.966  1.00 35.14 ? 529 HOH   A O   1 
HETATM 1367 O  O   . HOH   J 6 .   ? -4.849  -10.393 14.748  1.00 31.12 ? 530 HOH   A O   1 
HETATM 1368 O  O   . HOH   J 6 .   ? 14.718  -22.058 6.995   1.00 49.01 ? 531 HOH   A O   1 
HETATM 1369 O  O   . HOH   J 6 .   ? -18.074 7.782   5.233   1.00 40.28 ? 532 HOH   A O   1 
HETATM 1370 O  O   . HOH   J 6 .   ? 13.105  14.684  -7.415  1.00 38.96 ? 533 HOH   A O   1 
HETATM 1371 O  O   . HOH   J 6 .   ? -17.759 5.662   4.411   1.00 37.50 ? 534 HOH   A O   1 
HETATM 1372 O  O   . HOH   J 6 .   ? -2.830  -3.542  -14.040 1.00 31.16 ? 535 HOH   A O   1 
HETATM 1373 O  O   . HOH   J 6 .   ? -18.307 6.499   8.212   1.00 41.98 ? 536 HOH   A O   1 
# 
